data_1NPK
# 
_entry.id   1NPK 
# 
_audit_conform.dict_name       mmcif_pdbx.dic 
_audit_conform.dict_version    5.386 
_audit_conform.dict_location   http://mmcif.pdb.org/dictionaries/ascii/mmcif_pdbx.dic 
# 
loop_
_database_2.database_id 
_database_2.database_code 
_database_2.pdbx_database_accession 
_database_2.pdbx_DOI 
PDB   1NPK         pdb_00001npk 10.2210/pdb1npk/pdb 
WWPDB D_1000175362 ?            ?                   
# 
loop_
_pdbx_audit_revision_history.ordinal 
_pdbx_audit_revision_history.data_content_type 
_pdbx_audit_revision_history.major_revision 
_pdbx_audit_revision_history.minor_revision 
_pdbx_audit_revision_history.revision_date 
1 'Structure model' 1 0 1994-11-01 
2 'Structure model' 1 1 2008-03-24 
3 'Structure model' 1 2 2011-07-13 
4 'Structure model' 1 3 2024-02-14 
# 
_pdbx_audit_revision_details.ordinal             1 
_pdbx_audit_revision_details.revision_ordinal    1 
_pdbx_audit_revision_details.data_content_type   'Structure model' 
_pdbx_audit_revision_details.provider            repository 
_pdbx_audit_revision_details.type                'Initial release' 
_pdbx_audit_revision_details.description         ? 
_pdbx_audit_revision_details.details             ? 
# 
loop_
_pdbx_audit_revision_group.ordinal 
_pdbx_audit_revision_group.revision_ordinal 
_pdbx_audit_revision_group.data_content_type 
_pdbx_audit_revision_group.group 
1 2 'Structure model' 'Version format compliance' 
2 3 'Structure model' 'Derived calculations'      
3 3 'Structure model' 'Version format compliance' 
4 4 'Structure model' 'Data collection'           
5 4 'Structure model' 'Database references'       
6 4 'Structure model' Other                       
# 
loop_
_pdbx_audit_revision_category.ordinal 
_pdbx_audit_revision_category.revision_ordinal 
_pdbx_audit_revision_category.data_content_type 
_pdbx_audit_revision_category.category 
1 4 'Structure model' chem_comp_atom       
2 4 'Structure model' chem_comp_bond       
3 4 'Structure model' database_2           
4 4 'Structure model' pdbx_database_status 
# 
loop_
_pdbx_audit_revision_item.ordinal 
_pdbx_audit_revision_item.revision_ordinal 
_pdbx_audit_revision_item.data_content_type 
_pdbx_audit_revision_item.item 
1 4 'Structure model' '_database_2.pdbx_DOI'                
2 4 'Structure model' '_database_2.pdbx_database_accession' 
3 4 'Structure model' '_pdbx_database_status.process_site'  
# 
_pdbx_database_status.status_code                     REL 
_pdbx_database_status.entry_id                        1NPK 
_pdbx_database_status.recvd_initial_deposition_date   1994-07-27 
_pdbx_database_status.deposit_site                    ? 
_pdbx_database_status.process_site                    BNL 
_pdbx_database_status.SG_entry                        . 
_pdbx_database_status.pdb_format_compatible           Y 
_pdbx_database_status.status_code_mr                  ? 
_pdbx_database_status.status_code_sf                  ? 
_pdbx_database_status.status_code_cs                  ? 
_pdbx_database_status.status_code_nmr_data            ? 
_pdbx_database_status.methods_development_category    ? 
# 
loop_
_audit_author.name 
_audit_author.pdbx_ordinal 
'Janin, J.'  1 
'Morera, S.' 2 
'Lebras, G.' 3 
'Lascu, I.'  4 
'Veron, M.'  5 
# 
_citation.id                        primary 
_citation.title                     
'Refined X-ray structure of Dictyostelium discoideum nucleoside diphosphate kinase at 1.8 A resolution.' 
_citation.journal_abbrev            J.Mol.Biol. 
_citation.journal_volume            243 
_citation.page_first                873 
_citation.page_last                 890 
_citation.year                      1994 
_citation.journal_id_ASTM           JMOBAK 
_citation.country                   UK 
_citation.journal_id_ISSN           0022-2836 
_citation.journal_id_CSD            0070 
_citation.book_publisher            ? 
_citation.pdbx_database_id_PubMed   7966307 
_citation.pdbx_database_id_DOI      10.1006/jmbi.1994.1689 
# 
loop_
_citation_author.citation_id 
_citation_author.name 
_citation_author.ordinal 
_citation_author.identifier_ORCID 
primary 'Morera, S.'    1 ? 
primary 'LeBras, G.'    2 ? 
primary 'Lascu, I.'     3 ? 
primary 'Lacombe, M.L.' 4 ? 
primary 'Veron, M.'     5 ? 
primary 'Janin, J.'     6 ? 
# 
loop_
_entity.id 
_entity.type 
_entity.src_method 
_entity.pdbx_description 
_entity.formula_weight 
_entity.pdbx_number_of_molecules 
_entity.pdbx_ec 
_entity.pdbx_mutation 
_entity.pdbx_fragment 
_entity.details 
1 polymer man 'NUCLEOSIDE DIPHOSPHATE KINASE' 16685.139 1  2.7.4.6 ? ? ? 
2 water   nat water                           18.015    95 ?       ? ? ? 
# 
_entity_poly.entity_id                      1 
_entity_poly.type                           'polypeptide(L)' 
_entity_poly.nstd_linkage                   no 
_entity_poly.nstd_monomer                   no 
_entity_poly.pdbx_seq_one_letter_code       
;STNKVNKERTFLAVKPDGVARGLVGEIIARYEKKGFVLVGLKQLVPTKDLAESHYAEHKERPFFGGLVSFITSGPVVAMV
FEGKGVVASARLMIGVTNPLASAPGSIRGDFGVDVGRNIIHGSDSVESANREIALWFKPEELLTEVKPNPNLYE
;
_entity_poly.pdbx_seq_one_letter_code_can   
;STNKVNKERTFLAVKPDGVARGLVGEIIARYEKKGFVLVGLKQLVPTKDLAESHYAEHKERPFFGGLVSFITSGPVVAMV
FEGKGVVASARLMIGVTNPLASAPGSIRGDFGVDVGRNIIHGSDSVESANREIALWFKPEELLTEVKPNPNLYE
;
_entity_poly.pdbx_strand_id                 A 
_entity_poly.pdbx_target_identifier         ? 
# 
_pdbx_entity_nonpoly.entity_id   2 
_pdbx_entity_nonpoly.name        water 
_pdbx_entity_nonpoly.comp_id     HOH 
# 
loop_
_entity_poly_seq.entity_id 
_entity_poly_seq.num 
_entity_poly_seq.mon_id 
_entity_poly_seq.hetero 
1 1   SER n 
1 2   THR n 
1 3   ASN n 
1 4   LYS n 
1 5   VAL n 
1 6   ASN n 
1 7   LYS n 
1 8   GLU n 
1 9   ARG n 
1 10  THR n 
1 11  PHE n 
1 12  LEU n 
1 13  ALA n 
1 14  VAL n 
1 15  LYS n 
1 16  PRO n 
1 17  ASP n 
1 18  GLY n 
1 19  VAL n 
1 20  ALA n 
1 21  ARG n 
1 22  GLY n 
1 23  LEU n 
1 24  VAL n 
1 25  GLY n 
1 26  GLU n 
1 27  ILE n 
1 28  ILE n 
1 29  ALA n 
1 30  ARG n 
1 31  TYR n 
1 32  GLU n 
1 33  LYS n 
1 34  LYS n 
1 35  GLY n 
1 36  PHE n 
1 37  VAL n 
1 38  LEU n 
1 39  VAL n 
1 40  GLY n 
1 41  LEU n 
1 42  LYS n 
1 43  GLN n 
1 44  LEU n 
1 45  VAL n 
1 46  PRO n 
1 47  THR n 
1 48  LYS n 
1 49  ASP n 
1 50  LEU n 
1 51  ALA n 
1 52  GLU n 
1 53  SER n 
1 54  HIS n 
1 55  TYR n 
1 56  ALA n 
1 57  GLU n 
1 58  HIS n 
1 59  LYS n 
1 60  GLU n 
1 61  ARG n 
1 62  PRO n 
1 63  PHE n 
1 64  PHE n 
1 65  GLY n 
1 66  GLY n 
1 67  LEU n 
1 68  VAL n 
1 69  SER n 
1 70  PHE n 
1 71  ILE n 
1 72  THR n 
1 73  SER n 
1 74  GLY n 
1 75  PRO n 
1 76  VAL n 
1 77  VAL n 
1 78  ALA n 
1 79  MET n 
1 80  VAL n 
1 81  PHE n 
1 82  GLU n 
1 83  GLY n 
1 84  LYS n 
1 85  GLY n 
1 86  VAL n 
1 87  VAL n 
1 88  ALA n 
1 89  SER n 
1 90  ALA n 
1 91  ARG n 
1 92  LEU n 
1 93  MET n 
1 94  ILE n 
1 95  GLY n 
1 96  VAL n 
1 97  THR n 
1 98  ASN n 
1 99  PRO n 
1 100 LEU n 
1 101 ALA n 
1 102 SER n 
1 103 ALA n 
1 104 PRO n 
1 105 GLY n 
1 106 SER n 
1 107 ILE n 
1 108 ARG n 
1 109 GLY n 
1 110 ASP n 
1 111 PHE n 
1 112 GLY n 
1 113 VAL n 
1 114 ASP n 
1 115 VAL n 
1 116 GLY n 
1 117 ARG n 
1 118 ASN n 
1 119 ILE n 
1 120 ILE n 
1 121 HIS n 
1 122 GLY n 
1 123 SER n 
1 124 ASP n 
1 125 SER n 
1 126 VAL n 
1 127 GLU n 
1 128 SER n 
1 129 ALA n 
1 130 ASN n 
1 131 ARG n 
1 132 GLU n 
1 133 ILE n 
1 134 ALA n 
1 135 LEU n 
1 136 TRP n 
1 137 PHE n 
1 138 LYS n 
1 139 PRO n 
1 140 GLU n 
1 141 GLU n 
1 142 LEU n 
1 143 LEU n 
1 144 THR n 
1 145 GLU n 
1 146 VAL n 
1 147 LYS n 
1 148 PRO n 
1 149 ASN n 
1 150 PRO n 
1 151 ASN n 
1 152 LEU n 
1 153 TYR n 
1 154 GLU n 
# 
_entity_src_gen.entity_id                          1 
_entity_src_gen.pdbx_src_id                        1 
_entity_src_gen.pdbx_alt_source_flag               sample 
_entity_src_gen.pdbx_seq_type                      ? 
_entity_src_gen.pdbx_beg_seq_num                   ? 
_entity_src_gen.pdbx_end_seq_num                   ? 
_entity_src_gen.gene_src_common_name               ? 
_entity_src_gen.gene_src_genus                     Dictyostelium 
_entity_src_gen.pdbx_gene_src_gene                 ? 
_entity_src_gen.gene_src_species                   ? 
_entity_src_gen.gene_src_strain                    ? 
_entity_src_gen.gene_src_tissue                    ? 
_entity_src_gen.gene_src_tissue_fraction           ? 
_entity_src_gen.gene_src_details                   ? 
_entity_src_gen.pdbx_gene_src_fragment             ? 
_entity_src_gen.pdbx_gene_src_scientific_name      'Dictyostelium discoideum' 
_entity_src_gen.pdbx_gene_src_ncbi_taxonomy_id     44689 
_entity_src_gen.pdbx_gene_src_variant              ? 
_entity_src_gen.pdbx_gene_src_cell_line            ? 
_entity_src_gen.pdbx_gene_src_atcc                 ? 
_entity_src_gen.pdbx_gene_src_organ                ? 
_entity_src_gen.pdbx_gene_src_organelle            ? 
_entity_src_gen.pdbx_gene_src_cell                 ? 
_entity_src_gen.pdbx_gene_src_cellular_location    ? 
_entity_src_gen.host_org_common_name               ? 
_entity_src_gen.pdbx_host_org_scientific_name      ? 
_entity_src_gen.pdbx_host_org_ncbi_taxonomy_id     ? 
_entity_src_gen.host_org_genus                     ? 
_entity_src_gen.pdbx_host_org_gene                 ? 
_entity_src_gen.pdbx_host_org_organ                ? 
_entity_src_gen.host_org_species                   ? 
_entity_src_gen.pdbx_host_org_tissue               ? 
_entity_src_gen.pdbx_host_org_tissue_fraction      ? 
_entity_src_gen.pdbx_host_org_strain               ? 
_entity_src_gen.pdbx_host_org_variant              ? 
_entity_src_gen.pdbx_host_org_cell_line            ? 
_entity_src_gen.pdbx_host_org_atcc                 ? 
_entity_src_gen.pdbx_host_org_culture_collection   ? 
_entity_src_gen.pdbx_host_org_cell                 ? 
_entity_src_gen.pdbx_host_org_organelle            ? 
_entity_src_gen.pdbx_host_org_cellular_location    ? 
_entity_src_gen.pdbx_host_org_vector_type          ? 
_entity_src_gen.pdbx_host_org_vector               ? 
_entity_src_gen.host_org_details                   ? 
_entity_src_gen.expression_system_id               ? 
_entity_src_gen.plasmid_name                       ? 
_entity_src_gen.plasmid_details                    ? 
_entity_src_gen.pdbx_description                   ? 
# 
loop_
_chem_comp.id 
_chem_comp.type 
_chem_comp.mon_nstd_flag 
_chem_comp.name 
_chem_comp.pdbx_synonyms 
_chem_comp.formula 
_chem_comp.formula_weight 
ALA 'L-peptide linking' y ALANINE         ? 'C3 H7 N O2'     89.093  
ARG 'L-peptide linking' y ARGININE        ? 'C6 H15 N4 O2 1' 175.209 
ASN 'L-peptide linking' y ASPARAGINE      ? 'C4 H8 N2 O3'    132.118 
ASP 'L-peptide linking' y 'ASPARTIC ACID' ? 'C4 H7 N O4'     133.103 
GLN 'L-peptide linking' y GLUTAMINE       ? 'C5 H10 N2 O3'   146.144 
GLU 'L-peptide linking' y 'GLUTAMIC ACID' ? 'C5 H9 N O4'     147.129 
GLY 'peptide linking'   y GLYCINE         ? 'C2 H5 N O2'     75.067  
HIS 'L-peptide linking' y HISTIDINE       ? 'C6 H10 N3 O2 1' 156.162 
HOH non-polymer         . WATER           ? 'H2 O'           18.015  
ILE 'L-peptide linking' y ISOLEUCINE      ? 'C6 H13 N O2'    131.173 
LEU 'L-peptide linking' y LEUCINE         ? 'C6 H13 N O2'    131.173 
LYS 'L-peptide linking' y LYSINE          ? 'C6 H15 N2 O2 1' 147.195 
MET 'L-peptide linking' y METHIONINE      ? 'C5 H11 N O2 S'  149.211 
PHE 'L-peptide linking' y PHENYLALANINE   ? 'C9 H11 N O2'    165.189 
PRO 'L-peptide linking' y PROLINE         ? 'C5 H9 N O2'     115.130 
SER 'L-peptide linking' y SERINE          ? 'C3 H7 N O3'     105.093 
THR 'L-peptide linking' y THREONINE       ? 'C4 H9 N O3'     119.119 
TRP 'L-peptide linking' y TRYPTOPHAN      ? 'C11 H12 N2 O2'  204.225 
TYR 'L-peptide linking' y TYROSINE        ? 'C9 H11 N O3'    181.189 
VAL 'L-peptide linking' y VALINE          ? 'C5 H11 N O2'    117.146 
# 
loop_
_pdbx_poly_seq_scheme.asym_id 
_pdbx_poly_seq_scheme.entity_id 
_pdbx_poly_seq_scheme.seq_id 
_pdbx_poly_seq_scheme.mon_id 
_pdbx_poly_seq_scheme.ndb_seq_num 
_pdbx_poly_seq_scheme.pdb_seq_num 
_pdbx_poly_seq_scheme.auth_seq_num 
_pdbx_poly_seq_scheme.pdb_mon_id 
_pdbx_poly_seq_scheme.auth_mon_id 
_pdbx_poly_seq_scheme.pdb_strand_id 
_pdbx_poly_seq_scheme.pdb_ins_code 
_pdbx_poly_seq_scheme.hetero 
A 1 1   SER 1   2   ?   ?   ?   A . n 
A 1 2   THR 2   3   ?   ?   ?   A . n 
A 1 3   ASN 3   4   ?   ?   ?   A . n 
A 1 4   LYS 4   5   ?   ?   ?   A . n 
A 1 5   VAL 5   6   6   VAL VAL A . n 
A 1 6   ASN 6   7   7   ASN ASN A . n 
A 1 7   LYS 7   8   8   LYS LYS A . n 
A 1 8   GLU 8   9   9   GLU GLU A . n 
A 1 9   ARG 9   10  10  ARG ARG A . n 
A 1 10  THR 10  11  11  THR THR A . n 
A 1 11  PHE 11  12  12  PHE PHE A . n 
A 1 12  LEU 12  13  13  LEU LEU A . n 
A 1 13  ALA 13  14  14  ALA ALA A . n 
A 1 14  VAL 14  15  15  VAL VAL A . n 
A 1 15  LYS 15  16  16  LYS LYS A . n 
A 1 16  PRO 16  17  17  PRO PRO A . n 
A 1 17  ASP 17  18  18  ASP ASP A . n 
A 1 18  GLY 18  19  19  GLY GLY A . n 
A 1 19  VAL 19  20  20  VAL VAL A . n 
A 1 20  ALA 20  21  21  ALA ALA A . n 
A 1 21  ARG 21  22  22  ARG ARG A . n 
A 1 22  GLY 22  23  23  GLY GLY A . n 
A 1 23  LEU 23  24  24  LEU LEU A . n 
A 1 24  VAL 24  25  25  VAL VAL A . n 
A 1 25  GLY 25  26  26  GLY GLY A . n 
A 1 26  GLU 26  27  27  GLU GLU A . n 
A 1 27  ILE 27  28  28  ILE ILE A . n 
A 1 28  ILE 28  29  29  ILE ILE A . n 
A 1 29  ALA 29  30  30  ALA ALA A . n 
A 1 30  ARG 30  31  31  ARG ARG A . n 
A 1 31  TYR 31  32  32  TYR TYR A . n 
A 1 32  GLU 32  33  33  GLU GLU A . n 
A 1 33  LYS 33  34  34  LYS LYS A . n 
A 1 34  LYS 34  35  35  LYS LYS A . n 
A 1 35  GLY 35  36  36  GLY GLY A . n 
A 1 36  PHE 36  37  37  PHE PHE A . n 
A 1 37  VAL 37  38  38  VAL VAL A . n 
A 1 38  LEU 38  39  39  LEU LEU A . n 
A 1 39  VAL 39  40  40  VAL VAL A . n 
A 1 40  GLY 40  41  41  GLY GLY A . n 
A 1 41  LEU 41  42  42  LEU LEU A . n 
A 1 42  LYS 42  43  43  LYS LYS A . n 
A 1 43  GLN 43  44  44  GLN GLN A . n 
A 1 44  LEU 44  45  45  LEU LEU A . n 
A 1 45  VAL 45  46  46  VAL VAL A . n 
A 1 46  PRO 46  47  47  PRO PRO A . n 
A 1 47  THR 47  48  48  THR THR A . n 
A 1 48  LYS 48  49  49  LYS LYS A . n 
A 1 49  ASP 49  50  50  ASP ASP A . n 
A 1 50  LEU 50  51  51  LEU LEU A . n 
A 1 51  ALA 51  52  52  ALA ALA A . n 
A 1 52  GLU 52  53  53  GLU GLU A . n 
A 1 53  SER 53  54  54  SER SER A . n 
A 1 54  HIS 54  55  55  HIS HIS A . n 
A 1 55  TYR 55  56  56  TYR TYR A . n 
A 1 56  ALA 56  57  57  ALA ALA A . n 
A 1 57  GLU 57  58  58  GLU GLU A . n 
A 1 58  HIS 58  59  59  HIS HIS A . n 
A 1 59  LYS 59  60  60  LYS LYS A . n 
A 1 60  GLU 60  61  61  GLU GLU A . n 
A 1 61  ARG 61  62  62  ARG ARG A . n 
A 1 62  PRO 62  63  63  PRO PRO A . n 
A 1 63  PHE 63  64  64  PHE PHE A . n 
A 1 64  PHE 64  65  65  PHE PHE A . n 
A 1 65  GLY 65  66  66  GLY GLY A . n 
A 1 66  GLY 66  67  67  GLY GLY A . n 
A 1 67  LEU 67  68  68  LEU LEU A . n 
A 1 68  VAL 68  69  69  VAL VAL A . n 
A 1 69  SER 69  70  70  SER SER A . n 
A 1 70  PHE 70  71  71  PHE PHE A . n 
A 1 71  ILE 71  72  72  ILE ILE A . n 
A 1 72  THR 72  73  73  THR THR A . n 
A 1 73  SER 73  74  74  SER SER A . n 
A 1 74  GLY 74  75  75  GLY GLY A . n 
A 1 75  PRO 75  76  76  PRO PRO A . n 
A 1 76  VAL 76  77  77  VAL VAL A . n 
A 1 77  VAL 77  78  78  VAL VAL A . n 
A 1 78  ALA 78  79  79  ALA ALA A . n 
A 1 79  MET 79  80  80  MET MET A . n 
A 1 80  VAL 80  81  81  VAL VAL A . n 
A 1 81  PHE 81  82  82  PHE PHE A . n 
A 1 82  GLU 82  83  83  GLU GLU A . n 
A 1 83  GLY 83  84  84  GLY GLY A . n 
A 1 84  LYS 84  85  85  LYS LYS A . n 
A 1 85  GLY 85  86  86  GLY GLY A . n 
A 1 86  VAL 86  87  87  VAL VAL A . n 
A 1 87  VAL 87  88  88  VAL VAL A . n 
A 1 88  ALA 88  89  89  ALA ALA A . n 
A 1 89  SER 89  90  90  SER SER A . n 
A 1 90  ALA 90  91  91  ALA ALA A . n 
A 1 91  ARG 91  92  92  ARG ARG A . n 
A 1 92  LEU 92  93  93  LEU LEU A . n 
A 1 93  MET 93  94  94  MET MET A . n 
A 1 94  ILE 94  95  95  ILE ILE A . n 
A 1 95  GLY 95  96  96  GLY GLY A . n 
A 1 96  VAL 96  97  97  VAL VAL A . n 
A 1 97  THR 97  98  98  THR THR A . n 
A 1 98  ASN 98  99  99  ASN ASN A . n 
A 1 99  PRO 99  100 100 PRO PRO A . n 
A 1 100 LEU 100 101 101 LEU LEU A . n 
A 1 101 ALA 101 102 102 ALA ALA A . n 
A 1 102 SER 102 103 103 SER SER A . n 
A 1 103 ALA 103 104 104 ALA ALA A . n 
A 1 104 PRO 104 105 105 PRO PRO A . n 
A 1 105 GLY 105 106 106 GLY GLY A . n 
A 1 106 SER 106 107 107 SER SER A . n 
A 1 107 ILE 107 108 108 ILE ILE A . n 
A 1 108 ARG 108 109 109 ARG ARG A . n 
A 1 109 GLY 109 110 110 GLY GLY A . n 
A 1 110 ASP 110 111 111 ASP ASP A . n 
A 1 111 PHE 111 112 112 PHE PHE A . n 
A 1 112 GLY 112 113 113 GLY GLY A . n 
A 1 113 VAL 113 114 114 VAL VAL A . n 
A 1 114 ASP 114 115 115 ASP ASP A . n 
A 1 115 VAL 115 116 116 VAL VAL A . n 
A 1 116 GLY 116 117 117 GLY GLY A . n 
A 1 117 ARG 117 118 118 ARG ARG A . n 
A 1 118 ASN 118 119 119 ASN ASN A . n 
A 1 119 ILE 119 120 120 ILE ILE A . n 
A 1 120 ILE 120 121 121 ILE ILE A . n 
A 1 121 HIS 121 122 122 HIS HIS A . n 
A 1 122 GLY 122 123 123 GLY GLY A . n 
A 1 123 SER 123 124 124 SER SER A . n 
A 1 124 ASP 124 125 125 ASP ASP A . n 
A 1 125 SER 125 126 126 SER SER A . n 
A 1 126 VAL 126 127 127 VAL VAL A . n 
A 1 127 GLU 127 128 128 GLU GLU A . n 
A 1 128 SER 128 129 129 SER SER A . n 
A 1 129 ALA 129 130 130 ALA ALA A . n 
A 1 130 ASN 130 131 131 ASN ASN A . n 
A 1 131 ARG 131 132 132 ARG ARG A . n 
A 1 132 GLU 132 133 133 GLU GLU A . n 
A 1 133 ILE 133 134 134 ILE ILE A . n 
A 1 134 ALA 134 135 135 ALA ALA A . n 
A 1 135 LEU 135 136 136 LEU LEU A . n 
A 1 136 TRP 136 137 137 TRP TRP A . n 
A 1 137 PHE 137 138 138 PHE PHE A . n 
A 1 138 LYS 138 139 139 LYS LYS A . n 
A 1 139 PRO 139 140 140 PRO PRO A . n 
A 1 140 GLU 140 141 141 GLU GLU A . n 
A 1 141 GLU 141 142 142 GLU GLU A . n 
A 1 142 LEU 142 143 143 LEU LEU A . n 
A 1 143 LEU 143 144 144 LEU LEU A . n 
A 1 144 THR 144 145 145 THR THR A . n 
A 1 145 GLU 145 146 146 GLU GLU A . n 
A 1 146 VAL 146 147 147 VAL VAL A . n 
A 1 147 LYS 147 148 148 LYS LYS A . n 
A 1 148 PRO 148 149 149 PRO PRO A . n 
A 1 149 ASN 149 150 150 ASN ASN A . n 
A 1 150 PRO 150 151 151 PRO PRO A . n 
A 1 151 ASN 151 152 152 ASN ASN A . n 
A 1 152 LEU 152 153 153 LEU LEU A . n 
A 1 153 TYR 153 154 154 TYR TYR A . n 
A 1 154 GLU 154 155 155 GLU GLU A . n 
# 
loop_
_pdbx_nonpoly_scheme.asym_id 
_pdbx_nonpoly_scheme.entity_id 
_pdbx_nonpoly_scheme.mon_id 
_pdbx_nonpoly_scheme.ndb_seq_num 
_pdbx_nonpoly_scheme.pdb_seq_num 
_pdbx_nonpoly_scheme.auth_seq_num 
_pdbx_nonpoly_scheme.pdb_mon_id 
_pdbx_nonpoly_scheme.auth_mon_id 
_pdbx_nonpoly_scheme.pdb_strand_id 
_pdbx_nonpoly_scheme.pdb_ins_code 
B 2 HOH 1  200 200 HOH HOH A . 
B 2 HOH 2  201 201 HOH HOH A . 
B 2 HOH 3  202 202 HOH HOH A . 
B 2 HOH 4  203 203 HOH HOH A . 
B 2 HOH 5  204 204 HOH HOH A . 
B 2 HOH 6  205 205 HOH HOH A . 
B 2 HOH 7  206 206 HOH HOH A . 
B 2 HOH 8  207 207 HOH HOH A . 
B 2 HOH 9  208 208 HOH HOH A . 
B 2 HOH 10 209 209 HOH HOH A . 
B 2 HOH 11 210 210 HOH HOH A . 
B 2 HOH 12 211 211 HOH HOH A . 
B 2 HOH 13 212 212 HOH HOH A . 
B 2 HOH 14 213 213 HOH HOH A . 
B 2 HOH 15 214 214 HOH HOH A . 
B 2 HOH 16 215 215 HOH HOH A . 
B 2 HOH 17 216 216 HOH HOH A . 
B 2 HOH 18 217 217 HOH HOH A . 
B 2 HOH 19 218 218 HOH HOH A . 
B 2 HOH 20 219 219 HOH HOH A . 
B 2 HOH 21 220 220 HOH HOH A . 
B 2 HOH 22 221 221 HOH HOH A . 
B 2 HOH 23 222 222 HOH HOH A . 
B 2 HOH 24 223 223 HOH HOH A . 
B 2 HOH 25 224 224 HOH HOH A . 
B 2 HOH 26 225 225 HOH HOH A . 
B 2 HOH 27 226 226 HOH HOH A . 
B 2 HOH 28 227 227 HOH HOH A . 
B 2 HOH 29 228 228 HOH HOH A . 
B 2 HOH 30 229 229 HOH HOH A . 
B 2 HOH 31 230 230 HOH HOH A . 
B 2 HOH 32 231 231 HOH HOH A . 
B 2 HOH 33 232 232 HOH HOH A . 
B 2 HOH 34 233 233 HOH HOH A . 
B 2 HOH 35 234 234 HOH HOH A . 
B 2 HOH 36 235 235 HOH HOH A . 
B 2 HOH 37 236 236 HOH HOH A . 
B 2 HOH 38 237 237 HOH HOH A . 
B 2 HOH 39 238 238 HOH HOH A . 
B 2 HOH 40 239 239 HOH HOH A . 
B 2 HOH 41 240 240 HOH HOH A . 
B 2 HOH 42 241 241 HOH HOH A . 
B 2 HOH 43 242 242 HOH HOH A . 
B 2 HOH 44 243 243 HOH HOH A . 
B 2 HOH 45 244 244 HOH HOH A . 
B 2 HOH 46 245 245 HOH HOH A . 
B 2 HOH 47 246 246 HOH HOH A . 
B 2 HOH 48 247 247 HOH HOH A . 
B 2 HOH 49 248 248 HOH HOH A . 
B 2 HOH 50 249 249 HOH HOH A . 
B 2 HOH 51 250 250 HOH HOH A . 
B 2 HOH 52 251 251 HOH HOH A . 
B 2 HOH 53 252 252 HOH HOH A . 
B 2 HOH 54 253 253 HOH HOH A . 
B 2 HOH 55 254 254 HOH HOH A . 
B 2 HOH 56 255 255 HOH HOH A . 
B 2 HOH 57 256 256 HOH HOH A . 
B 2 HOH 58 257 257 HOH HOH A . 
B 2 HOH 59 258 258 HOH HOH A . 
B 2 HOH 60 259 259 HOH HOH A . 
B 2 HOH 61 260 260 HOH HOH A . 
B 2 HOH 62 261 261 HOH HOH A . 
B 2 HOH 63 262 262 HOH HOH A . 
B 2 HOH 64 263 263 HOH HOH A . 
B 2 HOH 65 264 264 HOH HOH A . 
B 2 HOH 66 265 265 HOH HOH A . 
B 2 HOH 67 266 266 HOH HOH A . 
B 2 HOH 68 267 267 HOH HOH A . 
B 2 HOH 69 268 268 HOH HOH A . 
B 2 HOH 70 269 269 HOH HOH A . 
B 2 HOH 71 270 270 HOH HOH A . 
B 2 HOH 72 271 271 HOH HOH A . 
B 2 HOH 73 272 272 HOH HOH A . 
B 2 HOH 74 273 273 HOH HOH A . 
B 2 HOH 75 274 274 HOH HOH A . 
B 2 HOH 76 275 275 HOH HOH A . 
B 2 HOH 77 276 276 HOH HOH A . 
B 2 HOH 78 277 277 HOH HOH A . 
B 2 HOH 79 278 278 HOH HOH A . 
B 2 HOH 80 279 279 HOH HOH A . 
B 2 HOH 81 280 280 HOH HOH A . 
B 2 HOH 82 281 281 HOH HOH A . 
B 2 HOH 83 282 282 HOH HOH A . 
B 2 HOH 84 283 283 HOH HOH A . 
B 2 HOH 85 284 284 HOH HOH A . 
B 2 HOH 86 285 285 HOH HOH A . 
B 2 HOH 87 286 286 HOH HOH A . 
B 2 HOH 88 287 287 HOH HOH A . 
B 2 HOH 89 288 288 HOH HOH A . 
B 2 HOH 90 289 289 HOH HOH A . 
B 2 HOH 91 290 290 HOH HOH A . 
B 2 HOH 92 291 291 HOH HOH A . 
B 2 HOH 93 292 292 HOH HOH A . 
B 2 HOH 94 293 293 HOH HOH A . 
B 2 HOH 95 294 294 HOH HOH A . 
# 
loop_
_software.name 
_software.classification 
_software.version 
_software.citation_id 
_software.pdbx_ordinal 
X-PLOR 'model building' . ? 1 
X-PLOR refinement       . ? 2 
X-PLOR phasing          . ? 3 
# 
_cell.entry_id           1NPK 
_cell.length_a           74.200 
_cell.length_b           74.200 
_cell.length_c           105.140 
_cell.angle_alpha        90.00 
_cell.angle_beta         90.00 
_cell.angle_gamma        120.00 
_cell.Z_PDB              12 
_cell.pdbx_unique_axis   ? 
# 
_symmetry.entry_id                         1NPK 
_symmetry.space_group_name_H-M             'P 63 2 2' 
_symmetry.pdbx_full_space_group_name_H-M   ? 
_symmetry.cell_setting                     ? 
_symmetry.Int_Tables_number                182 
# 
_exptl.entry_id          1NPK 
_exptl.method            'X-RAY DIFFRACTION' 
_exptl.crystals_number   ? 
# 
_exptl_crystal.id                    1 
_exptl_crystal.density_meas          ? 
_exptl_crystal.density_Matthews      2.50 
_exptl_crystal.density_percent_sol   50.85 
_exptl_crystal.description           ? 
# 
_diffrn.id                     1 
_diffrn.ambient_temp           ? 
_diffrn.ambient_temp_details   ? 
_diffrn.crystal_id             1 
# 
_diffrn_radiation.diffrn_id                        1 
_diffrn_radiation.wavelength_id                    1 
_diffrn_radiation.pdbx_monochromatic_or_laue_m_l   ? 
_diffrn_radiation.monochromator                    ? 
_diffrn_radiation.pdbx_diffrn_protocol             ? 
_diffrn_radiation.pdbx_scattering_type             x-ray 
# 
_diffrn_radiation_wavelength.id           1 
_diffrn_radiation_wavelength.wavelength   . 
_diffrn_radiation_wavelength.wt           1.0 
# 
_refine.entry_id                                 1NPK 
_refine.ls_number_reflns_obs                     14333 
_refine.ls_number_reflns_all                     ? 
_refine.pdbx_ls_sigma_I                          ? 
_refine.pdbx_ls_sigma_F                          2.0 
_refine.pdbx_data_cutoff_high_absF               ? 
_refine.pdbx_data_cutoff_low_absF                ? 
_refine.pdbx_data_cutoff_high_rms_absF           ? 
_refine.ls_d_res_low                             8.0 
_refine.ls_d_res_high                            1.80 
_refine.ls_percent_reflns_obs                    ? 
_refine.ls_R_factor_obs                          0.1960000 
_refine.ls_R_factor_all                          ? 
_refine.ls_R_factor_R_work                       0.1960000 
_refine.ls_R_factor_R_free                       ? 
_refine.ls_R_factor_R_free_error                 ? 
_refine.ls_R_factor_R_free_error_details         ? 
_refine.ls_percent_reflns_R_free                 ? 
_refine.ls_number_reflns_R_free                  ? 
_refine.ls_number_parameters                     ? 
_refine.ls_number_restraints                     ? 
_refine.occupancy_min                            ? 
_refine.occupancy_max                            ? 
_refine.B_iso_mean                               ? 
_refine.aniso_B[1][1]                            ? 
_refine.aniso_B[2][2]                            ? 
_refine.aniso_B[3][3]                            ? 
_refine.aniso_B[1][2]                            ? 
_refine.aniso_B[1][3]                            ? 
_refine.aniso_B[2][3]                            ? 
_refine.solvent_model_details                    ? 
_refine.solvent_model_param_ksol                 ? 
_refine.solvent_model_param_bsol                 ? 
_refine.pdbx_ls_cross_valid_method               ? 
_refine.details                                  ? 
_refine.pdbx_starting_model                      ? 
_refine.pdbx_method_to_determine_struct          ? 
_refine.pdbx_isotropic_thermal_model             ? 
_refine.pdbx_stereochemistry_target_values       ? 
_refine.pdbx_stereochem_target_val_spec_case     ? 
_refine.pdbx_R_Free_selection_details            ? 
_refine.pdbx_overall_ESU_R                       ? 
_refine.pdbx_overall_ESU_R_Free                  ? 
_refine.overall_SU_ML                            ? 
_refine.overall_SU_B                             ? 
_refine.pdbx_refine_id                           'X-RAY DIFFRACTION' 
_refine.pdbx_diffrn_id                           1 
_refine.pdbx_TLS_residual_ADP_flag               ? 
_refine.correlation_coeff_Fo_to_Fc               ? 
_refine.correlation_coeff_Fo_to_Fc_free          ? 
_refine.pdbx_solvent_vdw_probe_radii             ? 
_refine.pdbx_solvent_ion_probe_radii             ? 
_refine.pdbx_solvent_shrinkage_radii             ? 
_refine.pdbx_overall_phase_error                 ? 
_refine.overall_SU_R_Cruickshank_DPI             ? 
_refine.pdbx_overall_SU_R_free_Cruickshank_DPI   ? 
_refine.pdbx_overall_SU_R_Blow_DPI               ? 
_refine.pdbx_overall_SU_R_free_Blow_DPI          ? 
# 
_refine_hist.pdbx_refine_id                   'X-RAY DIFFRACTION' 
_refine_hist.cycle_id                         LAST 
_refine_hist.pdbx_number_atoms_protein        1147 
_refine_hist.pdbx_number_atoms_nucleic_acid   0 
_refine_hist.pdbx_number_atoms_ligand         0 
_refine_hist.number_atoms_solvent             95 
_refine_hist.number_atoms_total               1242 
_refine_hist.d_res_high                       1.80 
_refine_hist.d_res_low                        8.0 
# 
loop_
_refine_ls_restr.type 
_refine_ls_restr.dev_ideal 
_refine_ls_restr.dev_ideal_target 
_refine_ls_restr.weight 
_refine_ls_restr.number 
_refine_ls_restr.pdbx_refine_id 
_refine_ls_restr.pdbx_restraint_function 
x_bond_d                0.013 ? ? ? 'X-RAY DIFFRACTION' ? 
x_bond_d_na             ?     ? ? ? 'X-RAY DIFFRACTION' ? 
x_bond_d_prot           ?     ? ? ? 'X-RAY DIFFRACTION' ? 
x_angle_d               ?     ? ? ? 'X-RAY DIFFRACTION' ? 
x_angle_d_na            ?     ? ? ? 'X-RAY DIFFRACTION' ? 
x_angle_d_prot          ?     ? ? ? 'X-RAY DIFFRACTION' ? 
x_angle_deg             1.28  ? ? ? 'X-RAY DIFFRACTION' ? 
x_angle_deg_na          ?     ? ? ? 'X-RAY DIFFRACTION' ? 
x_angle_deg_prot        ?     ? ? ? 'X-RAY DIFFRACTION' ? 
x_dihedral_angle_d      ?     ? ? ? 'X-RAY DIFFRACTION' ? 
x_dihedral_angle_d_na   ?     ? ? ? 'X-RAY DIFFRACTION' ? 
x_dihedral_angle_d_prot ?     ? ? ? 'X-RAY DIFFRACTION' ? 
x_improper_angle_d      ?     ? ? ? 'X-RAY DIFFRACTION' ? 
x_improper_angle_d_na   ?     ? ? ? 'X-RAY DIFFRACTION' ? 
x_improper_angle_d_prot ?     ? ? ? 'X-RAY DIFFRACTION' ? 
x_mcbond_it             ?     ? ? ? 'X-RAY DIFFRACTION' ? 
x_mcangle_it            ?     ? ? ? 'X-RAY DIFFRACTION' ? 
x_scbond_it             ?     ? ? ? 'X-RAY DIFFRACTION' ? 
x_scangle_it            ?     ? ? ? 'X-RAY DIFFRACTION' ? 
# 
_struct.entry_id                  1NPK 
_struct.title                     
'REFINED X-RAY STRUCTURE OF DICTYOSTELIUM NUCLEOSIDE DIPHOSPHATE KINASE AT 1,8 ANGSTROMS RESOLUTION' 
_struct.pdbx_model_details        ? 
_struct.pdbx_CASP_flag            ? 
_struct.pdbx_model_type_details   ? 
# 
_struct_keywords.entry_id        1NPK 
_struct_keywords.pdbx_keywords   'PHOSPHOTRANSFERASE(PO4 AS ACCEPTOR)' 
_struct_keywords.text            'PHOSPHOTRANSFERASE(PO4 AS ACCEPTOR)' 
# 
loop_
_struct_asym.id 
_struct_asym.pdbx_blank_PDB_chainid_flag 
_struct_asym.pdbx_modified 
_struct_asym.entity_id 
_struct_asym.details 
A N N 1 ? 
B N N 2 ? 
# 
_struct_ref.id                         1 
_struct_ref.db_name                    UNP 
_struct_ref.db_code                    NDKC_DICDI 
_struct_ref.entity_id                  1 
_struct_ref.pdbx_db_accession          P22887 
_struct_ref.pdbx_align_begin           1 
_struct_ref.pdbx_seq_one_letter_code   
;MSTNKVNKERTFLAVKPDGVARGLVGEIIARYEKKGFVLVGLKQLVPTKDLAESHYAEHKERPFFGGLVSFITSGPVVAM
VFEGKGVVASARLMIGVTNPLASAPGSIRGDFGVDVGRNIIHGSDSVESANREIALWFKPEELLTEVKPNPNLYE
;
_struct_ref.pdbx_db_isoform            ? 
# 
_struct_ref_seq.align_id                      1 
_struct_ref_seq.ref_id                        1 
_struct_ref_seq.pdbx_PDB_id_code              1NPK 
_struct_ref_seq.pdbx_strand_id                A 
_struct_ref_seq.seq_align_beg                 1 
_struct_ref_seq.pdbx_seq_align_beg_ins_code   ? 
_struct_ref_seq.seq_align_end                 154 
_struct_ref_seq.pdbx_seq_align_end_ins_code   ? 
_struct_ref_seq.pdbx_db_accession             P22887 
_struct_ref_seq.db_align_beg                  2 
_struct_ref_seq.pdbx_db_align_beg_ins_code    ? 
_struct_ref_seq.db_align_end                  155 
_struct_ref_seq.pdbx_db_align_end_ins_code    ? 
_struct_ref_seq.pdbx_auth_seq_align_beg       2 
_struct_ref_seq.pdbx_auth_seq_align_end       155 
# 
_pdbx_struct_assembly.id                   1 
_pdbx_struct_assembly.details              author_and_software_defined_assembly 
_pdbx_struct_assembly.method_details       PISA,PQS 
_pdbx_struct_assembly.oligomeric_details   hexameric 
_pdbx_struct_assembly.oligomeric_count     6 
# 
loop_
_pdbx_struct_assembly_prop.biol_id 
_pdbx_struct_assembly_prop.type 
_pdbx_struct_assembly_prop.value 
_pdbx_struct_assembly_prop.details 
1 'ABSA (A^2)' 12720 ? 
1 MORE         -62   ? 
1 'SSA (A^2)'  35470 ? 
# 
_pdbx_struct_assembly_gen.assembly_id       1 
_pdbx_struct_assembly_gen.oper_expression   1,2,3,4,5,6 
_pdbx_struct_assembly_gen.asym_id_list      A,B 
# 
loop_
_pdbx_struct_oper_list.id 
_pdbx_struct_oper_list.type 
_pdbx_struct_oper_list.name 
_pdbx_struct_oper_list.symmetry_operation 
_pdbx_struct_oper_list.matrix[1][1] 
_pdbx_struct_oper_list.matrix[1][2] 
_pdbx_struct_oper_list.matrix[1][3] 
_pdbx_struct_oper_list.vector[1] 
_pdbx_struct_oper_list.matrix[2][1] 
_pdbx_struct_oper_list.matrix[2][2] 
_pdbx_struct_oper_list.matrix[2][3] 
_pdbx_struct_oper_list.vector[2] 
_pdbx_struct_oper_list.matrix[3][1] 
_pdbx_struct_oper_list.matrix[3][2] 
_pdbx_struct_oper_list.matrix[3][3] 
_pdbx_struct_oper_list.vector[3] 
1 'identity operation'         1_555  x,y,z            1.0000000000  0.0000000000  0.0000000000  0.0000000000   0.0000000000  1.0000000000  0.0000000000  0.0000000000   0.0000000000  0.0000000000  1.0000000000  0.0000000000   
2 'crystal symmetry operation' 2_665  -y+1,x-y+1,z     0.8125527209  0.3108277547  0.4930965247  10.8247355432  -0.3014311143 -0.4999831822 0.8118842903  -13.1933442763 0.4988961406  -0.8083334240 -0.3125695387 -28.5204720346 
3 'crystal symmetry operation' 3_565  -x+y,-x+1,z      0.8125527209  -0.3014311143 0.4988961406  1.4562006412   0.3108277547  -0.4999831822 -0.8083334240 -33.0151293151 0.4930965247  0.8118842903  -0.3125695387 -3.5408013094  
4 'crystal symmetry operation' 10_665 -y+1,-x+1,-z+1/2 -0.7619297043 0.1443368885  -0.6313715137 -19.5700580334 0.1443368885  -0.9124916558 -0.3827869391 -34.2191910662 -0.6313715137 -0.3827869391 0.6744213601  -15.2020496007 
5 'crystal symmetry operation' 11_555 -x+y,y,-z+1/2    -0.9776044950 0.2013637815  -0.0611725342 -11.7150182451 0.2013637815  0.8105138699  -0.5500180853 -9.7007016639  -0.0611725342 -0.5500180853 -0.8329093749 -36.2210549355 
6 'crystal symmetry operation' 12_565 x,x-y+1,-z+1/2   -0.8855712426 -0.3550973104 -0.2994486174 -23.2093205131 -0.3550973104 0.1019441504  0.9292541581  -2.5276050867  -0.2994486174 0.9292541581  -0.2163729078 -5.8716849467 
# 
_struct_biol.id   1 
# 
loop_
_struct_conf.conf_type_id 
_struct_conf.id 
_struct_conf.pdbx_PDB_helix_id 
_struct_conf.beg_label_comp_id 
_struct_conf.beg_label_asym_id 
_struct_conf.beg_label_seq_id 
_struct_conf.pdbx_beg_PDB_ins_code 
_struct_conf.end_label_comp_id 
_struct_conf.end_label_asym_id 
_struct_conf.end_label_seq_id 
_struct_conf.pdbx_end_PDB_ins_code 
_struct_conf.beg_auth_comp_id 
_struct_conf.beg_auth_asym_id 
_struct_conf.beg_auth_seq_id 
_struct_conf.end_auth_comp_id 
_struct_conf.end_auth_asym_id 
_struct_conf.end_auth_seq_id 
_struct_conf.pdbx_PDB_helix_class 
_struct_conf.details 
_struct_conf.pdbx_PDB_helix_length 
HELX_P HELX_P1  A0    PRO A 16  ? ALA A 20  ? PRO A 17  ALA A 21  1  ?                5  
HELX_P HELX_P2  A1    VAL A 24  ? LYS A 34  ? VAL A 25  LYS A 35  1  ?                11 
HELX_P HELX_P3  AA    LYS A 48  ? HIS A 54  ? LYS A 49  HIS A 55  1  ?                7  
HELX_P HELX_P4  310   ALA A 56  ? HIS A 58  ? ALA A 57  HIS A 59  5  '3/10 HELIX'     3  
HELX_P HELX_P5  A2    PHE A 64  ? THR A 72  ? PHE A 65  THR A 73  1  ?                9  
HELX_P HELX_P6  A3    VAL A 86  ? ILE A 94  ? VAL A 87  ILE A 95  1  ?                9  
HELX_P HELX_P7  310   PRO A 99  ? ALA A 101 ? PRO A 100 ALA A 102 5  '3/10 HELIX'     3  
HELX_P HELX_P8  PP    SER A 102 ? PRO A 104 ? SER A 103 PRO A 105 10 'POLYPROLINE II' 3  
HELX_P HELX_P9  "A'3" ILE A 107 ? PHE A 111 ? ILE A 108 PHE A 112 1  ?                5  
HELX_P HELX_P10 A4    VAL A 126 ? TRP A 136 ? VAL A 127 TRP A 137 1  ?                11 
HELX_P HELX_P11 310   GLU A 141 ? GLU A 141 ? GLU A 142 GLU A 142 5  '3/10 HELIX'     1  
HELX_P HELX_P12 PP    GLU A 145 ? ASN A 149 ? GLU A 146 ASN A 150 10 'POLYPROLINE II' 5  
# 
_struct_conf_type.id          HELX_P 
_struct_conf_type.criteria    ? 
_struct_conf_type.reference   ? 
# 
_struct_sheet.id               BET 
_struct_sheet.type             ? 
_struct_sheet.number_strands   4 
_struct_sheet.details          ? 
# 
loop_
_struct_sheet_order.sheet_id 
_struct_sheet_order.range_id_1 
_struct_sheet_order.range_id_2 
_struct_sheet_order.offset 
_struct_sheet_order.sense 
BET 1 2 ? parallel 
BET 2 3 ? parallel 
BET 3 4 ? parallel 
# 
loop_
_struct_sheet_range.sheet_id 
_struct_sheet_range.id 
_struct_sheet_range.beg_label_comp_id 
_struct_sheet_range.beg_label_asym_id 
_struct_sheet_range.beg_label_seq_id 
_struct_sheet_range.pdbx_beg_PDB_ins_code 
_struct_sheet_range.end_label_comp_id 
_struct_sheet_range.end_label_asym_id 
_struct_sheet_range.end_label_seq_id 
_struct_sheet_range.pdbx_end_PDB_ins_code 
_struct_sheet_range.beg_auth_comp_id 
_struct_sheet_range.beg_auth_asym_id 
_struct_sheet_range.beg_auth_seq_id 
_struct_sheet_range.end_auth_comp_id 
_struct_sheet_range.end_auth_asym_id 
_struct_sheet_range.end_auth_seq_id 
BET 1 GLU A 8   ? LYS A 15  ? GLU A 9   LYS A 16  
BET 2 VAL A 37  ? LEU A 44  ? VAL A 38  LEU A 45  
BET 3 VAL A 76  ? GLU A 82  ? VAL A 77  GLU A 83  
BET 4 ILE A 120 ? SER A 123 ? ILE A 121 SER A 124 
# 
_pdbx_validate_rmsd_angle.id                         1 
_pdbx_validate_rmsd_angle.PDB_model_num              1 
_pdbx_validate_rmsd_angle.auth_atom_id_1             NE 
_pdbx_validate_rmsd_angle.auth_asym_id_1             A 
_pdbx_validate_rmsd_angle.auth_comp_id_1             ARG 
_pdbx_validate_rmsd_angle.auth_seq_id_1              109 
_pdbx_validate_rmsd_angle.PDB_ins_code_1             ? 
_pdbx_validate_rmsd_angle.label_alt_id_1             ? 
_pdbx_validate_rmsd_angle.auth_atom_id_2             CZ 
_pdbx_validate_rmsd_angle.auth_asym_id_2             A 
_pdbx_validate_rmsd_angle.auth_comp_id_2             ARG 
_pdbx_validate_rmsd_angle.auth_seq_id_2              109 
_pdbx_validate_rmsd_angle.PDB_ins_code_2             ? 
_pdbx_validate_rmsd_angle.label_alt_id_2             ? 
_pdbx_validate_rmsd_angle.auth_atom_id_3             NH2 
_pdbx_validate_rmsd_angle.auth_asym_id_3             A 
_pdbx_validate_rmsd_angle.auth_comp_id_3             ARG 
_pdbx_validate_rmsd_angle.auth_seq_id_3              109 
_pdbx_validate_rmsd_angle.PDB_ins_code_3             ? 
_pdbx_validate_rmsd_angle.label_alt_id_3             ? 
_pdbx_validate_rmsd_angle.angle_value                116.34 
_pdbx_validate_rmsd_angle.angle_target_value         120.30 
_pdbx_validate_rmsd_angle.angle_deviation            -3.96 
_pdbx_validate_rmsd_angle.angle_standard_deviation   0.50 
_pdbx_validate_rmsd_angle.linker_flag                N 
# 
_pdbx_validate_torsion.id              1 
_pdbx_validate_torsion.PDB_model_num   1 
_pdbx_validate_torsion.auth_comp_id    ILE 
_pdbx_validate_torsion.auth_asym_id    A 
_pdbx_validate_torsion.auth_seq_id     120 
_pdbx_validate_torsion.PDB_ins_code    ? 
_pdbx_validate_torsion.label_alt_id    ? 
_pdbx_validate_torsion.phi             80.59 
_pdbx_validate_torsion.psi             -51.61 
# 
loop_
_pdbx_validate_planes.id 
_pdbx_validate_planes.PDB_model_num 
_pdbx_validate_planes.auth_comp_id 
_pdbx_validate_planes.auth_asym_id 
_pdbx_validate_planes.auth_seq_id 
_pdbx_validate_planes.PDB_ins_code 
_pdbx_validate_planes.label_alt_id 
_pdbx_validate_planes.rmsd 
_pdbx_validate_planes.type 
1 1 PHE A 71  ? ? 0.077 'SIDE CHAIN' 
2 1 ARG A 109 ? ? 0.114 'SIDE CHAIN' 
# 
loop_
_pdbx_unobs_or_zero_occ_residues.id 
_pdbx_unobs_or_zero_occ_residues.PDB_model_num 
_pdbx_unobs_or_zero_occ_residues.polymer_flag 
_pdbx_unobs_or_zero_occ_residues.occupancy_flag 
_pdbx_unobs_or_zero_occ_residues.auth_asym_id 
_pdbx_unobs_or_zero_occ_residues.auth_comp_id 
_pdbx_unobs_or_zero_occ_residues.auth_seq_id 
_pdbx_unobs_or_zero_occ_residues.PDB_ins_code 
_pdbx_unobs_or_zero_occ_residues.label_asym_id 
_pdbx_unobs_or_zero_occ_residues.label_comp_id 
_pdbx_unobs_or_zero_occ_residues.label_seq_id 
1 1 Y 1 A SER 2 ? A SER 1 
2 1 Y 1 A THR 3 ? A THR 2 
3 1 Y 1 A ASN 4 ? A ASN 3 
4 1 Y 1 A LYS 5 ? A LYS 4 
# 
loop_
_chem_comp_atom.comp_id 
_chem_comp_atom.atom_id 
_chem_comp_atom.type_symbol 
_chem_comp_atom.pdbx_aromatic_flag 
_chem_comp_atom.pdbx_stereo_config 
_chem_comp_atom.pdbx_ordinal 
ALA N    N N N 1   
ALA CA   C N S 2   
ALA C    C N N 3   
ALA O    O N N 4   
ALA CB   C N N 5   
ALA OXT  O N N 6   
ALA H    H N N 7   
ALA H2   H N N 8   
ALA HA   H N N 9   
ALA HB1  H N N 10  
ALA HB2  H N N 11  
ALA HB3  H N N 12  
ALA HXT  H N N 13  
ARG N    N N N 14  
ARG CA   C N S 15  
ARG C    C N N 16  
ARG O    O N N 17  
ARG CB   C N N 18  
ARG CG   C N N 19  
ARG CD   C N N 20  
ARG NE   N N N 21  
ARG CZ   C N N 22  
ARG NH1  N N N 23  
ARG NH2  N N N 24  
ARG OXT  O N N 25  
ARG H    H N N 26  
ARG H2   H N N 27  
ARG HA   H N N 28  
ARG HB2  H N N 29  
ARG HB3  H N N 30  
ARG HG2  H N N 31  
ARG HG3  H N N 32  
ARG HD2  H N N 33  
ARG HD3  H N N 34  
ARG HE   H N N 35  
ARG HH11 H N N 36  
ARG HH12 H N N 37  
ARG HH21 H N N 38  
ARG HH22 H N N 39  
ARG HXT  H N N 40  
ASN N    N N N 41  
ASN CA   C N S 42  
ASN C    C N N 43  
ASN O    O N N 44  
ASN CB   C N N 45  
ASN CG   C N N 46  
ASN OD1  O N N 47  
ASN ND2  N N N 48  
ASN OXT  O N N 49  
ASN H    H N N 50  
ASN H2   H N N 51  
ASN HA   H N N 52  
ASN HB2  H N N 53  
ASN HB3  H N N 54  
ASN HD21 H N N 55  
ASN HD22 H N N 56  
ASN HXT  H N N 57  
ASP N    N N N 58  
ASP CA   C N S 59  
ASP C    C N N 60  
ASP O    O N N 61  
ASP CB   C N N 62  
ASP CG   C N N 63  
ASP OD1  O N N 64  
ASP OD2  O N N 65  
ASP OXT  O N N 66  
ASP H    H N N 67  
ASP H2   H N N 68  
ASP HA   H N N 69  
ASP HB2  H N N 70  
ASP HB3  H N N 71  
ASP HD2  H N N 72  
ASP HXT  H N N 73  
GLN N    N N N 74  
GLN CA   C N S 75  
GLN C    C N N 76  
GLN O    O N N 77  
GLN CB   C N N 78  
GLN CG   C N N 79  
GLN CD   C N N 80  
GLN OE1  O N N 81  
GLN NE2  N N N 82  
GLN OXT  O N N 83  
GLN H    H N N 84  
GLN H2   H N N 85  
GLN HA   H N N 86  
GLN HB2  H N N 87  
GLN HB3  H N N 88  
GLN HG2  H N N 89  
GLN HG3  H N N 90  
GLN HE21 H N N 91  
GLN HE22 H N N 92  
GLN HXT  H N N 93  
GLU N    N N N 94  
GLU CA   C N S 95  
GLU C    C N N 96  
GLU O    O N N 97  
GLU CB   C N N 98  
GLU CG   C N N 99  
GLU CD   C N N 100 
GLU OE1  O N N 101 
GLU OE2  O N N 102 
GLU OXT  O N N 103 
GLU H    H N N 104 
GLU H2   H N N 105 
GLU HA   H N N 106 
GLU HB2  H N N 107 
GLU HB3  H N N 108 
GLU HG2  H N N 109 
GLU HG3  H N N 110 
GLU HE2  H N N 111 
GLU HXT  H N N 112 
GLY N    N N N 113 
GLY CA   C N N 114 
GLY C    C N N 115 
GLY O    O N N 116 
GLY OXT  O N N 117 
GLY H    H N N 118 
GLY H2   H N N 119 
GLY HA2  H N N 120 
GLY HA3  H N N 121 
GLY HXT  H N N 122 
HIS N    N N N 123 
HIS CA   C N S 124 
HIS C    C N N 125 
HIS O    O N N 126 
HIS CB   C N N 127 
HIS CG   C Y N 128 
HIS ND1  N Y N 129 
HIS CD2  C Y N 130 
HIS CE1  C Y N 131 
HIS NE2  N Y N 132 
HIS OXT  O N N 133 
HIS H    H N N 134 
HIS H2   H N N 135 
HIS HA   H N N 136 
HIS HB2  H N N 137 
HIS HB3  H N N 138 
HIS HD1  H N N 139 
HIS HD2  H N N 140 
HIS HE1  H N N 141 
HIS HE2  H N N 142 
HIS HXT  H N N 143 
HOH O    O N N 144 
HOH H1   H N N 145 
HOH H2   H N N 146 
ILE N    N N N 147 
ILE CA   C N S 148 
ILE C    C N N 149 
ILE O    O N N 150 
ILE CB   C N S 151 
ILE CG1  C N N 152 
ILE CG2  C N N 153 
ILE CD1  C N N 154 
ILE OXT  O N N 155 
ILE H    H N N 156 
ILE H2   H N N 157 
ILE HA   H N N 158 
ILE HB   H N N 159 
ILE HG12 H N N 160 
ILE HG13 H N N 161 
ILE HG21 H N N 162 
ILE HG22 H N N 163 
ILE HG23 H N N 164 
ILE HD11 H N N 165 
ILE HD12 H N N 166 
ILE HD13 H N N 167 
ILE HXT  H N N 168 
LEU N    N N N 169 
LEU CA   C N S 170 
LEU C    C N N 171 
LEU O    O N N 172 
LEU CB   C N N 173 
LEU CG   C N N 174 
LEU CD1  C N N 175 
LEU CD2  C N N 176 
LEU OXT  O N N 177 
LEU H    H N N 178 
LEU H2   H N N 179 
LEU HA   H N N 180 
LEU HB2  H N N 181 
LEU HB3  H N N 182 
LEU HG   H N N 183 
LEU HD11 H N N 184 
LEU HD12 H N N 185 
LEU HD13 H N N 186 
LEU HD21 H N N 187 
LEU HD22 H N N 188 
LEU HD23 H N N 189 
LEU HXT  H N N 190 
LYS N    N N N 191 
LYS CA   C N S 192 
LYS C    C N N 193 
LYS O    O N N 194 
LYS CB   C N N 195 
LYS CG   C N N 196 
LYS CD   C N N 197 
LYS CE   C N N 198 
LYS NZ   N N N 199 
LYS OXT  O N N 200 
LYS H    H N N 201 
LYS H2   H N N 202 
LYS HA   H N N 203 
LYS HB2  H N N 204 
LYS HB3  H N N 205 
LYS HG2  H N N 206 
LYS HG3  H N N 207 
LYS HD2  H N N 208 
LYS HD3  H N N 209 
LYS HE2  H N N 210 
LYS HE3  H N N 211 
LYS HZ1  H N N 212 
LYS HZ2  H N N 213 
LYS HZ3  H N N 214 
LYS HXT  H N N 215 
MET N    N N N 216 
MET CA   C N S 217 
MET C    C N N 218 
MET O    O N N 219 
MET CB   C N N 220 
MET CG   C N N 221 
MET SD   S N N 222 
MET CE   C N N 223 
MET OXT  O N N 224 
MET H    H N N 225 
MET H2   H N N 226 
MET HA   H N N 227 
MET HB2  H N N 228 
MET HB3  H N N 229 
MET HG2  H N N 230 
MET HG3  H N N 231 
MET HE1  H N N 232 
MET HE2  H N N 233 
MET HE3  H N N 234 
MET HXT  H N N 235 
PHE N    N N N 236 
PHE CA   C N S 237 
PHE C    C N N 238 
PHE O    O N N 239 
PHE CB   C N N 240 
PHE CG   C Y N 241 
PHE CD1  C Y N 242 
PHE CD2  C Y N 243 
PHE CE1  C Y N 244 
PHE CE2  C Y N 245 
PHE CZ   C Y N 246 
PHE OXT  O N N 247 
PHE H    H N N 248 
PHE H2   H N N 249 
PHE HA   H N N 250 
PHE HB2  H N N 251 
PHE HB3  H N N 252 
PHE HD1  H N N 253 
PHE HD2  H N N 254 
PHE HE1  H N N 255 
PHE HE2  H N N 256 
PHE HZ   H N N 257 
PHE HXT  H N N 258 
PRO N    N N N 259 
PRO CA   C N S 260 
PRO C    C N N 261 
PRO O    O N N 262 
PRO CB   C N N 263 
PRO CG   C N N 264 
PRO CD   C N N 265 
PRO OXT  O N N 266 
PRO H    H N N 267 
PRO HA   H N N 268 
PRO HB2  H N N 269 
PRO HB3  H N N 270 
PRO HG2  H N N 271 
PRO HG3  H N N 272 
PRO HD2  H N N 273 
PRO HD3  H N N 274 
PRO HXT  H N N 275 
SER N    N N N 276 
SER CA   C N S 277 
SER C    C N N 278 
SER O    O N N 279 
SER CB   C N N 280 
SER OG   O N N 281 
SER OXT  O N N 282 
SER H    H N N 283 
SER H2   H N N 284 
SER HA   H N N 285 
SER HB2  H N N 286 
SER HB3  H N N 287 
SER HG   H N N 288 
SER HXT  H N N 289 
THR N    N N N 290 
THR CA   C N S 291 
THR C    C N N 292 
THR O    O N N 293 
THR CB   C N R 294 
THR OG1  O N N 295 
THR CG2  C N N 296 
THR OXT  O N N 297 
THR H    H N N 298 
THR H2   H N N 299 
THR HA   H N N 300 
THR HB   H N N 301 
THR HG1  H N N 302 
THR HG21 H N N 303 
THR HG22 H N N 304 
THR HG23 H N N 305 
THR HXT  H N N 306 
TRP N    N N N 307 
TRP CA   C N S 308 
TRP C    C N N 309 
TRP O    O N N 310 
TRP CB   C N N 311 
TRP CG   C Y N 312 
TRP CD1  C Y N 313 
TRP CD2  C Y N 314 
TRP NE1  N Y N 315 
TRP CE2  C Y N 316 
TRP CE3  C Y N 317 
TRP CZ2  C Y N 318 
TRP CZ3  C Y N 319 
TRP CH2  C Y N 320 
TRP OXT  O N N 321 
TRP H    H N N 322 
TRP H2   H N N 323 
TRP HA   H N N 324 
TRP HB2  H N N 325 
TRP HB3  H N N 326 
TRP HD1  H N N 327 
TRP HE1  H N N 328 
TRP HE3  H N N 329 
TRP HZ2  H N N 330 
TRP HZ3  H N N 331 
TRP HH2  H N N 332 
TRP HXT  H N N 333 
TYR N    N N N 334 
TYR CA   C N S 335 
TYR C    C N N 336 
TYR O    O N N 337 
TYR CB   C N N 338 
TYR CG   C Y N 339 
TYR CD1  C Y N 340 
TYR CD2  C Y N 341 
TYR CE1  C Y N 342 
TYR CE2  C Y N 343 
TYR CZ   C Y N 344 
TYR OH   O N N 345 
TYR OXT  O N N 346 
TYR H    H N N 347 
TYR H2   H N N 348 
TYR HA   H N N 349 
TYR HB2  H N N 350 
TYR HB3  H N N 351 
TYR HD1  H N N 352 
TYR HD2  H N N 353 
TYR HE1  H N N 354 
TYR HE2  H N N 355 
TYR HH   H N N 356 
TYR HXT  H N N 357 
VAL N    N N N 358 
VAL CA   C N S 359 
VAL C    C N N 360 
VAL O    O N N 361 
VAL CB   C N N 362 
VAL CG1  C N N 363 
VAL CG2  C N N 364 
VAL OXT  O N N 365 
VAL H    H N N 366 
VAL H2   H N N 367 
VAL HA   H N N 368 
VAL HB   H N N 369 
VAL HG11 H N N 370 
VAL HG12 H N N 371 
VAL HG13 H N N 372 
VAL HG21 H N N 373 
VAL HG22 H N N 374 
VAL HG23 H N N 375 
VAL HXT  H N N 376 
# 
loop_
_chem_comp_bond.comp_id 
_chem_comp_bond.atom_id_1 
_chem_comp_bond.atom_id_2 
_chem_comp_bond.value_order 
_chem_comp_bond.pdbx_aromatic_flag 
_chem_comp_bond.pdbx_stereo_config 
_chem_comp_bond.pdbx_ordinal 
ALA N   CA   sing N N 1   
ALA N   H    sing N N 2   
ALA N   H2   sing N N 3   
ALA CA  C    sing N N 4   
ALA CA  CB   sing N N 5   
ALA CA  HA   sing N N 6   
ALA C   O    doub N N 7   
ALA C   OXT  sing N N 8   
ALA CB  HB1  sing N N 9   
ALA CB  HB2  sing N N 10  
ALA CB  HB3  sing N N 11  
ALA OXT HXT  sing N N 12  
ARG N   CA   sing N N 13  
ARG N   H    sing N N 14  
ARG N   H2   sing N N 15  
ARG CA  C    sing N N 16  
ARG CA  CB   sing N N 17  
ARG CA  HA   sing N N 18  
ARG C   O    doub N N 19  
ARG C   OXT  sing N N 20  
ARG CB  CG   sing N N 21  
ARG CB  HB2  sing N N 22  
ARG CB  HB3  sing N N 23  
ARG CG  CD   sing N N 24  
ARG CG  HG2  sing N N 25  
ARG CG  HG3  sing N N 26  
ARG CD  NE   sing N N 27  
ARG CD  HD2  sing N N 28  
ARG CD  HD3  sing N N 29  
ARG NE  CZ   sing N N 30  
ARG NE  HE   sing N N 31  
ARG CZ  NH1  sing N N 32  
ARG CZ  NH2  doub N N 33  
ARG NH1 HH11 sing N N 34  
ARG NH1 HH12 sing N N 35  
ARG NH2 HH21 sing N N 36  
ARG NH2 HH22 sing N N 37  
ARG OXT HXT  sing N N 38  
ASN N   CA   sing N N 39  
ASN N   H    sing N N 40  
ASN N   H2   sing N N 41  
ASN CA  C    sing N N 42  
ASN CA  CB   sing N N 43  
ASN CA  HA   sing N N 44  
ASN C   O    doub N N 45  
ASN C   OXT  sing N N 46  
ASN CB  CG   sing N N 47  
ASN CB  HB2  sing N N 48  
ASN CB  HB3  sing N N 49  
ASN CG  OD1  doub N N 50  
ASN CG  ND2  sing N N 51  
ASN ND2 HD21 sing N N 52  
ASN ND2 HD22 sing N N 53  
ASN OXT HXT  sing N N 54  
ASP N   CA   sing N N 55  
ASP N   H    sing N N 56  
ASP N   H2   sing N N 57  
ASP CA  C    sing N N 58  
ASP CA  CB   sing N N 59  
ASP CA  HA   sing N N 60  
ASP C   O    doub N N 61  
ASP C   OXT  sing N N 62  
ASP CB  CG   sing N N 63  
ASP CB  HB2  sing N N 64  
ASP CB  HB3  sing N N 65  
ASP CG  OD1  doub N N 66  
ASP CG  OD2  sing N N 67  
ASP OD2 HD2  sing N N 68  
ASP OXT HXT  sing N N 69  
GLN N   CA   sing N N 70  
GLN N   H    sing N N 71  
GLN N   H2   sing N N 72  
GLN CA  C    sing N N 73  
GLN CA  CB   sing N N 74  
GLN CA  HA   sing N N 75  
GLN C   O    doub N N 76  
GLN C   OXT  sing N N 77  
GLN CB  CG   sing N N 78  
GLN CB  HB2  sing N N 79  
GLN CB  HB3  sing N N 80  
GLN CG  CD   sing N N 81  
GLN CG  HG2  sing N N 82  
GLN CG  HG3  sing N N 83  
GLN CD  OE1  doub N N 84  
GLN CD  NE2  sing N N 85  
GLN NE2 HE21 sing N N 86  
GLN NE2 HE22 sing N N 87  
GLN OXT HXT  sing N N 88  
GLU N   CA   sing N N 89  
GLU N   H    sing N N 90  
GLU N   H2   sing N N 91  
GLU CA  C    sing N N 92  
GLU CA  CB   sing N N 93  
GLU CA  HA   sing N N 94  
GLU C   O    doub N N 95  
GLU C   OXT  sing N N 96  
GLU CB  CG   sing N N 97  
GLU CB  HB2  sing N N 98  
GLU CB  HB3  sing N N 99  
GLU CG  CD   sing N N 100 
GLU CG  HG2  sing N N 101 
GLU CG  HG3  sing N N 102 
GLU CD  OE1  doub N N 103 
GLU CD  OE2  sing N N 104 
GLU OE2 HE2  sing N N 105 
GLU OXT HXT  sing N N 106 
GLY N   CA   sing N N 107 
GLY N   H    sing N N 108 
GLY N   H2   sing N N 109 
GLY CA  C    sing N N 110 
GLY CA  HA2  sing N N 111 
GLY CA  HA3  sing N N 112 
GLY C   O    doub N N 113 
GLY C   OXT  sing N N 114 
GLY OXT HXT  sing N N 115 
HIS N   CA   sing N N 116 
HIS N   H    sing N N 117 
HIS N   H2   sing N N 118 
HIS CA  C    sing N N 119 
HIS CA  CB   sing N N 120 
HIS CA  HA   sing N N 121 
HIS C   O    doub N N 122 
HIS C   OXT  sing N N 123 
HIS CB  CG   sing N N 124 
HIS CB  HB2  sing N N 125 
HIS CB  HB3  sing N N 126 
HIS CG  ND1  sing Y N 127 
HIS CG  CD2  doub Y N 128 
HIS ND1 CE1  doub Y N 129 
HIS ND1 HD1  sing N N 130 
HIS CD2 NE2  sing Y N 131 
HIS CD2 HD2  sing N N 132 
HIS CE1 NE2  sing Y N 133 
HIS CE1 HE1  sing N N 134 
HIS NE2 HE2  sing N N 135 
HIS OXT HXT  sing N N 136 
HOH O   H1   sing N N 137 
HOH O   H2   sing N N 138 
ILE N   CA   sing N N 139 
ILE N   H    sing N N 140 
ILE N   H2   sing N N 141 
ILE CA  C    sing N N 142 
ILE CA  CB   sing N N 143 
ILE CA  HA   sing N N 144 
ILE C   O    doub N N 145 
ILE C   OXT  sing N N 146 
ILE CB  CG1  sing N N 147 
ILE CB  CG2  sing N N 148 
ILE CB  HB   sing N N 149 
ILE CG1 CD1  sing N N 150 
ILE CG1 HG12 sing N N 151 
ILE CG1 HG13 sing N N 152 
ILE CG2 HG21 sing N N 153 
ILE CG2 HG22 sing N N 154 
ILE CG2 HG23 sing N N 155 
ILE CD1 HD11 sing N N 156 
ILE CD1 HD12 sing N N 157 
ILE CD1 HD13 sing N N 158 
ILE OXT HXT  sing N N 159 
LEU N   CA   sing N N 160 
LEU N   H    sing N N 161 
LEU N   H2   sing N N 162 
LEU CA  C    sing N N 163 
LEU CA  CB   sing N N 164 
LEU CA  HA   sing N N 165 
LEU C   O    doub N N 166 
LEU C   OXT  sing N N 167 
LEU CB  CG   sing N N 168 
LEU CB  HB2  sing N N 169 
LEU CB  HB3  sing N N 170 
LEU CG  CD1  sing N N 171 
LEU CG  CD2  sing N N 172 
LEU CG  HG   sing N N 173 
LEU CD1 HD11 sing N N 174 
LEU CD1 HD12 sing N N 175 
LEU CD1 HD13 sing N N 176 
LEU CD2 HD21 sing N N 177 
LEU CD2 HD22 sing N N 178 
LEU CD2 HD23 sing N N 179 
LEU OXT HXT  sing N N 180 
LYS N   CA   sing N N 181 
LYS N   H    sing N N 182 
LYS N   H2   sing N N 183 
LYS CA  C    sing N N 184 
LYS CA  CB   sing N N 185 
LYS CA  HA   sing N N 186 
LYS C   O    doub N N 187 
LYS C   OXT  sing N N 188 
LYS CB  CG   sing N N 189 
LYS CB  HB2  sing N N 190 
LYS CB  HB3  sing N N 191 
LYS CG  CD   sing N N 192 
LYS CG  HG2  sing N N 193 
LYS CG  HG3  sing N N 194 
LYS CD  CE   sing N N 195 
LYS CD  HD2  sing N N 196 
LYS CD  HD3  sing N N 197 
LYS CE  NZ   sing N N 198 
LYS CE  HE2  sing N N 199 
LYS CE  HE3  sing N N 200 
LYS NZ  HZ1  sing N N 201 
LYS NZ  HZ2  sing N N 202 
LYS NZ  HZ3  sing N N 203 
LYS OXT HXT  sing N N 204 
MET N   CA   sing N N 205 
MET N   H    sing N N 206 
MET N   H2   sing N N 207 
MET CA  C    sing N N 208 
MET CA  CB   sing N N 209 
MET CA  HA   sing N N 210 
MET C   O    doub N N 211 
MET C   OXT  sing N N 212 
MET CB  CG   sing N N 213 
MET CB  HB2  sing N N 214 
MET CB  HB3  sing N N 215 
MET CG  SD   sing N N 216 
MET CG  HG2  sing N N 217 
MET CG  HG3  sing N N 218 
MET SD  CE   sing N N 219 
MET CE  HE1  sing N N 220 
MET CE  HE2  sing N N 221 
MET CE  HE3  sing N N 222 
MET OXT HXT  sing N N 223 
PHE N   CA   sing N N 224 
PHE N   H    sing N N 225 
PHE N   H2   sing N N 226 
PHE CA  C    sing N N 227 
PHE CA  CB   sing N N 228 
PHE CA  HA   sing N N 229 
PHE C   O    doub N N 230 
PHE C   OXT  sing N N 231 
PHE CB  CG   sing N N 232 
PHE CB  HB2  sing N N 233 
PHE CB  HB3  sing N N 234 
PHE CG  CD1  doub Y N 235 
PHE CG  CD2  sing Y N 236 
PHE CD1 CE1  sing Y N 237 
PHE CD1 HD1  sing N N 238 
PHE CD2 CE2  doub Y N 239 
PHE CD2 HD2  sing N N 240 
PHE CE1 CZ   doub Y N 241 
PHE CE1 HE1  sing N N 242 
PHE CE2 CZ   sing Y N 243 
PHE CE2 HE2  sing N N 244 
PHE CZ  HZ   sing N N 245 
PHE OXT HXT  sing N N 246 
PRO N   CA   sing N N 247 
PRO N   CD   sing N N 248 
PRO N   H    sing N N 249 
PRO CA  C    sing N N 250 
PRO CA  CB   sing N N 251 
PRO CA  HA   sing N N 252 
PRO C   O    doub N N 253 
PRO C   OXT  sing N N 254 
PRO CB  CG   sing N N 255 
PRO CB  HB2  sing N N 256 
PRO CB  HB3  sing N N 257 
PRO CG  CD   sing N N 258 
PRO CG  HG2  sing N N 259 
PRO CG  HG3  sing N N 260 
PRO CD  HD2  sing N N 261 
PRO CD  HD3  sing N N 262 
PRO OXT HXT  sing N N 263 
SER N   CA   sing N N 264 
SER N   H    sing N N 265 
SER N   H2   sing N N 266 
SER CA  C    sing N N 267 
SER CA  CB   sing N N 268 
SER CA  HA   sing N N 269 
SER C   O    doub N N 270 
SER C   OXT  sing N N 271 
SER CB  OG   sing N N 272 
SER CB  HB2  sing N N 273 
SER CB  HB3  sing N N 274 
SER OG  HG   sing N N 275 
SER OXT HXT  sing N N 276 
THR N   CA   sing N N 277 
THR N   H    sing N N 278 
THR N   H2   sing N N 279 
THR CA  C    sing N N 280 
THR CA  CB   sing N N 281 
THR CA  HA   sing N N 282 
THR C   O    doub N N 283 
THR C   OXT  sing N N 284 
THR CB  OG1  sing N N 285 
THR CB  CG2  sing N N 286 
THR CB  HB   sing N N 287 
THR OG1 HG1  sing N N 288 
THR CG2 HG21 sing N N 289 
THR CG2 HG22 sing N N 290 
THR CG2 HG23 sing N N 291 
THR OXT HXT  sing N N 292 
TRP N   CA   sing N N 293 
TRP N   H    sing N N 294 
TRP N   H2   sing N N 295 
TRP CA  C    sing N N 296 
TRP CA  CB   sing N N 297 
TRP CA  HA   sing N N 298 
TRP C   O    doub N N 299 
TRP C   OXT  sing N N 300 
TRP CB  CG   sing N N 301 
TRP CB  HB2  sing N N 302 
TRP CB  HB3  sing N N 303 
TRP CG  CD1  doub Y N 304 
TRP CG  CD2  sing Y N 305 
TRP CD1 NE1  sing Y N 306 
TRP CD1 HD1  sing N N 307 
TRP CD2 CE2  doub Y N 308 
TRP CD2 CE3  sing Y N 309 
TRP NE1 CE2  sing Y N 310 
TRP NE1 HE1  sing N N 311 
TRP CE2 CZ2  sing Y N 312 
TRP CE3 CZ3  doub Y N 313 
TRP CE3 HE3  sing N N 314 
TRP CZ2 CH2  doub Y N 315 
TRP CZ2 HZ2  sing N N 316 
TRP CZ3 CH2  sing Y N 317 
TRP CZ3 HZ3  sing N N 318 
TRP CH2 HH2  sing N N 319 
TRP OXT HXT  sing N N 320 
TYR N   CA   sing N N 321 
TYR N   H    sing N N 322 
TYR N   H2   sing N N 323 
TYR CA  C    sing N N 324 
TYR CA  CB   sing N N 325 
TYR CA  HA   sing N N 326 
TYR C   O    doub N N 327 
TYR C   OXT  sing N N 328 
TYR CB  CG   sing N N 329 
TYR CB  HB2  sing N N 330 
TYR CB  HB3  sing N N 331 
TYR CG  CD1  doub Y N 332 
TYR CG  CD2  sing Y N 333 
TYR CD1 CE1  sing Y N 334 
TYR CD1 HD1  sing N N 335 
TYR CD2 CE2  doub Y N 336 
TYR CD2 HD2  sing N N 337 
TYR CE1 CZ   doub Y N 338 
TYR CE1 HE1  sing N N 339 
TYR CE2 CZ   sing Y N 340 
TYR CE2 HE2  sing N N 341 
TYR CZ  OH   sing N N 342 
TYR OH  HH   sing N N 343 
TYR OXT HXT  sing N N 344 
VAL N   CA   sing N N 345 
VAL N   H    sing N N 346 
VAL N   H2   sing N N 347 
VAL CA  C    sing N N 348 
VAL CA  CB   sing N N 349 
VAL CA  HA   sing N N 350 
VAL C   O    doub N N 351 
VAL C   OXT  sing N N 352 
VAL CB  CG1  sing N N 353 
VAL CB  CG2  sing N N 354 
VAL CB  HB   sing N N 355 
VAL CG1 HG11 sing N N 356 
VAL CG1 HG12 sing N N 357 
VAL CG1 HG13 sing N N 358 
VAL CG2 HG21 sing N N 359 
VAL CG2 HG22 sing N N 360 
VAL CG2 HG23 sing N N 361 
VAL OXT HXT  sing N N 362 
# 
_atom_sites.entry_id                    1NPK 
_atom_sites.fract_transf_matrix[1][1]   0.00372233 
_atom_sites.fract_transf_matrix[1][2]   -0.01155126 
_atom_sites.fract_transf_matrix[1][3]   -0.00974096 
_atom_sites.fract_transf_matrix[2][1]   -0.00164676 
_atom_sites.fract_transf_matrix[2][2]   -0.01480646 
_atom_sites.fract_transf_matrix[2][3]   0.00449807 
_atom_sites.fract_transf_matrix[3][1]   -0.00889690 
_atom_sites.fract_transf_matrix[3][2]   -0.00003185 
_atom_sites.fract_transf_matrix[3][3]   -0.00336202 
_atom_sites.fract_transf_vector[1]      0.036071 
_atom_sites.fract_transf_vector[2]      0.493418 
_atom_sites.fract_transf_vector[3]      0.136840 
# 
loop_
_atom_type.symbol 
C 
N 
O 
S 
# 
loop_
_atom_site.group_PDB 
_atom_site.id 
_atom_site.type_symbol 
_atom_site.label_atom_id 
_atom_site.label_alt_id 
_atom_site.label_comp_id 
_atom_site.label_asym_id 
_atom_site.label_entity_id 
_atom_site.label_seq_id 
_atom_site.pdbx_PDB_ins_code 
_atom_site.Cartn_x 
_atom_site.Cartn_y 
_atom_site.Cartn_z 
_atom_site.occupancy 
_atom_site.B_iso_or_equiv 
_atom_site.pdbx_formal_charge 
_atom_site.auth_seq_id 
_atom_site.auth_comp_id 
_atom_site.auth_asym_id 
_atom_site.auth_atom_id 
_atom_site.pdbx_PDB_model_num 
ATOM   1    N N   . VAL A 1 5   ? 2.449   -12.924 15.569  1.00 42.64 ? 6   VAL A N   1 
ATOM   2    C CA  . VAL A 1 5   ? 1.012   -12.549 15.806  1.00 41.56 ? 6   VAL A CA  1 
ATOM   3    C C   . VAL A 1 5   ? 0.269   -12.190 14.507  1.00 40.07 ? 6   VAL A C   1 
ATOM   4    O O   . VAL A 1 5   ? 0.821   -11.555 13.597  1.00 38.95 ? 6   VAL A O   1 
ATOM   5    C CB  . VAL A 1 5   ? 0.848   -11.374 16.848  1.00 40.84 ? 6   VAL A CB  1 
ATOM   6    C CG1 . VAL A 1 5   ? 0.726   -10.019 16.155  1.00 41.39 ? 6   VAL A CG1 1 
ATOM   7    C CG2 . VAL A 1 5   ? -0.386  -11.601 17.708  1.00 41.49 ? 6   VAL A CG2 1 
ATOM   8    N N   . ASN A 1 6   ? -1.013  -12.547 14.490  1.00 39.49 ? 7   ASN A N   1 
ATOM   9    C CA  . ASN A 1 6   ? -1.855  -12.564 13.292  1.00 38.25 ? 7   ASN A CA  1 
ATOM   10   C C   . ASN A 1 6   ? -2.630  -11.261 13.102  1.00 35.65 ? 7   ASN A C   1 
ATOM   11   O O   . ASN A 1 6   ? -3.498  -11.171 12.236  1.00 36.32 ? 7   ASN A O   1 
ATOM   12   C CB  . ASN A 1 6   ? -2.843  -13.742 13.370  1.00 38.80 ? 7   ASN A CB  1 
ATOM   13   C CG  . ASN A 1 6   ? -2.145  -15.099 13.516  1.00 43.08 ? 7   ASN A CG  1 
ATOM   14   O OD1 . ASN A 1 6   ? -2.769  -16.080 13.918  1.00 45.99 ? 7   ASN A OD1 1 
ATOM   15   N ND2 . ASN A 1 6   ? -0.859  -15.165 13.167  1.00 41.16 ? 7   ASN A ND2 1 
ATOM   16   N N   . LYS A 1 7   ? -2.356  -10.280 13.960  1.00 34.66 ? 8   LYS A N   1 
ATOM   17   C CA  . LYS A 1 7   ? -3.056  -8.991  13.934  1.00 32.06 ? 8   LYS A CA  1 
ATOM   18   C C   . LYS A 1 7   ? -2.141  -7.885  13.417  1.00 26.71 ? 8   LYS A C   1 
ATOM   19   O O   . LYS A 1 7   ? -2.431  -6.703  13.572  1.00 26.47 ? 8   LYS A O   1 
ATOM   20   C CB  . LYS A 1 7   ? -3.571  -8.630  15.338  1.00 37.90 ? 8   LYS A CB  1 
ATOM   21   C CG  . LYS A 1 7   ? -4.469  -9.702  15.982  1.00 47.49 ? 8   LYS A CG  1 
ATOM   22   C CD  . LYS A 1 7   ? -5.625  -9.092  16.825  1.00 55.01 ? 8   LYS A CD  1 
ATOM   23   C CE  . LYS A 1 7   ? -6.260  -10.132 17.798  1.00 59.76 ? 8   LYS A CE  1 
ATOM   24   N NZ  . LYS A 1 7   ? -7.773  -10.287 17.733  1.00 64.00 ? 8   LYS A NZ  1 
ATOM   25   N N   . GLU A 1 8   ? -0.987  -8.273  12.887  1.00 21.59 ? 9   GLU A N   1 
ATOM   26   C CA  . GLU A 1 8   ? -0.147  -7.331  12.186  1.00 20.39 ? 9   GLU A CA  1 
ATOM   27   C C   . GLU A 1 8   ? -0.891  -6.690  11.011  1.00 18.70 ? 9   GLU A C   1 
ATOM   28   O O   . GLU A 1 8   ? -1.670  -7.346  10.305  1.00 18.73 ? 9   GLU A O   1 
ATOM   29   C CB  . GLU A 1 8   ? 1.105   -8.012  11.673  1.00 16.64 ? 9   GLU A CB  1 
ATOM   30   C CG  . GLU A 1 8   ? 2.138   -7.021  11.178  1.00 19.50 ? 9   GLU A CG  1 
ATOM   31   C CD  . GLU A 1 8   ? 3.442   -7.687  10.822  1.00 21.97 ? 9   GLU A CD  1 
ATOM   32   O OE1 . GLU A 1 8   ? 4.049   -8.323  11.720  1.00 18.99 ? 9   GLU A OE1 1 
ATOM   33   O OE2 . GLU A 1 8   ? 3.821   -7.641  9.629   1.00 22.47 ? 9   GLU A OE2 1 
ATOM   34   N N   . ARG A 1 9   ? -0.697  -5.389  10.868  1.00 18.12 ? 10  ARG A N   1 
ATOM   35   C CA  . ARG A 1 9   ? -1.280  -4.616  9.775   1.00 18.22 ? 10  ARG A CA  1 
ATOM   36   C C   . ARG A 1 9   ? -0.260  -3.891  8.922   1.00 17.00 ? 10  ARG A C   1 
ATOM   37   O O   . ARG A 1 9   ? 0.791   -3.473  9.396   1.00 16.90 ? 10  ARG A O   1 
ATOM   38   C CB  . ARG A 1 9   ? -2.281  -3.612  10.323  1.00 16.33 ? 10  ARG A CB  1 
ATOM   39   C CG  . ARG A 1 9   ? -3.452  -4.291  10.950  1.00 16.63 ? 10  ARG A CG  1 
ATOM   40   C CD  . ARG A 1 9   ? -4.283  -3.326  11.718  1.00 20.80 ? 10  ARG A CD  1 
ATOM   41   N NE  . ARG A 1 9   ? -5.490  -3.987  12.182  1.00 21.89 ? 10  ARG A NE  1 
ATOM   42   C CZ  . ARG A 1 9   ? -6.623  -3.361  12.485  1.00 25.94 ? 10  ARG A CZ  1 
ATOM   43   N NH1 . ARG A 1 9   ? -6.641  -2.029  12.606  1.00 25.03 ? 10  ARG A NH1 1 
ATOM   44   N NH2 . ARG A 1 9   ? -7.719  -4.074  12.763  1.00 25.25 ? 10  ARG A NH2 1 
ATOM   45   N N   . THR A 1 10  ? -0.553  -3.795  7.635   1.00 14.57 ? 11  THR A N   1 
ATOM   46   C CA  . THR A 1 10  ? 0.210   -2.923  6.797   1.00 13.61 ? 11  THR A CA  1 
ATOM   47   C C   . THR A 1 10  ? -0.665  -1.966  5.999   1.00 15.25 ? 11  THR A C   1 
ATOM   48   O O   . THR A 1 10  ? -1.878  -2.167  5.850   1.00 15.18 ? 11  THR A O   1 
ATOM   49   C CB  . THR A 1 10  ? 1.086   -3.686  5.850   1.00 13.21 ? 11  THR A CB  1 
ATOM   50   O OG1 . THR A 1 10  ? 2.080   -2.789  5.344   1.00 15.52 ? 11  THR A OG1 1 
ATOM   51   C CG2 . THR A 1 10  ? 0.251   -4.268  4.691   1.00 10.76 ? 11  THR A CG2 1 
ATOM   52   N N   . PHE A 1 11  ? -0.062  -0.852  5.620   1.00 14.91 ? 12  PHE A N   1 
ATOM   53   C CA  . PHE A 1 11  ? -0.731  0.137   4.788   1.00 15.32 ? 12  PHE A CA  1 
ATOM   54   C C   . PHE A 1 11  ? -0.286  -0.011  3.323   1.00 13.65 ? 12  PHE A C   1 
ATOM   55   O O   . PHE A 1 11  ? 0.909   -0.047  3.011   1.00 15.65 ? 12  PHE A O   1 
ATOM   56   C CB  . PHE A 1 11  ? -0.428  1.555   5.309   1.00 11.74 ? 12  PHE A CB  1 
ATOM   57   C CG  . PHE A 1 11  ? -0.984  2.642   4.448   1.00 11.86 ? 12  PHE A CG  1 
ATOM   58   C CD1 . PHE A 1 11  ? -2.336  2.881   4.421   1.00 11.45 ? 12  PHE A CD1 1 
ATOM   59   C CD2 . PHE A 1 11  ? -0.168  3.374   3.618   1.00 12.53 ? 12  PHE A CD2 1 
ATOM   60   C CE1 . PHE A 1 11  ? -2.859  3.834   3.569   1.00 12.97 ? 12  PHE A CE1 1 
ATOM   61   C CE2 . PHE A 1 11  ? -0.691  4.332   2.760   1.00 12.62 ? 12  PHE A CE2 1 
ATOM   62   C CZ  . PHE A 1 11  ? -2.031  4.558   2.729   1.00 11.04 ? 12  PHE A CZ  1 
ATOM   63   N N   . LEU A 1 12  ? -1.255  -0.129  2.432   1.00 14.64 ? 13  LEU A N   1 
ATOM   64   C CA  . LEU A 1 12  ? -0.975  -0.098  0.999   1.00 14.47 ? 13  LEU A CA  1 
ATOM   65   C C   . LEU A 1 12  ? -1.815  0.984   0.317   1.00 12.54 ? 13  LEU A C   1 
ATOM   66   O O   . LEU A 1 12  ? -2.923  1.293   0.732   1.00 13.11 ? 13  LEU A O   1 
ATOM   67   C CB  . LEU A 1 12  ? -1.288  -1.447  0.359   1.00 15.42 ? 13  LEU A CB  1 
ATOM   68   C CG  . LEU A 1 12  ? -0.713  -2.719  0.960   1.00 17.54 ? 13  LEU A CG  1 
ATOM   69   C CD1 . LEU A 1 12  ? -1.389  -3.889  0.294   1.00 23.36 ? 13  LEU A CD1 1 
ATOM   70   C CD2 . LEU A 1 12  ? 0.766   -2.775  0.736   1.00 21.03 ? 13  LEU A CD2 1 
ATOM   71   N N   . ALA A 1 13  ? -1.229  1.632   -0.665  1.00 13.38 ? 14  ALA A N   1 
ATOM   72   C CA  . ALA A 1 13  ? -1.952  2.647   -1.408  1.00 13.87 ? 14  ALA A CA  1 
ATOM   73   C C   . ALA A 1 13  ? -1.666  2.373   -2.876  1.00 15.51 ? 14  ALA A C   1 
ATOM   74   O O   . ALA A 1 13  ? -0.506  2.205   -3.289  1.00 14.63 ? 14  ALA A O   1 
ATOM   75   C CB  . ALA A 1 13  ? -1.465  4.031   -1.021  1.00 12.52 ? 14  ALA A CB  1 
ATOM   76   N N   . VAL A 1 14  ? -2.726  2.141   -3.632  1.00 14.19 ? 15  VAL A N   1 
ATOM   77   C CA  . VAL A 1 14  ? -2.577  2.077   -5.063  1.00 13.08 ? 15  VAL A CA  1 
ATOM   78   C C   . VAL A 1 14  ? -2.434  3.528   -5.554  1.00 13.56 ? 15  VAL A C   1 
ATOM   79   O O   . VAL A 1 14  ? -3.338  4.347   -5.384  1.00 13.48 ? 15  VAL A O   1 
ATOM   80   C CB  . VAL A 1 14  ? -3.808  1.399   -5.690  1.00 11.59 ? 15  VAL A CB  1 
ATOM   81   C CG1 . VAL A 1 14  ? -3.566  1.168   -7.174  1.00 12.80 ? 15  VAL A CG1 1 
ATOM   82   C CG2 . VAL A 1 14  ? -4.146  0.100   -4.947  1.00 11.21 ? 15  VAL A CG2 1 
ATOM   83   N N   . LYS A 1 15  ? -1.265  3.878   -6.066  1.00 13.95 ? 16  LYS A N   1 
ATOM   84   C CA  . LYS A 1 15  ? -1.010  5.258   -6.426  1.00 15.04 ? 16  LYS A CA  1 
ATOM   85   C C   . LYS A 1 15  ? -1.727  5.652   -7.711  1.00 15.85 ? 16  LYS A C   1 
ATOM   86   O O   . LYS A 1 15  ? -2.442  4.839   -8.312  1.00 15.05 ? 16  LYS A O   1 
ATOM   87   C CB  . LYS A 1 15  ? 0.492   5.476   -6.528  1.00 15.79 ? 16  LYS A CB  1 
ATOM   88   C CG  . LYS A 1 15  ? 1.136   5.318   -5.160  1.00 17.40 ? 16  LYS A CG  1 
ATOM   89   C CD  . LYS A 1 15  ? 2.539   5.817   -5.166  1.00 17.38 ? 16  LYS A CD  1 
ATOM   90   C CE  . LYS A 1 15  ? 3.410   4.746   -5.713  1.00 18.87 ? 16  LYS A CE  1 
ATOM   91   N NZ  . LYS A 1 15  ? 4.749   5.285   -5.967  1.00 23.46 ? 16  LYS A NZ  1 
ATOM   92   N N   . PRO A 1 16  ? -1.674  6.938   -8.069  1.00 15.81 ? 17  PRO A N   1 
ATOM   93   C CA  . PRO A 1 16  ? -2.643  7.340   -9.089  1.00 15.48 ? 17  PRO A CA  1 
ATOM   94   C C   . PRO A 1 16  ? -2.410  6.676   -10.446 1.00 14.65 ? 17  PRO A C   1 
ATOM   95   O O   . PRO A 1 16  ? -3.345  6.531   -11.229 1.00 14.98 ? 17  PRO A O   1 
ATOM   96   C CB  . PRO A 1 16  ? -2.496  8.858   -9.139  1.00 16.61 ? 17  PRO A CB  1 
ATOM   97   C CG  . PRO A 1 16  ? -2.056  9.226   -7.768  1.00 14.51 ? 17  PRO A CG  1 
ATOM   98   C CD  . PRO A 1 16  ? -1.142  8.099   -7.328  1.00 15.49 ? 17  PRO A CD  1 
ATOM   99   N N   . ASP A 1 17  ? -1.198  6.181   -10.689 1.00 13.60 ? 18  ASP A N   1 
ATOM   100  C CA  . ASP A 1 17  ? -0.937  5.449   -11.930 1.00 14.03 ? 18  ASP A CA  1 
ATOM   101  C C   . ASP A 1 17  ? -1.604  4.070   -11.939 1.00 14.49 ? 18  ASP A C   1 
ATOM   102  O O   . ASP A 1 17  ? -2.152  3.643   -12.949 1.00 14.98 ? 18  ASP A O   1 
ATOM   103  C CB  . ASP A 1 17  ? 0.567   5.314   -12.205 1.00 13.40 ? 18  ASP A CB  1 
ATOM   104  C CG  . ASP A 1 17  ? 1.330   4.776   -11.023 1.00 13.18 ? 18  ASP A CG  1 
ATOM   105  O OD1 . ASP A 1 17  ? 1.025   5.135   -9.883  1.00 13.20 ? 18  ASP A OD1 1 
ATOM   106  O OD2 . ASP A 1 17  ? 2.191   3.915   -11.223 1.00 17.25 ? 18  ASP A OD2 1 
ATOM   107  N N   . GLY A 1 18  ? -1.641  3.430   -10.776 1.00 14.81 ? 19  GLY A N   1 
ATOM   108  C CA  . GLY A 1 18  ? -2.253  2.126   -10.657 1.00 15.01 ? 19  GLY A CA  1 
ATOM   109  C C   . GLY A 1 18  ? -3.760  2.238   -10.721 1.00 13.94 ? 19  GLY A C   1 
ATOM   110  O O   . GLY A 1 18  ? -4.416  1.406   -11.324 1.00 14.23 ? 19  GLY A O   1 
ATOM   111  N N   . VAL A 1 19  ? -4.307  3.320   -10.194 1.00 13.58 ? 20  VAL A N   1 
ATOM   112  C CA  . VAL A 1 19  ? -5.735  3.553   -10.288 1.00 12.94 ? 20  VAL A CA  1 
ATOM   113  C C   . VAL A 1 19  ? -6.125  3.889   -11.725 1.00 14.87 ? 20  VAL A C   1 
ATOM   114  O O   . VAL A 1 19  ? -7.080  3.312   -12.271 1.00 15.04 ? 20  VAL A O   1 
ATOM   115  C CB  . VAL A 1 19  ? -6.180  4.699   -9.375  1.00 12.46 ? 20  VAL A CB  1 
ATOM   116  C CG1 . VAL A 1 19  ? -7.672  4.933   -9.547  1.00 13.22 ? 20  VAL A CG1 1 
ATOM   117  C CG2 . VAL A 1 19  ? -5.863  4.371   -7.914  1.00 12.58 ? 20  VAL A CG2 1 
ATOM   118  N N   . ALA A 1 20  ? -5.326  4.730   -12.377 1.00 14.41 ? 21  ALA A N   1 
ATOM   119  C CA  . ALA A 1 20  ? -5.596  5.144   -13.743 1.00 13.85 ? 21  ALA A CA  1 
ATOM   120  C C   . ALA A 1 20  ? -5.488  3.970   -14.721 1.00 16.09 ? 21  ALA A C   1 
ATOM   121  O O   . ALA A 1 20  ? -6.198  3.941   -15.712 1.00 17.02 ? 21  ALA A O   1 
ATOM   122  C CB  . ALA A 1 20  ? -4.638  6.256   -14.162 1.00 13.11 ? 21  ALA A CB  1 
ATOM   123  N N   . ARG A 1 21  ? -4.616  3.004   -14.438 1.00 15.03 ? 22  ARG A N   1 
ATOM   124  C CA  . ARG A 1 21  ? -4.427  1.830   -15.290 1.00 13.31 ? 22  ARG A CA  1 
ATOM   125  C C   . ARG A 1 21  ? -5.397  0.670   -15.001 1.00 13.27 ? 22  ARG A C   1 
ATOM   126  O O   . ARG A 1 21  ? -5.282  -0.393  -15.594 1.00 15.72 ? 22  ARG A O   1 
ATOM   127  C CB  . ARG A 1 21  ? -2.978  1.365   -15.172 1.00 12.05 ? 22  ARG A CB  1 
ATOM   128  C CG  . ARG A 1 21  ? -2.019  2.398   -15.702 1.00 11.83 ? 22  ARG A CG  1 
ATOM   129  C CD  . ARG A 1 21  ? -0.605  1.959   -15.528 1.00 11.72 ? 22  ARG A CD  1 
ATOM   130  N NE  . ARG A 1 21  ? -0.416  0.683   -16.201 1.00 18.18 ? 22  ARG A NE  1 
ATOM   131  C CZ  . ARG A 1 21  ? 0.494   -0.220  -15.867 1.00 16.02 ? 22  ARG A CZ  1 
ATOM   132  N NH1 . ARG A 1 21  ? 1.352   0.038   -14.891 1.00 14.00 ? 22  ARG A NH1 1 
ATOM   133  N NH2 . ARG A 1 21  ? 0.613   -1.330  -16.587 1.00 14.62 ? 22  ARG A NH2 1 
ATOM   134  N N   . GLY A 1 22  ? -6.375  0.898   -14.127 1.00 12.35 ? 23  GLY A N   1 
ATOM   135  C CA  . GLY A 1 22  ? -7.387  -0.100  -13.848 1.00 11.52 ? 23  GLY A CA  1 
ATOM   136  C C   . GLY A 1 22  ? -6.852  -1.308  -13.100 1.00 12.73 ? 23  GLY A C   1 
ATOM   137  O O   . GLY A 1 22  ? -7.278  -2.423  -13.351 1.00 14.87 ? 23  GLY A O   1 
ATOM   138  N N   . LEU A 1 23  ? -5.956  -1.096  -12.144 1.00 12.09 ? 24  LEU A N   1 
ATOM   139  C CA  . LEU A 1 23  ? -5.301  -2.211  -11.443 1.00 13.10 ? 24  LEU A CA  1 
ATOM   140  C C   . LEU A 1 23  ? -5.751  -2.398  -9.998  1.00 13.14 ? 24  LEU A C   1 
ATOM   141  O O   . LEU A 1 23  ? -5.240  -3.261  -9.299  1.00 15.68 ? 24  LEU A O   1 
ATOM   142  C CB  . LEU A 1 23  ? -3.769  -2.050  -11.479 1.00 13.54 ? 24  LEU A CB  1 
ATOM   143  C CG  . LEU A 1 23  ? -3.155  -2.100  -12.888 1.00 15.69 ? 24  LEU A CG  1 
ATOM   144  C CD1 . LEU A 1 23  ? -1.670  -1.758  -12.808 1.00 14.88 ? 24  LEU A CD1 1 
ATOM   145  C CD2 . LEU A 1 23  ? -3.409  -3.466  -13.529 1.00 16.00 ? 24  LEU A CD2 1 
ATOM   146  N N   . VAL A 1 24  ? -6.783  -1.673  -9.590  1.00 11.61 ? 25  VAL A N   1 
ATOM   147  C CA  . VAL A 1 24  ? -7.185  -1.663  -8.197  1.00 11.48 ? 25  VAL A CA  1 
ATOM   148  C C   . VAL A 1 24  ? -7.688  -3.017  -7.757  1.00 12.29 ? 25  VAL A C   1 
ATOM   149  O O   . VAL A 1 24  ? -7.175  -3.586  -6.772  1.00 11.85 ? 25  VAL A O   1 
ATOM   150  C CB  . VAL A 1 24  ? -8.248  -0.583  -7.951  1.00 10.20 ? 25  VAL A CB  1 
ATOM   151  C CG1 . VAL A 1 24  ? -8.834  -0.708  -6.556  1.00 10.66 ? 25  VAL A CG1 1 
ATOM   152  C CG2 . VAL A 1 24  ? -7.590  0.787   -8.162  1.00 11.52 ? 25  VAL A CG2 1 
ATOM   153  N N   . GLY A 1 25  ? -8.566  -3.605  -8.567  1.00 10.24 ? 26  GLY A N   1 
ATOM   154  C CA  . GLY A 1 25  ? -9.141  -4.897  -8.229  1.00 10.80 ? 26  GLY A CA  1 
ATOM   155  C C   . GLY A 1 25  ? -8.163  -6.059  -8.351  1.00 11.18 ? 26  GLY A C   1 
ATOM   156  O O   . GLY A 1 25  ? -8.156  -6.936  -7.508  1.00 11.48 ? 26  GLY A O   1 
ATOM   157  N N   . GLU A 1 26  ? -7.263  -5.987  -9.328  1.00 10.09 ? 27  GLU A N   1 
ATOM   158  C CA  . GLU A 1 26  ? -6.227  -6.986  -9.509  1.00 12.23 ? 27  GLU A CA  1 
ATOM   159  C C   . GLU A 1 26  ? -5.305  -7.020  -8.274  1.00 11.22 ? 27  GLU A C   1 
ATOM   160  O O   . GLU A 1 26  ? -5.061  -8.085  -7.694  1.00 10.10 ? 27  GLU A O   1 
ATOM   161  C CB  . GLU A 1 26  ? -5.448  -6.656  -10.789 1.00 13.73 ? 27  GLU A CB  1 
ATOM   162  C CG  . GLU A 1 26  ? -4.068  -7.368  -10.967 1.00 22.11 ? 27  GLU A CG  1 
ATOM   163  C CD  . GLU A 1 26  ? -4.170  -8.866  -11.295 1.00 24.52 ? 27  GLU A CD  1 
ATOM   164  O OE1 . GLU A 1 26  ? -5.095  -9.250  -12.025 1.00 27.10 ? 27  GLU A OE1 1 
ATOM   165  O OE2 . GLU A 1 26  ? -3.328  -9.662  -10.812 1.00 22.73 ? 27  GLU A OE2 1 
ATOM   166  N N   . ILE A 1 27  ? -5.003  -5.840  -7.748  1.00 9.94  ? 28  ILE A N   1 
ATOM   167  C CA  . ILE A 1 27  ? -4.156  -5.731  -6.575  1.00 10.39 ? 28  ILE A CA  1 
ATOM   168  C C   . ILE A 1 27  ? -4.844  -6.182  -5.294  1.00 10.39 ? 28  ILE A C   1 
ATOM   169  O O   . ILE A 1 27  ? -4.296  -6.977  -4.539  1.00 10.72 ? 28  ILE A O   1 
ATOM   170  C CB  . ILE A 1 27  ? -3.601  -4.295  -6.437  1.00 11.69 ? 28  ILE A CB  1 
ATOM   171  C CG1 . ILE A 1 27  ? -2.522  -4.087  -7.507  1.00 10.14 ? 28  ILE A CG1 1 
ATOM   172  C CG2 . ILE A 1 27  ? -3.129  -3.999  -4.965  1.00 11.86 ? 28  ILE A CG2 1 
ATOM   173  C CD1 . ILE A 1 27  ? -2.227  -2.643  -7.822  1.00 11.75 ? 28  ILE A CD1 1 
ATOM   174  N N   . ILE A 1 28  ? -6.063  -5.727  -5.050  1.00 10.38 ? 29  ILE A N   1 
ATOM   175  C CA  . ILE A 1 28  ? -6.807  -6.213  -3.905  1.00 11.33 ? 29  ILE A CA  1 
ATOM   176  C C   . ILE A 1 28  ? -7.016  -7.737  -3.943  1.00 10.96 ? 29  ILE A C   1 
ATOM   177  O O   . ILE A 1 28  ? -6.811  -8.412  -2.929  1.00 9.65  ? 29  ILE A O   1 
ATOM   178  C CB  . ILE A 1 28  ? -8.173  -5.511  -3.791  1.00 8.81  ? 29  ILE A CB  1 
ATOM   179  C CG1 . ILE A 1 28  ? -7.951  -4.016  -3.545  1.00 13.17 ? 29  ILE A CG1 1 
ATOM   180  C CG2 . ILE A 1 28  ? -8.956  -6.110  -2.650  1.00 10.55 ? 29  ILE A CG2 1 
ATOM   181  C CD1 . ILE A 1 28  ? -9.206  -3.144  -3.588  1.00 13.03 ? 29  ILE A CD1 1 
ATOM   182  N N   . ALA A 1 29  ? -7.322  -8.283  -5.125  1.00 9.22  ? 30  ALA A N   1 
ATOM   183  C CA  . ALA A 1 29  ? -7.527  -9.706  -5.270  1.00 9.42  ? 30  ALA A CA  1 
ATOM   184  C C   . ALA A 1 29  ? -6.295  -10.512 -4.885  1.00 10.24 ? 30  ALA A C   1 
ATOM   185  O O   . ALA A 1 29  ? -6.430  -11.588 -4.317  1.00 10.52 ? 30  ALA A O   1 
ATOM   186  C CB  . ALA A 1 29  ? -7.943  -10.042 -6.696  1.00 11.70 ? 30  ALA A CB  1 
ATOM   187  N N   . ARG A 1 30  ? -5.103  -10.013 -5.213  1.00 9.48  ? 31  ARG A N   1 
ATOM   188  C CA  . ARG A 1 30  ? -3.859  -10.699 -4.842  1.00 9.80  ? 31  ARG A CA  1 
ATOM   189  C C   . ARG A 1 30  ? -3.687  -10.849 -3.341  1.00 9.34  ? 31  ARG A C   1 
ATOM   190  O O   . ARG A 1 30  ? -3.274  -11.894 -2.869  1.00 11.16 ? 31  ARG A O   1 
ATOM   191  C CB  . ARG A 1 30  ? -2.644  -9.968  -5.422  1.00 8.67  ? 31  ARG A CB  1 
ATOM   192  C CG  . ARG A 1 30  ? -2.463  -10.241 -6.883  1.00 11.36 ? 31  ARG A CG  1 
ATOM   193  C CD  . ARG A 1 30  ? -1.275  -9.538  -7.446  1.00 15.00 ? 31  ARG A CD  1 
ATOM   194  N NE  . ARG A 1 30  ? -1.235  -9.732  -8.886  1.00 12.76 ? 31  ARG A NE  1 
ATOM   195  C CZ  . ARG A 1 30  ? -0.110  -9.843  -9.575  1.00 13.44 ? 31  ARG A CZ  1 
ATOM   196  N NH1 . ARG A 1 30  ? 1.043   -9.841  -8.923  1.00 13.00 ? 31  ARG A NH1 1 
ATOM   197  N NH2 . ARG A 1 30  ? -0.146  -10.047 -10.883 1.00 11.13 ? 31  ARG A NH2 1 
ATOM   198  N N   . TYR A 1 31  ? -4.091  -9.837  -2.591  1.00 10.63 ? 32  TYR A N   1 
ATOM   199  C CA  . TYR A 1 31  ? -3.951  -9.877  -1.143  1.00 11.30 ? 32  TYR A CA  1 
ATOM   200  C C   . TYR A 1 31  ? -5.081  -10.688 -0.521  1.00 12.45 ? 32  TYR A C   1 
ATOM   201  O O   . TYR A 1 31  ? -4.882  -11.378 0.460   1.00 12.28 ? 32  TYR A O   1 
ATOM   202  C CB  . TYR A 1 31  ? -3.926  -8.456  -0.589  1.00 10.24 ? 32  TYR A CB  1 
ATOM   203  C CG  . TYR A 1 31  ? -2.637  -7.765  -0.888  1.00 12.19 ? 32  TYR A CG  1 
ATOM   204  C CD1 . TYR A 1 31  ? -1.458  -8.181  -0.280  1.00 14.66 ? 32  TYR A CD1 1 
ATOM   205  C CD2 . TYR A 1 31  ? -2.557  -6.795  -1.877  1.00 14.90 ? 32  TYR A CD2 1 
ATOM   206  C CE1 . TYR A 1 31  ? -0.209  -7.660  -0.672  1.00 16.43 ? 32  TYR A CE1 1 
ATOM   207  C CE2 . TYR A 1 31  ? -1.320  -6.266  -2.275  1.00 17.33 ? 32  TYR A CE2 1 
ATOM   208  C CZ  . TYR A 1 31  ? -0.149  -6.710  -1.662  1.00 14.97 ? 32  TYR A CZ  1 
ATOM   209  O OH  . TYR A 1 31  ? 1.084   -6.203  -2.033  1.00 16.72 ? 32  TYR A OH  1 
ATOM   210  N N   . GLU A 1 32  ? -6.280  -10.614 -1.085  1.00 13.56 ? 33  GLU A N   1 
ATOM   211  C CA  . GLU A 1 32  ? -7.377  -11.442 -0.598  1.00 12.56 ? 33  GLU A CA  1 
ATOM   212  C C   . GLU A 1 32  ? -7.059  -12.928 -0.800  1.00 12.57 ? 33  GLU A C   1 
ATOM   213  O O   . GLU A 1 32  ? -7.292  -13.753 0.086   1.00 13.50 ? 33  GLU A O   1 
ATOM   214  C CB  . GLU A 1 32  ? -8.661  -11.105 -1.331  1.00 12.17 ? 33  GLU A CB  1 
ATOM   215  C CG  . GLU A 1 32  ? -9.318  -9.808  -0.894  1.00 11.85 ? 33  GLU A CG  1 
ATOM   216  C CD  . GLU A 1 32  ? -10.531 -9.494  -1.784  1.00 13.34 ? 33  GLU A CD  1 
ATOM   217  O OE1 . GLU A 1 32  ? -10.314 -9.351  -3.007  1.00 13.03 ? 33  GLU A OE1 1 
ATOM   218  O OE2 . GLU A 1 32  ? -11.684 -9.569  -1.302  1.00 11.68 ? 33  GLU A OE2 1 
ATOM   219  N N   . LYS A 1 33  ? -6.463  -13.264 -1.939  1.00 12.92 ? 34  LYS A N   1 
ATOM   220  C CA  . LYS A 1 33  ? -6.163  -14.655 -2.250  1.00 14.26 ? 34  LYS A CA  1 
ATOM   221  C C   . LYS A 1 33  ? -5.163  -15.202 -1.266  1.00 13.77 ? 34  LYS A C   1 
ATOM   222  O O   . LYS A 1 33  ? -5.130  -16.396 -1.030  1.00 12.89 ? 34  LYS A O   1 
ATOM   223  C CB  . LYS A 1 33  ? -5.586  -14.798 -3.648  1.00 16.67 ? 34  LYS A CB  1 
ATOM   224  C CG  . LYS A 1 33  ? -6.618  -14.805 -4.719  1.00 25.53 ? 34  LYS A CG  1 
ATOM   225  C CD  . LYS A 1 33  ? -5.920  -15.006 -6.038  1.00 33.93 ? 34  LYS A CD  1 
ATOM   226  C CE  . LYS A 1 33  ? -6.544  -14.141 -7.096  1.00 39.45 ? 34  LYS A CE  1 
ATOM   227  N NZ  . LYS A 1 33  ? -6.223  -14.699 -8.433  1.00 46.62 ? 34  LYS A NZ  1 
ATOM   228  N N   . LYS A 1 34  ? -4.174  -14.365 -0.983  1.00 12.80 ? 35  LYS A N   1 
ATOM   229  C CA  . LYS A 1 34  ? -3.123  -14.683 -0.023  1.00 14.87 ? 35  LYS A CA  1 
ATOM   230  C C   . LYS A 1 34  ? -3.685  -15.004 1.384   1.00 14.63 ? 35  LYS A C   1 
ATOM   231  O O   . LYS A 1 34  ? -3.107  -15.804 2.131   1.00 15.97 ? 35  LYS A O   1 
ATOM   232  C CB  . LYS A 1 34  ? -2.126  -13.505 0.008   1.00 13.46 ? 35  LYS A CB  1 
ATOM   233  C CG  . LYS A 1 34  ? -0.888  -13.705 0.872   1.00 13.45 ? 35  LYS A CG  1 
ATOM   234  C CD  . LYS A 1 34  ? 0.048   -14.747 0.347   1.00 11.12 ? 35  LYS A CD  1 
ATOM   235  C CE  . LYS A 1 34  ? 1.391   -14.572 1.038   1.00 10.78 ? 35  LYS A CE  1 
ATOM   236  N NZ  . LYS A 1 34  ? 2.249   -15.719 0.754   1.00 9.75  ? 35  LYS A NZ  1 
ATOM   237  N N   . GLY A 1 35  ? -4.852  -14.446 1.706   1.00 14.92 ? 36  GLY A N   1 
ATOM   238  C CA  . GLY A 1 35  ? -5.483  -14.690 2.987   1.00 13.51 ? 36  GLY A CA  1 
ATOM   239  C C   . GLY A 1 35  ? -5.398  -13.544 3.981   1.00 14.80 ? 36  GLY A C   1 
ATOM   240  O O   . GLY A 1 35  ? -5.745  -13.696 5.150   1.00 18.07 ? 36  GLY A O   1 
ATOM   241  N N   . PHE A 1 36  ? -4.897  -12.399 3.533   1.00 12.97 ? 37  PHE A N   1 
ATOM   242  C CA  . PHE A 1 36  ? -4.864  -11.202 4.344   1.00 12.94 ? 37  PHE A CA  1 
ATOM   243  C C   . PHE A 1 36  ? -6.242  -10.590 4.370   1.00 15.33 ? 37  PHE A C   1 
ATOM   244  O O   . PHE A 1 36  ? -6.997  -10.712 3.412   1.00 17.38 ? 37  PHE A O   1 
ATOM   245  C CB  . PHE A 1 36  ? -3.864  -10.207 3.786   1.00 10.16 ? 37  PHE A CB  1 
ATOM   246  C CG  . PHE A 1 36  ? -2.451  -10.631 3.951   1.00 13.57 ? 37  PHE A CG  1 
ATOM   247  C CD1 . PHE A 1 36  ? -2.020  -11.176 5.157   1.00 13.58 ? 37  PHE A CD1 1 
ATOM   248  C CD2 . PHE A 1 36  ? -1.555  -10.540 2.897   1.00 13.71 ? 37  PHE A CD2 1 
ATOM   249  C CE1 . PHE A 1 36  ? -0.701  -11.620 5.324   1.00 14.10 ? 37  PHE A CE1 1 
ATOM   250  C CE2 . PHE A 1 36  ? -0.241  -10.969 3.042   1.00 12.95 ? 37  PHE A CE2 1 
ATOM   251  C CZ  . PHE A 1 36  ? 0.188   -11.517 4.269   1.00 13.20 ? 37  PHE A CZ  1 
ATOM   252  N N   . VAL A 1 37  ? -6.601  -10.011 5.498   1.00 15.33 ? 38  VAL A N   1 
ATOM   253  C CA  . VAL A 1 37  ? -7.933  -9.463  5.692   1.00 15.44 ? 38  VAL A CA  1 
ATOM   254  C C   . VAL A 1 37  ? -8.010  -7.956  5.496   1.00 14.77 ? 38  VAL A C   1 
ATOM   255  O O   . VAL A 1 37  ? -7.252  -7.199  6.096   1.00 14.59 ? 38  VAL A O   1 
ATOM   256  C CB  . VAL A 1 37  ? -8.413  -9.800  7.073   1.00 14.42 ? 38  VAL A CB  1 
ATOM   257  C CG1 . VAL A 1 37  ? -9.828  -9.294  7.263   1.00 16.70 ? 38  VAL A CG1 1 
ATOM   258  C CG2 . VAL A 1 37  ? -8.322  -11.280 7.263   1.00 17.73 ? 38  VAL A CG2 1 
ATOM   259  N N   . LEU A 1 38  ? -8.910  -7.524  4.630   1.00 14.14 ? 39  LEU A N   1 
ATOM   260  C CA  . LEU A 1 38  ? -9.133  -6.120  4.423   1.00 16.77 ? 39  LEU A CA  1 
ATOM   261  C C   . LEU A 1 38  ? -9.758  -5.498  5.660   1.00 17.50 ? 39  LEU A C   1 
ATOM   262  O O   . LEU A 1 38  ? -10.854 -5.837  6.069   1.00 19.80 ? 39  LEU A O   1 
ATOM   263  C CB  . LEU A 1 38  ? -10.036 -5.904  3.213   1.00 19.03 ? 39  LEU A CB  1 
ATOM   264  C CG  . LEU A 1 38  ? -10.087 -4.494  2.637   1.00 22.17 ? 39  LEU A CG  1 
ATOM   265  C CD1 . LEU A 1 38  ? -8.719  -4.051  2.068   1.00 18.33 ? 39  LEU A CD1 1 
ATOM   266  C CD2 . LEU A 1 38  ? -11.169 -4.472  1.548   1.00 24.15 ? 39  LEU A CD2 1 
ATOM   267  N N   . VAL A 1 39  ? -9.067  -4.514  6.197   1.00 17.61 ? 40  VAL A N   1 
ATOM   268  C CA  . VAL A 1 39  ? -9.360  -3.987  7.507   1.00 17.56 ? 40  VAL A CA  1 
ATOM   269  C C   . VAL A 1 39  ? -9.688  -2.481  7.375   1.00 19.44 ? 40  VAL A C   1 
ATOM   270  O O   . VAL A 1 39  ? -10.463 -1.938  8.155   1.00 22.25 ? 40  VAL A O   1 
ATOM   271  C CB  . VAL A 1 39  ? -8.132  -4.328  8.383   1.00 18.98 ? 40  VAL A CB  1 
ATOM   272  C CG1 . VAL A 1 39  ? -7.640  -3.165  9.130   1.00 20.20 ? 40  VAL A CG1 1 
ATOM   273  C CG2 . VAL A 1 39  ? -8.443  -5.524  9.211   1.00 15.62 ? 40  VAL A CG2 1 
ATOM   274  N N   . GLY A 1 40  ? -9.277  -1.890  6.252   1.00 18.92 ? 41  GLY A N   1 
ATOM   275  C CA  . GLY A 1 40  ? -9.669  -0.539  5.867   1.00 16.98 ? 41  GLY A CA  1 
ATOM   276  C C   . GLY A 1 40  ? -9.524  -0.296  4.362   1.00 17.08 ? 41  GLY A C   1 
ATOM   277  O O   . GLY A 1 40  ? -8.651  -0.859  3.715   1.00 16.35 ? 41  GLY A O   1 
ATOM   278  N N   . LEU A 1 41  ? -10.389 0.523   3.784   1.00 16.26 ? 42  LEU A N   1 
ATOM   279  C CA  . LEU A 1 41  ? -10.394 0.708   2.341   1.00 16.74 ? 42  LEU A CA  1 
ATOM   280  C C   . LEU A 1 41  ? -11.163 1.971   1.995   1.00 17.18 ? 42  LEU A C   1 
ATOM   281  O O   . LEU A 1 41  ? -12.315 2.127   2.393   1.00 19.11 ? 42  LEU A O   1 
ATOM   282  C CB  . LEU A 1 41  ? -11.066 -0.491  1.658   1.00 15.16 ? 42  LEU A CB  1 
ATOM   283  C CG  . LEU A 1 41  ? -11.188 -0.382  0.146   1.00 14.63 ? 42  LEU A CG  1 
ATOM   284  C CD1 . LEU A 1 41  ? -9.781  -0.479  -0.426  1.00 16.26 ? 42  LEU A CD1 1 
ATOM   285  C CD2 . LEU A 1 41  ? -12.098 -1.473  -0.406  1.00 14.76 ? 42  LEU A CD2 1 
ATOM   286  N N   . LYS A 1 42  ? -10.522 2.874   1.268   1.00 18.41 ? 43  LYS A N   1 
ATOM   287  C CA  . LYS A 1 42  ? -11.217 4.031   0.701   1.00 17.28 ? 43  LYS A CA  1 
ATOM   288  C C   . LYS A 1 42  ? -10.462 4.623   -0.465  1.00 16.45 ? 43  LYS A C   1 
ATOM   289  O O   . LYS A 1 42  ? -9.245  4.511   -0.566  1.00 16.02 ? 43  LYS A O   1 
ATOM   290  C CB  . LYS A 1 42  ? -11.444 5.117   1.754   1.00 18.59 ? 43  LYS A CB  1 
ATOM   291  C CG  . LYS A 1 42  ? -10.172 5.666   2.360   1.00 21.12 ? 43  LYS A CG  1 
ATOM   292  C CD  . LYS A 1 42  ? -10.496 6.572   3.534   1.00 21.77 ? 43  LYS A CD  1 
ATOM   293  C CE  . LYS A 1 42  ? -9.210  7.131   4.087   1.00 23.01 ? 43  LYS A CE  1 
ATOM   294  N NZ  . LYS A 1 42  ? -9.481  7.879   5.352   1.00 22.31 ? 43  LYS A NZ  1 
ATOM   295  N N   . GLN A 1 43  ? -11.194 5.184   -1.404  1.00 15.81 ? 44  GLN A N   1 
ATOM   296  C CA  . GLN A 1 43  ? -10.546 6.017   -2.390  1.00 16.77 ? 44  GLN A CA  1 
ATOM   297  C C   . GLN A 1 43  ? -10.509 7.514   -1.961  1.00 16.64 ? 44  GLN A C   1 
ATOM   298  O O   . GLN A 1 43  ? -11.488 8.056   -1.432  1.00 16.13 ? 44  GLN A O   1 
ATOM   299  C CB  . GLN A 1 43  ? -11.235 5.852   -3.740  1.00 14.30 ? 44  GLN A CB  1 
ATOM   300  C CG  . GLN A 1 43  ? -10.645 6.739   -4.833  1.00 16.23 ? 44  GLN A CG  1 
ATOM   301  C CD  . GLN A 1 43  ? -11.243 6.462   -6.190  1.00 15.35 ? 44  GLN A CD  1 
ATOM   302  O OE1 . GLN A 1 43  ? -10.601 5.873   -7.032  1.00 17.72 ? 44  GLN A OE1 1 
ATOM   303  N NE2 . GLN A 1 43  ? -12.459 6.925   -6.421  1.00 16.15 ? 44  GLN A NE2 1 
ATOM   304  N N   . LEU A 1 44  ? -9.382  8.168   -2.206  1.00 16.59 ? 45  LEU A N   1 
ATOM   305  C CA  . LEU A 1 44  ? -9.273  9.604   -1.969  1.00 20.65 ? 45  LEU A CA  1 
ATOM   306  C C   . LEU A 1 44  ? -8.231  10.235  -2.886  1.00 19.05 ? 45  LEU A C   1 
ATOM   307  O O   . LEU A 1 44  ? -7.462  9.550   -3.533  1.00 18.51 ? 45  LEU A O   1 
ATOM   308  C CB  . LEU A 1 44  ? -8.909  9.879   -0.499  1.00 19.70 ? 45  LEU A CB  1 
ATOM   309  C CG  . LEU A 1 44  ? -7.521  9.424   -0.018  1.00 21.32 ? 45  LEU A CG  1 
ATOM   310  C CD1 . LEU A 1 44  ? -7.174  10.114  1.290   1.00 23.30 ? 45  LEU A CD1 1 
ATOM   311  C CD2 . LEU A 1 44  ? -7.500  7.895   0.158   1.00 22.52 ? 45  LEU A CD2 1 
ATOM   312  N N   . VAL A 1 45  ? -8.367  11.537  -3.095  1.00 20.98 ? 46  VAL A N   1 
ATOM   313  C CA  . VAL A 1 45  ? -7.321  12.338  -3.717  1.00 20.48 ? 46  VAL A CA  1 
ATOM   314  C C   . VAL A 1 45  ? -6.584  13.008  -2.573  1.00 22.42 ? 46  VAL A C   1 
ATOM   315  O O   . VAL A 1 45  ? -7.150  13.818  -1.831  1.00 21.82 ? 46  VAL A O   1 
ATOM   316  C CB  . VAL A 1 45  ? -7.894  13.433  -4.665  1.00 20.19 ? 46  VAL A CB  1 
ATOM   317  C CG1 . VAL A 1 45  ? -6.760  14.246  -5.272  1.00 18.34 ? 46  VAL A CG1 1 
ATOM   318  C CG2 . VAL A 1 45  ? -8.718  12.787  -5.780  1.00 18.34 ? 46  VAL A CG2 1 
ATOM   319  N N   . PRO A 1 46  ? -5.390  12.509  -2.280  1.00 23.17 ? 47  PRO A N   1 
ATOM   320  C CA  . PRO A 1 46  ? -4.552  13.055  -1.214  1.00 22.85 ? 47  PRO A CA  1 
ATOM   321  C C   . PRO A 1 46  ? -4.374  14.561  -1.362  1.00 23.01 ? 47  PRO A C   1 
ATOM   322  O O   . PRO A 1 46  ? -4.175  15.078  -2.459  1.00 21.77 ? 47  PRO A O   1 
ATOM   323  C CB  . PRO A 1 46  ? -3.222  12.331  -1.399  1.00 23.31 ? 47  PRO A CB  1 
ATOM   324  C CG  . PRO A 1 46  ? -3.574  11.094  -2.218  1.00 24.42 ? 47  PRO A CG  1 
ATOM   325  C CD  . PRO A 1 46  ? -4.665  11.544  -3.122  1.00 22.26 ? 47  PRO A CD  1 
ATOM   326  N N   . THR A 1 47  ? -4.454  15.261  -0.238  1.00 26.65 ? 48  THR A N   1 
ATOM   327  C CA  . THR A 1 47  ? -4.018  16.653  -0.191  1.00 26.43 ? 48  THR A CA  1 
ATOM   328  C C   . THR A 1 47  ? -2.521  16.722  -0.053  1.00 25.99 ? 48  THR A C   1 
ATOM   329  O O   . THR A 1 47  ? -1.879  15.778  0.412   1.00 23.66 ? 48  THR A O   1 
ATOM   330  C CB  . THR A 1 47  ? -4.609  17.406  0.995   1.00 26.11 ? 48  THR A CB  1 
ATOM   331  O OG1 . THR A 1 47  ? -4.131  16.822  2.214   1.00 25.17 ? 48  THR A OG1 1 
ATOM   332  C CG2 . THR A 1 47  ? -6.114  17.340  0.953   1.00 25.52 ? 48  THR A CG2 1 
ATOM   333  N N   . LYS A 1 48  ? -2.020  17.934  -0.221  1.00 27.62 ? 49  LYS A N   1 
ATOM   334  C CA  . LYS A 1 48  ? -0.603  18.221  -0.102  1.00 30.69 ? 49  LYS A CA  1 
ATOM   335  C C   . LYS A 1 48  ? -0.090  17.859  1.296   1.00 29.41 ? 49  LYS A C   1 
ATOM   336  O O   . LYS A 1 48  ? 0.934   17.198  1.446   1.00 28.43 ? 49  LYS A O   1 
ATOM   337  C CB  . LYS A 1 48  ? -0.384  19.706  -0.380  1.00 36.07 ? 49  LYS A CB  1 
ATOM   338  C CG  . LYS A 1 48  ? 1.069   20.126  -0.607  1.00 44.18 ? 49  LYS A CG  1 
ATOM   339  C CD  . LYS A 1 48  ? 1.163   21.655  -0.775  1.00 51.68 ? 49  LYS A CD  1 
ATOM   340  C CE  . LYS A 1 48  ? 2.488   22.234  -0.252  1.00 56.70 ? 49  LYS A CE  1 
ATOM   341  N NZ  . LYS A 1 48  ? 2.410   22.702  1.184   1.00 60.42 ? 49  LYS A NZ  1 
ATOM   342  N N   . ASP A 1 49  ? -0.876  18.214  2.306   1.00 29.86 ? 50  ASP A N   1 
ATOM   343  C CA  . ASP A 1 49  ? -0.503  17.990  3.692   1.00 30.90 ? 50  ASP A CA  1 
ATOM   344  C C   . ASP A 1 49  ? -0.258  16.512  3.988   1.00 29.17 ? 50  ASP A C   1 
ATOM   345  O O   . ASP A 1 49  ? 0.792   16.143  4.534   1.00 28.19 ? 50  ASP A O   1 
ATOM   346  C CB  . ASP A 1 49  ? -1.588  18.556  4.627   1.00 35.86 ? 50  ASP A CB  1 
ATOM   347  C CG  . ASP A 1 49  ? -1.725  20.078  4.521   1.00 43.01 ? 50  ASP A CG  1 
ATOM   348  O OD1 . ASP A 1 49  ? -0.677  20.768  4.449   1.00 46.85 ? 50  ASP A OD1 1 
ATOM   349  O OD2 . ASP A 1 49  ? -2.873  20.585  4.488   1.00 44.80 ? 50  ASP A OD2 1 
ATOM   350  N N   . LEU A 1 50  ? -1.220  15.672  3.596   1.00 26.40 ? 51  LEU A N   1 
ATOM   351  C CA  . LEU A 1 50  ? -1.134  14.226  3.802   1.00 24.43 ? 51  LEU A CA  1 
ATOM   352  C C   . LEU A 1 50  ? 0.044   13.657  3.036   1.00 22.94 ? 51  LEU A C   1 
ATOM   353  O O   . LEU A 1 50  ? 0.802   12.864  3.583   1.00 23.73 ? 51  LEU A O   1 
ATOM   354  C CB  . LEU A 1 50  ? -2.426  13.527  3.355   1.00 23.65 ? 51  LEU A CB  1 
ATOM   355  C CG  . LEU A 1 50  ? -2.430  11.994  3.403   1.00 22.42 ? 51  LEU A CG  1 
ATOM   356  C CD1 . LEU A 1 50  ? -2.022  11.518  4.762   1.00 22.08 ? 51  LEU A CD1 1 
ATOM   357  C CD2 . LEU A 1 50  ? -3.813  11.487  3.090   1.00 23.83 ? 51  LEU A CD2 1 
ATOM   358  N N   . ALA A 1 51  ? 0.205   14.085  1.786   1.00 21.14 ? 52  ALA A N   1 
ATOM   359  C CA  . ALA A 1 51  ? 1.332   13.640  0.970   1.00 20.36 ? 52  ALA A CA  1 
ATOM   360  C C   . ALA A 1 51  ? 2.709   13.938  1.590   1.00 20.95 ? 52  ALA A C   1 
ATOM   361  O O   . ALA A 1 51  ? 3.563   13.062  1.685   1.00 20.48 ? 52  ALA A O   1 
ATOM   362  C CB  . ALA A 1 51  ? 1.234   14.255  -0.406  1.00 18.46 ? 52  ALA A CB  1 
ATOM   363  N N   . GLU A 1 52  ? 2.893   15.153  2.085   1.00 21.84 ? 53  GLU A N   1 
ATOM   364  C CA  . GLU A 1 52  ? 4.174   15.539  2.660   1.00 23.60 ? 53  GLU A CA  1 
ATOM   365  C C   . GLU A 1 52  ? 4.427   14.834  3.966   1.00 21.95 ? 53  GLU A C   1 
ATOM   366  O O   . GLU A 1 52  ? 5.552   14.482  4.303   1.00 21.30 ? 53  GLU A O   1 
ATOM   367  C CB  . GLU A 1 52  ? 4.202   17.035  2.894   1.00 26.72 ? 53  GLU A CB  1 
ATOM   368  C CG  . GLU A 1 52  ? 4.037   17.818  1.638   1.00 32.53 ? 53  GLU A CG  1 
ATOM   369  C CD  . GLU A 1 52  ? 4.127   19.295  1.895   1.00 37.79 ? 53  GLU A CD  1 
ATOM   370  O OE1 . GLU A 1 52  ? 5.264   19.803  1.970   1.00 43.00 ? 53  GLU A OE1 1 
ATOM   371  O OE2 . GLU A 1 52  ? 3.074   19.924  2.133   1.00 41.86 ? 53  GLU A OE2 1 
ATOM   372  N N   . SER A 1 53  ? 3.345   14.577  4.675   1.00 21.21 ? 54  SER A N   1 
ATOM   373  C CA  . SER A 1 53  ? 3.410   13.774  5.873   1.00 21.07 ? 54  SER A CA  1 
ATOM   374  C C   . SER A 1 53  ? 3.706   12.315  5.551   1.00 21.10 ? 54  SER A C   1 
ATOM   375  O O   . SER A 1 53  ? 4.604   11.710  6.141   1.00 19.62 ? 54  SER A O   1 
ATOM   376  C CB  . SER A 1 53  ? 2.100   13.879  6.621   1.00 25.57 ? 54  SER A CB  1 
ATOM   377  O OG  . SER A 1 53  ? 2.217   13.127  7.803   1.00 37.53 ? 54  SER A OG  1 
ATOM   378  N N   . HIS A 1 54  ? 3.090   11.813  4.483   1.00 19.08 ? 55  HIS A N   1 
ATOM   379  C CA  . HIS A 1 54  ? 3.299   10.435  4.050   1.00 18.19 ? 55  HIS A CA  1 
ATOM   380  C C   . HIS A 1 54  ? 4.756   10.236  3.688   1.00 16.30 ? 55  HIS A C   1 
ATOM   381  O O   . HIS A 1 54  ? 5.385   9.305   4.158   1.00 19.36 ? 55  HIS A O   1 
ATOM   382  C CB  . HIS A 1 54  ? 2.412   10.113  2.838   1.00 17.47 ? 55  HIS A CB  1 
ATOM   383  C CG  . HIS A 1 54  ? 2.526   8.696   2.364   1.00 18.00 ? 55  HIS A CG  1 
ATOM   384  N ND1 . HIS A 1 54  ? 2.049   7.624   3.092   1.00 20.92 ? 55  HIS A ND1 1 
ATOM   385  C CD2 . HIS A 1 54  ? 3.142   8.170   1.284   1.00 17.85 ? 55  HIS A CD2 1 
ATOM   386  C CE1 . HIS A 1 54  ? 2.389   6.496   2.491   1.00 17.14 ? 55  HIS A CE1 1 
ATOM   387  N NE2 . HIS A 1 54  ? 3.048   6.805   1.387   1.00 19.49 ? 55  HIS A NE2 1 
ATOM   388  N N   . TYR A 1 55  ? 5.306   11.174  2.931   1.00 18.32 ? 56  TYR A N   1 
ATOM   389  C CA  . TYR A 1 55  ? 6.681   11.095  2.443   1.00 21.31 ? 56  TYR A CA  1 
ATOM   390  C C   . TYR A 1 55  ? 7.673   11.901  3.281   1.00 23.85 ? 56  TYR A C   1 
ATOM   391  O O   . TYR A 1 55  ? 8.801   12.130  2.838   1.00 25.23 ? 56  TYR A O   1 
ATOM   392  C CB  . TYR A 1 55  ? 6.753   11.579  0.990   1.00 22.12 ? 56  TYR A CB  1 
ATOM   393  C CG  . TYR A 1 55  ? 6.123   10.614  0.017   1.00 22.54 ? 56  TYR A CG  1 
ATOM   394  C CD1 . TYR A 1 55  ? 6.604   9.307   -0.104  1.00 22.85 ? 56  TYR A CD1 1 
ATOM   395  C CD2 . TYR A 1 55  ? 5.054   11.008  -0.786  1.00 23.43 ? 56  TYR A CD2 1 
ATOM   396  C CE1 . TYR A 1 55  ? 6.034   8.417   -1.001  1.00 23.29 ? 56  TYR A CE1 1 
ATOM   397  C CE2 . TYR A 1 55  ? 4.495   10.133  -1.705  1.00 23.77 ? 56  TYR A CE2 1 
ATOM   398  C CZ  . TYR A 1 55  ? 4.993   8.842   -1.806  1.00 24.15 ? 56  TYR A CZ  1 
ATOM   399  O OH  . TYR A 1 55  ? 4.493   7.991   -2.751  1.00 25.40 ? 56  TYR A OH  1 
ATOM   400  N N   . ALA A 1 56  ? 7.338   12.129  4.548   1.00 25.89 ? 57  ALA A N   1 
ATOM   401  C CA  . ALA A 1 56  ? 8.149   12.987  5.411   1.00 27.98 ? 57  ALA A CA  1 
ATOM   402  C C   . ALA A 1 56  ? 9.599   12.533  5.577   1.00 30.06 ? 57  ALA A C   1 
ATOM   403  O O   . ALA A 1 56  ? 10.508  13.355  5.544   1.00 33.96 ? 57  ALA A O   1 
ATOM   404  C CB  . ALA A 1 56  ? 7.486   13.148  6.765   1.00 27.84 ? 57  ALA A CB  1 
ATOM   405  N N   . GLU A 1 57  ? 9.835   11.230  5.542   1.00 29.61 ? 58  GLU A N   1 
ATOM   406  C CA  . GLU A 1 57  ? 11.194  10.703  5.548   1.00 30.91 ? 58  GLU A CA  1 
ATOM   407  C C   . GLU A 1 57  ? 12.109  11.236  4.422   1.00 31.59 ? 58  GLU A C   1 
ATOM   408  O O   . GLU A 1 57  ? 13.331  11.173  4.524   1.00 30.70 ? 58  GLU A O   1 
ATOM   409  C CB  . GLU A 1 57  ? 11.128  9.190   5.453   1.00 37.96 ? 58  GLU A CB  1 
ATOM   410  C CG  . GLU A 1 57  ? 10.488  8.708   4.136   1.00 49.01 ? 58  GLU A CG  1 
ATOM   411  C CD  . GLU A 1 57  ? 10.367  7.181   4.024   1.00 55.69 ? 58  GLU A CD  1 
ATOM   412  O OE1 . GLU A 1 57  ? 9.510   6.585   4.740   1.00 60.48 ? 58  GLU A OE1 1 
ATOM   413  O OE2 . GLU A 1 57  ? 11.087  6.589   3.173   1.00 58.46 ? 58  GLU A OE2 1 
ATOM   414  N N   . HIS A 1 58  ? 11.531  11.698  3.312   1.00 30.22 ? 59  HIS A N   1 
ATOM   415  C CA  . HIS A 1 58  ? 12.344  12.105  2.156   1.00 28.89 ? 59  HIS A CA  1 
ATOM   416  C C   . HIS A 1 58  ? 12.433  13.577  2.065   1.00 26.05 ? 59  HIS A C   1 
ATOM   417  O O   . HIS A 1 58  ? 12.916  14.092  1.076   1.00 24.99 ? 59  HIS A O   1 
ATOM   418  C CB  . HIS A 1 58  ? 11.752  11.600  0.840   1.00 30.18 ? 59  HIS A CB  1 
ATOM   419  C CG  . HIS A 1 58  ? 11.836  10.122  0.686   1.00 32.11 ? 59  HIS A CG  1 
ATOM   420  N ND1 . HIS A 1 58  ? 13.030  9.440   0.829   1.00 34.37 ? 59  HIS A ND1 1 
ATOM   421  C CD2 . HIS A 1 58  ? 10.866  9.178   0.664   1.00 32.14 ? 59  HIS A CD2 1 
ATOM   422  C CE1 . HIS A 1 58  ? 12.786  8.148   0.936   1.00 35.32 ? 59  HIS A CE1 1 
ATOM   423  N NE2 . HIS A 1 58  ? 11.482  7.965   0.839   1.00 34.33 ? 59  HIS A NE2 1 
ATOM   424  N N   . LYS A 1 59  ? 11.820  14.251  3.025   1.00 26.53 ? 60  LYS A N   1 
ATOM   425  C CA  . LYS A 1 59  ? 11.574  15.667  2.876   1.00 28.79 ? 60  LYS A CA  1 
ATOM   426  C C   . LYS A 1 59  ? 12.850  16.502  2.691   1.00 29.95 ? 60  LYS A C   1 
ATOM   427  O O   . LYS A 1 59  ? 12.790  17.619  2.177   1.00 29.48 ? 60  LYS A O   1 
ATOM   428  C CB  . LYS A 1 59  ? 10.730  16.187  4.044   1.00 30.92 ? 60  LYS A CB  1 
ATOM   429  C CG  . LYS A 1 59  ? 11.451  16.208  5.388   1.00 36.46 ? 60  LYS A CG  1 
ATOM   430  C CD  . LYS A 1 59  ? 10.760  17.157  6.372   1.00 41.32 ? 60  LYS A CD  1 
ATOM   431  C CE  . LYS A 1 59  ? 11.504  17.226  7.706   1.00 43.46 ? 60  LYS A CE  1 
ATOM   432  N NZ  . LYS A 1 59  ? 11.378  15.971  8.524   1.00 47.49 ? 60  LYS A NZ  1 
ATOM   433  N N   . GLU A 1 60  ? 14.014  15.926  2.988   1.00 31.37 ? 61  GLU A N   1 
ATOM   434  C CA  . GLU A 1 60  ? 15.270  16.664  2.783   1.00 36.24 ? 61  GLU A CA  1 
ATOM   435  C C   . GLU A 1 60  ? 15.917  16.295  1.452   1.00 38.13 ? 61  GLU A C   1 
ATOM   436  O O   . GLU A 1 60  ? 16.935  16.853  1.075   1.00 38.76 ? 61  GLU A O   1 
ATOM   437  C CB  . GLU A 1 60  ? 16.272  16.435  3.937   1.00 34.40 ? 61  GLU A CB  1 
ATOM   438  C CG  . GLU A 1 60  ? 15.941  17.171  5.230   1.00 35.36 ? 61  GLU A CG  1 
ATOM   439  C CD  . GLU A 1 60  ? 15.041  16.367  6.195   1.00 35.87 ? 61  GLU A CD  1 
ATOM   440  O OE1 . GLU A 1 60  ? 14.874  15.140  5.992   1.00 37.63 ? 61  GLU A OE1 1 
ATOM   441  O OE2 . GLU A 1 60  ? 14.500  16.965  7.155   1.00 34.87 ? 61  GLU A OE2 1 
ATOM   442  N N   . ARG A 1 61  ? 15.335  15.328  0.758   1.00 40.99 ? 62  ARG A N   1 
ATOM   443  C CA  . ARG A 1 61  ? 15.819  14.938  -0.560  1.00 44.58 ? 62  ARG A CA  1 
ATOM   444  C C   . ARG A 1 61  ? 15.127  15.775  -1.665  1.00 45.93 ? 62  ARG A C   1 
ATOM   445  O O   . ARG A 1 61  ? 14.032  16.318  -1.452  1.00 46.92 ? 62  ARG A O   1 
ATOM   446  C CB  . ARG A 1 61  ? 15.570  13.434  -0.774  1.00 46.71 ? 62  ARG A CB  1 
ATOM   447  C CG  . ARG A 1 61  ? 16.105  12.516  0.333   1.00 47.81 ? 62  ARG A CG  1 
ATOM   448  C CD  . ARG A 1 61  ? 17.569  12.798  0.596   1.00 50.72 ? 62  ARG A CD  1 
ATOM   449  N NE  . ARG A 1 61  ? 18.091  12.087  1.763   1.00 53.25 ? 62  ARG A NE  1 
ATOM   450  C CZ  . ARG A 1 61  ? 19.337  12.230  2.218   1.00 53.88 ? 62  ARG A CZ  1 
ATOM   451  N NH1 . ARG A 1 61  ? 20.212  13.014  1.575   1.00 49.96 ? 62  ARG A NH1 1 
ATOM   452  N NH2 . ARG A 1 61  ? 19.712  11.595  3.321   1.00 54.57 ? 62  ARG A NH2 1 
ATOM   453  N N   . PRO A 1 62  ? 15.773  15.915  -2.850  1.00 48.28 ? 63  PRO A N   1 
ATOM   454  C CA  . PRO A 1 62  ? 15.230  16.762  -3.937  1.00 47.34 ? 63  PRO A CA  1 
ATOM   455  C C   . PRO A 1 62  ? 13.978  16.146  -4.638  1.00 45.09 ? 63  PRO A C   1 
ATOM   456  O O   . PRO A 1 62  ? 13.059  16.857  -5.087  1.00 43.25 ? 63  PRO A O   1 
ATOM   457  C CB  . PRO A 1 62  ? 16.431  16.902  -4.896  1.00 48.80 ? 63  PRO A CB  1 
ATOM   458  C CG  . PRO A 1 62  ? 17.195  15.581  -4.739  1.00 49.05 ? 63  PRO A CG  1 
ATOM   459  C CD  . PRO A 1 62  ? 17.024  15.221  -3.256  1.00 49.59 ? 63  PRO A CD  1 
ATOM   460  N N   . PHE A 1 63  ? 13.924  14.813  -4.627  1.00 43.39 ? 64  PHE A N   1 
ATOM   461  C CA  . PHE A 1 63  ? 12.820  14.054  -5.210  1.00 41.00 ? 64  PHE A CA  1 
ATOM   462  C C   . PHE A 1 63  ? 11.526  14.013  -4.378  1.00 38.95 ? 64  PHE A C   1 
ATOM   463  O O   . PHE A 1 63  ? 10.487  13.577  -4.882  1.00 39.24 ? 64  PHE A O   1 
ATOM   464  C CB  . PHE A 1 63  ? 13.285  12.630  -5.548  1.00 40.67 ? 64  PHE A CB  1 
ATOM   465  C CG  . PHE A 1 63  ? 13.367  11.702  -4.362  1.00 43.08 ? 64  PHE A CG  1 
ATOM   466  C CD1 . PHE A 1 63  ? 14.524  11.620  -3.605  1.00 43.45 ? 64  PHE A CD1 1 
ATOM   467  C CD2 . PHE A 1 63  ? 12.340  10.815  -4.090  1.00 43.32 ? 64  PHE A CD2 1 
ATOM   468  C CE1 . PHE A 1 63  ? 14.649  10.660  -2.599  1.00 44.72 ? 64  PHE A CE1 1 
ATOM   469  C CE2 . PHE A 1 63  ? 12.465  9.857   -3.084  1.00 43.00 ? 64  PHE A CE2 1 
ATOM   470  C CZ  . PHE A 1 63  ? 13.616  9.781   -2.342  1.00 42.80 ? 64  PHE A CZ  1 
ATOM   471  N N   . PHE A 1 64  ? 11.575  14.524  -3.144  1.00 34.69 ? 65  PHE A N   1 
ATOM   472  C CA  . PHE A 1 64  ? 10.386  14.737  -2.312  1.00 29.95 ? 65  PHE A CA  1 
ATOM   473  C C   . PHE A 1 64  ? 9.253   15.497  -3.027  1.00 28.92 ? 65  PHE A C   1 
ATOM   474  O O   . PHE A 1 64  ? 8.104   15.083  -3.003  1.00 29.93 ? 65  PHE A O   1 
ATOM   475  C CB  . PHE A 1 64  ? 10.788  15.496  -1.053  1.00 25.49 ? 65  PHE A CB  1 
ATOM   476  C CG  . PHE A 1 64  ? 9.647   15.787  -0.136  1.00 25.43 ? 65  PHE A CG  1 
ATOM   477  C CD1 . PHE A 1 64  ? 9.012   14.757  0.560   1.00 22.72 ? 65  PHE A CD1 1 
ATOM   478  C CD2 . PHE A 1 64  ? 9.186   17.082  0.023   1.00 24.28 ? 65  PHE A CD2 1 
ATOM   479  C CE1 . PHE A 1 64  ? 7.939   15.015  1.396   1.00 23.24 ? 65  PHE A CE1 1 
ATOM   480  C CE2 . PHE A 1 64  ? 8.102   17.352  0.868   1.00 25.93 ? 65  PHE A CE2 1 
ATOM   481  C CZ  . PHE A 1 64  ? 7.481   16.311  1.555   1.00 21.72 ? 65  PHE A CZ  1 
ATOM   482  N N   . GLY A 1 65  ? 9.590   16.622  -3.647  1.00 29.66 ? 66  GLY A N   1 
ATOM   483  C CA  . GLY A 1 65  ? 8.613   17.380  -4.411  1.00 28.72 ? 66  GLY A CA  1 
ATOM   484  C C   . GLY A 1 65  ? 7.873   16.569  -5.460  1.00 27.56 ? 66  GLY A C   1 
ATOM   485  O O   . GLY A 1 65  ? 6.645   16.585  -5.494  1.00 28.26 ? 66  GLY A O   1 
ATOM   486  N N   . GLY A 1 66  ? 8.613   15.829  -6.278  1.00 26.11 ? 67  GLY A N   1 
ATOM   487  C CA  . GLY A 1 66  ? 7.997   14.929  -7.234  1.00 26.78 ? 67  GLY A CA  1 
ATOM   488  C C   . GLY A 1 66  ? 7.070   13.877  -6.626  1.00 27.38 ? 67  GLY A C   1 
ATOM   489  O O   . GLY A 1 66  ? 6.083   13.479  -7.248  1.00 29.91 ? 67  GLY A O   1 
ATOM   490  N N   . LEU A 1 67  ? 7.410   13.366  -5.447  1.00 25.69 ? 68  LEU A N   1 
ATOM   491  C CA  . LEU A 1 67  ? 6.600   12.339  -4.810  1.00 23.28 ? 68  LEU A CA  1 
ATOM   492  C C   . LEU A 1 67  ? 5.291   12.923  -4.368  1.00 23.30 ? 68  LEU A C   1 
ATOM   493  O O   . LEU A 1 67  ? 4.232   12.372  -4.652  1.00 23.60 ? 68  LEU A O   1 
ATOM   494  C CB  . LEU A 1 67  ? 7.315   11.764  -3.600  1.00 23.88 ? 68  LEU A CB  1 
ATOM   495  C CG  . LEU A 1 67  ? 8.589   10.962  -3.872  1.00 24.70 ? 68  LEU A CG  1 
ATOM   496  C CD1 . LEU A 1 67  ? 9.105   10.463  -2.551  1.00 27.86 ? 68  LEU A CD1 1 
ATOM   497  C CD2 . LEU A 1 67  ? 8.320   9.774   -4.823  1.00 26.71 ? 68  LEU A CD2 1 
ATOM   498  N N   . VAL A 1 68  ? 5.372   14.061  -3.696  1.00 21.40 ? 69  VAL A N   1 
ATOM   499  C CA  . VAL A 1 68  ? 4.196   14.748  -3.185  1.00 20.87 ? 69  VAL A CA  1 
ATOM   500  C C   . VAL A 1 68  ? 3.290   15.133  -4.355  1.00 22.39 ? 69  VAL A C   1 
ATOM   501  O O   . VAL A 1 68  ? 2.093   14.883  -4.324  1.00 20.70 ? 69  VAL A O   1 
ATOM   502  C CB  . VAL A 1 68  ? 4.625   16.017  -2.358  1.00 19.36 ? 69  VAL A CB  1 
ATOM   503  C CG1 . VAL A 1 68  ? 3.408   16.815  -1.886  1.00 14.84 ? 69  VAL A CG1 1 
ATOM   504  C CG2 . VAL A 1 68  ? 5.494   15.584  -1.183  1.00 18.69 ? 69  VAL A CG2 1 
ATOM   505  N N   . SER A 1 69  ? 3.879   15.693  -5.410  1.00 22.76 ? 70  SER A N   1 
ATOM   506  C CA  . SER A 1 69  ? 3.112   16.109  -6.596  1.00 26.49 ? 70  SER A CA  1 
ATOM   507  C C   . SER A 1 69  ? 2.353   14.955  -7.234  1.00 25.23 ? 70  SER A C   1 
ATOM   508  O O   . SER A 1 69  ? 1.195   15.092  -7.607  1.00 26.22 ? 70  SER A O   1 
ATOM   509  C CB  . SER A 1 69  ? 4.020   16.706  -7.683  1.00 27.65 ? 70  SER A CB  1 
ATOM   510  O OG  . SER A 1 69  ? 4.581   17.924  -7.249  1.00 39.47 ? 70  SER A OG  1 
ATOM   511  N N   . PHE A 1 70  ? 3.068   13.876  -7.516  1.00 24.42 ? 71  PHE A N   1 
ATOM   512  C CA  . PHE A 1 70  ? 2.460   12.746  -8.171  1.00 22.42 ? 71  PHE A CA  1 
ATOM   513  C C   . PHE A 1 70  ? 1.299   12.158  -7.363  1.00 22.51 ? 71  PHE A C   1 
ATOM   514  O O   . PHE A 1 70  ? 0.181   12.035  -7.878  1.00 21.65 ? 71  PHE A O   1 
ATOM   515  C CB  . PHE A 1 70  ? 3.513   11.679  -8.483  1.00 23.46 ? 71  PHE A CB  1 
ATOM   516  C CG  . PHE A 1 70  ? 2.984   10.572  -9.335  1.00 25.13 ? 71  PHE A CG  1 
ATOM   517  C CD1 . PHE A 1 70  ? 2.274   10.878  -10.509 1.00 26.68 ? 71  PHE A CD1 1 
ATOM   518  C CD2 . PHE A 1 70  ? 2.940   9.266   -8.856  1.00 27.63 ? 71  PHE A CD2 1 
ATOM   519  C CE1 . PHE A 1 70  ? 1.503   9.896   -11.180 1.00 24.12 ? 71  PHE A CE1 1 
ATOM   520  C CE2 . PHE A 1 70  ? 2.180   8.282   -9.522  1.00 25.27 ? 71  PHE A CE2 1 
ATOM   521  C CZ  . PHE A 1 70  ? 1.457   8.612   -10.678 1.00 24.30 ? 71  PHE A CZ  1 
ATOM   522  N N   . ILE A 1 71  ? 1.484   12.002  -6.057  1.00 21.32 ? 72  ILE A N   1 
ATOM   523  C CA  . ILE A 1 71  ? 0.483   11.299  -5.285  1.00 19.75 ? 72  ILE A CA  1 
ATOM   524  C C   . ILE A 1 71  ? -0.755  12.132  -5.060  1.00 19.69 ? 72  ILE A C   1 
ATOM   525  O O   . ILE A 1 71  ? -1.848  11.601  -4.865  1.00 19.64 ? 72  ILE A O   1 
ATOM   526  C CB  . ILE A 1 71  ? 1.041   10.777  -3.943  1.00 20.30 ? 72  ILE A CB  1 
ATOM   527  C CG1 . ILE A 1 71  ? 0.215   9.572   -3.501  1.00 18.78 ? 72  ILE A CG1 1 
ATOM   528  C CG2 . ILE A 1 71  ? 1.082   11.879  -2.892  1.00 16.52 ? 72  ILE A CG2 1 
ATOM   529  C CD1 . ILE A 1 71  ? 0.809   8.831   -2.361  1.00 22.48 ? 72  ILE A CD1 1 
ATOM   530  N N   . THR A 1 72  ? -0.632  13.434  -5.250  1.00 20.82 ? 73  THR A N   1 
ATOM   531  C CA  . THR A 1 72  ? -1.809  14.281  -5.117  1.00 20.55 ? 73  THR A CA  1 
ATOM   532  C C   . THR A 1 72  ? -2.381  14.621  -6.471  1.00 21.72 ? 73  THR A C   1 
ATOM   533  O O   . THR A 1 72  ? -3.377  15.339  -6.556  1.00 23.96 ? 73  THR A O   1 
ATOM   534  C CB  . THR A 1 72  ? -1.506  15.584  -4.402  1.00 20.04 ? 73  THR A CB  1 
ATOM   535  O OG1 . THR A 1 72  ? -0.445  16.238  -5.083  1.00 23.06 ? 73  THR A OG1 1 
ATOM   536  C CG2 . THR A 1 72  ? -1.065  15.324  -2.974  1.00 21.02 ? 73  THR A CG2 1 
ATOM   537  N N   . SER A 1 73  ? -1.820  14.029  -7.520  1.00 21.43 ? 74  SER A N   1 
ATOM   538  C CA  . SER A 1 73  ? -2.292  14.298  -8.863  1.00 21.02 ? 74  SER A CA  1 
ATOM   539  C C   . SER A 1 73  ? -3.551  13.550  -9.245  1.00 22.27 ? 74  SER A C   1 
ATOM   540  O O   . SER A 1 73  ? -4.135  13.831  -10.278 1.00 26.45 ? 74  SER A O   1 
ATOM   541  C CB  . SER A 1 73  ? -1.237  13.986  -9.896  1.00 20.24 ? 74  SER A CB  1 
ATOM   542  O OG  . SER A 1 73  ? -1.030  12.597  -10.000 1.00 22.66 ? 74  SER A OG  1 
ATOM   543  N N   . GLY A 1 74  ? -4.017  12.636  -8.417  1.00 20.67 ? 75  GLY A N   1 
ATOM   544  C CA  . GLY A 1 74  ? -5.207  11.896  -8.803  1.00 19.71 ? 75  GLY A CA  1 
ATOM   545  C C   . GLY A 1 74  ? -5.689  11.017  -7.686  1.00 17.48 ? 75  GLY A C   1 
ATOM   546  O O   . GLY A 1 74  ? -5.118  11.060  -6.593  1.00 18.62 ? 75  GLY A O   1 
ATOM   547  N N   . PRO A 1 75  ? -6.768  10.248  -7.907  1.00 17.03 ? 76  PRO A N   1 
ATOM   548  C CA  . PRO A 1 75  ? -7.237  9.355   -6.861  1.00 15.93 ? 76  PRO A CA  1 
ATOM   549  C C   . PRO A 1 75  ? -6.245  8.275   -6.473  1.00 14.98 ? 76  PRO A C   1 
ATOM   550  O O   . PRO A 1 75  ? -5.477  7.763   -7.286  1.00 16.13 ? 76  PRO A O   1 
ATOM   551  C CB  . PRO A 1 75  ? -8.543  8.768   -7.428  1.00 15.16 ? 76  PRO A CB  1 
ATOM   552  C CG  . PRO A 1 75  ? -8.508  9.048   -8.845  1.00 17.34 ? 76  PRO A CG  1 
ATOM   553  C CD  . PRO A 1 75  ? -7.734  10.325  -9.009  1.00 16.67 ? 76  PRO A CD  1 
ATOM   554  N N   . VAL A 1 76  ? -6.341  7.902   -5.217  1.00 14.32 ? 77  VAL A N   1 
ATOM   555  C CA  . VAL A 1 76  ? -5.508  6.906   -4.623  1.00 14.67 ? 77  VAL A CA  1 
ATOM   556  C C   . VAL A 1 76  ? -6.473  5.968   -3.892  1.00 14.49 ? 77  VAL A C   1 
ATOM   557  O O   . VAL A 1 76  ? -7.497  6.407   -3.366  1.00 15.67 ? 77  VAL A O   1 
ATOM   558  C CB  . VAL A 1 76  ? -4.519  7.592   -3.641  1.00 16.25 ? 77  VAL A CB  1 
ATOM   559  C CG1 . VAL A 1 76  ? -3.959  6.592   -2.624  1.00 20.06 ? 77  VAL A CG1 1 
ATOM   560  C CG2 . VAL A 1 76  ? -3.388  8.206   -4.424  1.00 16.55 ? 77  VAL A CG2 1 
ATOM   561  N N   . VAL A 1 77  ? -6.240  4.667   -3.977  1.00 13.12 ? 78  VAL A N   1 
ATOM   562  C CA  . VAL A 1 77  ? -7.000  3.743   -3.157  1.00 14.14 ? 78  VAL A CA  1 
ATOM   563  C C   . VAL A 1 77  ? -6.113  3.275   -2.008  1.00 15.33 ? 78  VAL A C   1 
ATOM   564  O O   . VAL A 1 77  ? -5.051  2.684   -2.233  1.00 16.22 ? 78  VAL A O   1 
ATOM   565  C CB  . VAL A 1 77  ? -7.534  2.525   -3.973  1.00 15.26 ? 78  VAL A CB  1 
ATOM   566  C CG1 . VAL A 1 77  ? -8.149  1.507   -3.038  1.00 15.29 ? 78  VAL A CG1 1 
ATOM   567  C CG2 . VAL A 1 77  ? -8.602  2.986   -4.987  1.00 15.33 ? 78  VAL A CG2 1 
ATOM   568  N N   . ALA A 1 78  ? -6.427  3.771   -0.818  1.00 14.79 ? 79  ALA A N   1 
ATOM   569  C CA  . ALA A 1 78  ? -5.686  3.446   0.390   1.00 15.62 ? 79  ALA A CA  1 
ATOM   570  C C   . ALA A 1 78  ? -6.335  2.231   1.033   1.00 15.71 ? 79  ALA A C   1 
ATOM   571  O O   . ALA A 1 78  ? -7.558  2.140   1.108   1.00 16.13 ? 79  ALA A O   1 
ATOM   572  C CB  . ALA A 1 78  ? -5.703  4.644   1.373   1.00 12.26 ? 79  ALA A CB  1 
ATOM   573  N N   . MET A 1 79  ? -5.528  1.279   1.484   1.00 13.53 ? 80  MET A N   1 
ATOM   574  C CA  . MET A 1 79  ? -6.105  0.164   2.185   1.00 14.36 ? 80  MET A CA  1 
ATOM   575  C C   . MET A 1 79  ? -5.203  -0.349  3.314   1.00 15.01 ? 80  MET A C   1 
ATOM   576  O O   . MET A 1 79  ? -4.029  0.019   3.402   1.00 14.83 ? 80  MET A O   1 
ATOM   577  C CB  . MET A 1 79  ? -6.466  -0.942  1.184   1.00 17.88 ? 80  MET A CB  1 
ATOM   578  C CG  . MET A 1 79  ? -5.325  -1.440  0.379   1.00 20.87 ? 80  MET A CG  1 
ATOM   579  S SD  . MET A 1 79  ? -5.771  -2.063  -1.263  1.00 22.52 ? 80  MET A SD  1 
ATOM   580  C CE  . MET A 1 79  ? -4.176  -2.079  -2.038  1.00 24.19 ? 80  MET A CE  1 
ATOM   581  N N   . VAL A 1 80  ? -5.819  -1.001  4.289   1.00 14.63 ? 81  VAL A N   1 
ATOM   582  C CA  . VAL A 1 80  ? -5.075  -1.611  5.362   1.00 15.55 ? 81  VAL A CA  1 
ATOM   583  C C   . VAL A 1 80  ? -5.410  -3.076  5.366   1.00 12.44 ? 81  VAL A C   1 
ATOM   584  O O   . VAL A 1 80  ? -6.572  -3.446  5.238   1.00 13.90 ? 81  VAL A O   1 
ATOM   585  C CB  . VAL A 1 80  ? -5.410  -0.950  6.731   1.00 15.38 ? 81  VAL A CB  1 
ATOM   586  C CG1 . VAL A 1 80  ? -4.739  -1.712  7.885   1.00 15.88 ? 81  VAL A CG1 1 
ATOM   587  C CG2 . VAL A 1 80  ? -4.949  0.501   6.725   1.00 16.49 ? 81  VAL A CG2 1 
ATOM   588  N N   . PHE A 1 81  ? -4.375  -3.899  5.341   1.00 13.12 ? 82  PHE A N   1 
ATOM   589  C CA  . PHE A 1 81  ? -4.541  -5.339  5.385   1.00 14.27 ? 82  PHE A CA  1 
ATOM   590  C C   . PHE A 1 81  ? -3.973  -5.894  6.664   1.00 14.44 ? 82  PHE A C   1 
ATOM   591  O O   . PHE A 1 81  ? -2.958  -5.411  7.164   1.00 16.77 ? 82  PHE A O   1 
ATOM   592  C CB  . PHE A 1 81  ? -3.861  -6.012  4.185   1.00 14.27 ? 82  PHE A CB  1 
ATOM   593  C CG  . PHE A 1 81  ? -4.765  -6.174  2.979   1.00 11.54 ? 82  PHE A CG  1 
ATOM   594  C CD1 . PHE A 1 81  ? -5.690  -7.204  2.926   1.00 12.31 ? 82  PHE A CD1 1 
ATOM   595  C CD2 . PHE A 1 81  ? -4.673  -5.292  1.908   1.00 13.66 ? 82  PHE A CD2 1 
ATOM   596  C CE1 . PHE A 1 81  ? -6.524  -7.367  1.806   1.00 17.04 ? 82  PHE A CE1 1 
ATOM   597  C CE2 . PHE A 1 81  ? -5.503  -5.441  0.787   1.00 14.62 ? 82  PHE A CE2 1 
ATOM   598  C CZ  . PHE A 1 81  ? -6.422  -6.477  0.733   1.00 14.65 ? 82  PHE A CZ  1 
ATOM   599  N N   . GLU A 1 82  ? -4.644  -6.908  7.185   1.00 14.32 ? 83  GLU A N   1 
ATOM   600  C CA  . GLU A 1 82  ? -4.245  -7.543  8.417   1.00 14.38 ? 83  GLU A CA  1 
ATOM   601  C C   . GLU A 1 82  ? -3.889  -8.991  8.180   1.00 16.67 ? 83  GLU A C   1 
ATOM   602  O O   . GLU A 1 82  ? -4.607  -9.725  7.487   1.00 17.68 ? 83  GLU A O   1 
ATOM   603  C CB  . GLU A 1 82  ? -5.373  -7.462  9.432   1.00 15.65 ? 83  GLU A CB  1 
ATOM   604  C CG  . GLU A 1 82  ? -4.922  -7.906  10.805  1.00 18.91 ? 83  GLU A CG  1 
ATOM   605  C CD  . GLU A 1 82  ? -5.986  -7.744  11.850  1.00 21.83 ? 83  GLU A CD  1 
ATOM   606  O OE1 . GLU A 1 82  ? -6.353  -6.605  12.188  1.00 23.53 ? 83  GLU A OE1 1 
ATOM   607  O OE2 . GLU A 1 82  ? -6.472  -8.762  12.350  1.00 27.77 ? 83  GLU A OE2 1 
ATOM   608  N N   . GLY A 1 83  ? -2.836  -9.430  8.860   1.00 16.63 ? 84  GLY A N   1 
ATOM   609  C CA  . GLY A 1 83  ? -2.458  -10.818 8.821   1.00 15.22 ? 84  GLY A CA  1 
ATOM   610  C C   . GLY A 1 83  ? -1.082  -11.001 9.414   1.00 15.67 ? 84  GLY A C   1 
ATOM   611  O O   . GLY A 1 83  ? -0.324  -10.052 9.591   1.00 17.18 ? 84  GLY A O   1 
ATOM   612  N N   . LYS A 1 84  ? -0.742  -12.250 9.672   1.00 18.79 ? 85  LYS A N   1 
ATOM   613  C CA  . LYS A 1 84  ? 0.617   -12.608 10.062  1.00 18.95 ? 85  LYS A CA  1 
ATOM   614  C C   . LYS A 1 84  ? 1.673   -12.251 9.006   1.00 17.17 ? 85  LYS A C   1 
ATOM   615  O O   . LYS A 1 84  ? 1.538   -12.606 7.834   1.00 16.33 ? 85  LYS A O   1 
ATOM   616  C CB  . LYS A 1 84  ? 0.680   -14.096 10.363  1.00 21.39 ? 85  LYS A CB  1 
ATOM   617  C CG  . LYS A 1 84  ? 2.068   -14.609 10.600  1.00 23.35 ? 85  LYS A CG  1 
ATOM   618  C CD  . LYS A 1 84  ? 2.110   -16.075 10.239  1.00 29.49 ? 85  LYS A CD  1 
ATOM   619  C CE  . LYS A 1 84  ? 2.226   -16.942 11.464  1.00 34.71 ? 85  LYS A CE  1 
ATOM   620  N NZ  . LYS A 1 84  ? 3.582   -16.762 12.071  1.00 40.12 ? 85  LYS A NZ  1 
ATOM   621  N N   . GLY A 1 85  ? 2.710   -11.533 9.442   1.00 16.26 ? 86  GLY A N   1 
ATOM   622  C CA  . GLY A 1 85  ? 3.824   -11.176 8.571   1.00 17.12 ? 86  GLY A CA  1 
ATOM   623  C C   . GLY A 1 85  ? 3.417   -10.318 7.379   1.00 16.49 ? 86  GLY A C   1 
ATOM   624  O O   . GLY A 1 85  ? 4.151   -10.205 6.415   1.00 16.25 ? 86  GLY A O   1 
ATOM   625  N N   . VAL A 1 86  ? 2.308   -9.600  7.522   1.00 17.00 ? 87  VAL A N   1 
ATOM   626  C CA  . VAL A 1 86  ? 1.714   -8.902  6.408   1.00 15.46 ? 87  VAL A CA  1 
ATOM   627  C C   . VAL A 1 86  ? 2.595   -7.793  5.868   1.00 17.06 ? 87  VAL A C   1 
ATOM   628  O O   . VAL A 1 86  ? 2.658   -7.612  4.662   1.00 17.46 ? 87  VAL A O   1 
ATOM   629  C CB  . VAL A 1 86  ? 0.304   -8.359  6.770   1.00 15.23 ? 87  VAL A CB  1 
ATOM   630  C CG1 . VAL A 1 86  ? 0.382   -7.182  7.750   1.00 14.07 ? 87  VAL A CG1 1 
ATOM   631  C CG2 . VAL A 1 86  ? -0.455  -7.970  5.488   1.00 15.28 ? 87  VAL A CG2 1 
ATOM   632  N N   . VAL A 1 87  ? 3.372   -7.137  6.734   1.00 16.02 ? 88  VAL A N   1 
ATOM   633  C CA  . VAL A 1 87  ? 4.221   -6.030  6.299   1.00 14.56 ? 88  VAL A CA  1 
ATOM   634  C C   . VAL A 1 87  ? 5.340   -6.470  5.347   1.00 15.22 ? 88  VAL A C   1 
ATOM   635  O O   . VAL A 1 87  ? 5.484   -5.927  4.237   1.00 14.88 ? 88  VAL A O   1 
ATOM   636  C CB  . VAL A 1 87  ? 4.823   -5.232  7.521   1.00 13.84 ? 88  VAL A CB  1 
ATOM   637  C CG1 . VAL A 1 87  ? 5.839   -4.176  7.039   1.00 13.54 ? 88  VAL A CG1 1 
ATOM   638  C CG2 . VAL A 1 87  ? 3.731   -4.556  8.276   1.00 13.65 ? 88  VAL A CG2 1 
ATOM   639  N N   . ALA A 1 88  ? 6.049   -7.527  5.714   1.00 14.29 ? 89  ALA A N   1 
ATOM   640  C CA  . ALA A 1 88  ? 7.114   -8.040  4.845   1.00 17.16 ? 89  ALA A CA  1 
ATOM   641  C C   . ALA A 1 88  ? 6.525   -8.802  3.638   1.00 14.86 ? 89  ALA A C   1 
ATOM   642  O O   . ALA A 1 88  ? 7.041   -8.717  2.522   1.00 13.56 ? 89  ALA A O   1 
ATOM   643  C CB  . ALA A 1 88  ? 8.032   -8.962  5.637   1.00 16.70 ? 89  ALA A CB  1 
ATOM   644  N N   . SER A 1 89  ? 5.456   -9.560  3.893   1.00 14.09 ? 90  SER A N   1 
ATOM   645  C CA  . SER A 1 89  ? 4.807   -10.370 2.858   1.00 15.42 ? 90  SER A CA  1 
ATOM   646  C C   . SER A 1 89  ? 4.254   -9.471  1.770   1.00 13.48 ? 90  SER A C   1 
ATOM   647  O O   . SER A 1 89  ? 4.502   -9.705  0.598   1.00 13.12 ? 90  SER A O   1 
ATOM   648  C CB  . SER A 1 89  ? 3.668   -11.190 3.457   1.00 15.80 ? 90  SER A CB  1 
ATOM   649  O OG  . SER A 1 89  ? 3.073   -11.984 2.467   1.00 14.57 ? 90  SER A OG  1 
ATOM   650  N N   . ALA A 1 90  ? 3.645   -8.353  2.165   1.00 13.58 ? 91  ALA A N   1 
ATOM   651  C CA  . ALA A 1 90  ? 3.059   -7.451  1.184   1.00 12.64 ? 91  ALA A CA  1 
ATOM   652  C C   . ALA A 1 90  ? 4.144   -6.779  0.340   1.00 14.50 ? 91  ALA A C   1 
ATOM   653  O O   . ALA A 1 90  ? 3.966   -6.583  -0.863  1.00 12.08 ? 91  ALA A O   1 
ATOM   654  C CB  . ALA A 1 90  ? 2.194   -6.411  1.871   1.00 11.86 ? 91  ALA A CB  1 
ATOM   655  N N   . ARG A 1 91  ? 5.294   -6.486  0.947   1.00 14.72 ? 92  ARG A N   1 
ATOM   656  C CA  . ARG A 1 91  ? 6.450   -5.965  0.192   1.00 16.52 ? 92  ARG A CA  1 
ATOM   657  C C   . ARG A 1 91  ? 6.951   -6.954  -0.826  1.00 15.27 ? 92  ARG A C   1 
ATOM   658  O O   . ARG A 1 91  ? 7.405   -6.584  -1.902  1.00 15.53 ? 92  ARG A O   1 
ATOM   659  C CB  . ARG A 1 91  ? 7.621   -5.651  1.117   1.00 22.26 ? 92  ARG A CB  1 
ATOM   660  C CG  . ARG A 1 91  ? 7.350   -4.533  2.077   1.00 34.28 ? 92  ARG A CG  1 
ATOM   661  C CD  . ARG A 1 91  ? 8.622   -4.132  2.831   1.00 41.43 ? 92  ARG A CD  1 
ATOM   662  N NE  . ARG A 1 91  ? 9.640   -3.485  1.980   1.00 50.51 ? 92  ARG A NE  1 
ATOM   663  C CZ  . ARG A 1 91  ? 9.487   -2.336  1.298   1.00 54.72 ? 92  ARG A CZ  1 
ATOM   664  N NH1 . ARG A 1 91  ? 8.306   -1.718  1.210   1.00 55.30 ? 92  ARG A NH1 1 
ATOM   665  N NH2 . ARG A 1 91  ? 10.539  -1.795  0.679   1.00 56.42 ? 92  ARG A NH2 1 
ATOM   666  N N   . LEU A 1 92  ? 7.046   -8.204  -0.399  1.00 15.90 ? 93  LEU A N   1 
ATOM   667  C CA  . LEU A 1 92  ? 7.493   -9.256  -1.271  1.00 14.45 ? 93  LEU A CA  1 
ATOM   668  C C   . LEU A 1 92  ? 6.537   -9.372  -2.479  1.00 12.73 ? 93  LEU A C   1 
ATOM   669  O O   . LEU A 1 92  ? 6.977   -9.581  -3.605  1.00 14.08 ? 93  LEU A O   1 
ATOM   670  C CB  . LEU A 1 92  ? 7.545   -10.560 -0.479  1.00 17.32 ? 93  LEU A CB  1 
ATOM   671  C CG  . LEU A 1 92  ? 8.182   -11.737 -1.208  1.00 21.41 ? 93  LEU A CG  1 
ATOM   672  C CD1 . LEU A 1 92  ? 9.590   -11.350 -1.602  1.00 21.49 ? 93  LEU A CD1 1 
ATOM   673  C CD2 . LEU A 1 92  ? 8.185   -12.997 -0.340  1.00 21.88 ? 93  LEU A CD2 1 
ATOM   674  N N   . MET A 1 93  ? 5.236   -9.247  -2.227  1.00 12.89 ? 94  MET A N   1 
ATOM   675  C CA  . MET A 1 93  ? 4.236   -9.352  -3.282  1.00 12.11 ? 94  MET A CA  1 
ATOM   676  C C   . MET A 1 93  ? 4.263   -8.147  -4.185  1.00 11.84 ? 94  MET A C   1 
ATOM   677  O O   . MET A 1 93  ? 3.923   -8.240  -5.357  1.00 13.79 ? 94  MET A O   1 
ATOM   678  C CB  . MET A 1 93  ? 2.859   -9.504  -2.683  1.00 11.46 ? 94  MET A CB  1 
ATOM   679  C CG  . MET A 1 93  ? 2.668   -10.857 -2.036  1.00 14.71 ? 94  MET A CG  1 
ATOM   680  S SD  . MET A 1 93  ? 1.223   -10.905 -0.994  1.00 19.06 ? 94  MET A SD  1 
ATOM   681  C CE  . MET A 1 93  ? -0.035  -11.008 -2.249  1.00 19.36 ? 94  MET A CE  1 
ATOM   682  N N   . ILE A 1 94  ? 4.728   -7.022  -3.658  1.00 11.29 ? 95  ILE A N   1 
ATOM   683  C CA  . ILE A 1 94  ? 4.935   -5.824  -4.459  1.00 12.23 ? 95  ILE A CA  1 
ATOM   684  C C   . ILE A 1 94  ? 6.139   -5.886  -5.419  1.00 14.77 ? 95  ILE A C   1 
ATOM   685  O O   . ILE A 1 94  ? 6.025   -5.560  -6.607  1.00 14.35 ? 95  ILE A O   1 
ATOM   686  C CB  . ILE A 1 94  ? 5.035   -4.580  -3.526  1.00 12.31 ? 95  ILE A CB  1 
ATOM   687  C CG1 . ILE A 1 94  ? 3.647   -4.259  -2.961  1.00 10.64 ? 95  ILE A CG1 1 
ATOM   688  C CG2 . ILE A 1 94  ? 5.660   -3.391  -4.247  1.00 11.37 ? 95  ILE A CG2 1 
ATOM   689  C CD1 . ILE A 1 94  ? 3.662   -3.245  -1.846  1.00 10.30 ? 95  ILE A CD1 1 
ATOM   690  N N   . GLY A 1 95  ? 7.268   -6.393  -4.945  1.00 14.89 ? 96  GLY A N   1 
ATOM   691  C CA  . GLY A 1 95  ? 8.458   -6.361  -5.777  1.00 16.36 ? 96  GLY A CA  1 
ATOM   692  C C   . GLY A 1 95  ? 9.450   -5.355  -5.222  1.00 18.71 ? 96  GLY A C   1 
ATOM   693  O O   . GLY A 1 95  ? 9.328   -4.924  -4.084  1.00 21.68 ? 96  GLY A O   1 
ATOM   694  N N   . VAL A 1 96  ? 10.438  -4.960  -5.999  1.00 18.06 ? 97  VAL A N   1 
ATOM   695  C CA  . VAL A 1 96  ? 11.411  -4.004  -5.482  1.00 17.72 ? 97  VAL A CA  1 
ATOM   696  C C   . VAL A 1 96  ? 11.128  -2.651  -6.093  1.00 18.38 ? 97  VAL A C   1 
ATOM   697  O O   . VAL A 1 96  ? 10.212  -2.527  -6.899  1.00 17.40 ? 97  VAL A O   1 
ATOM   698  C CB  . VAL A 1 96  ? 12.852  -4.487  -5.764  1.00 16.26 ? 97  VAL A CB  1 
ATOM   699  C CG1 . VAL A 1 96  ? 13.041  -5.870  -5.150  1.00 16.80 ? 97  VAL A CG1 1 
ATOM   700  C CG2 . VAL A 1 96  ? 13.126  -4.554  -7.232  1.00 16.23 ? 97  VAL A CG2 1 
ATOM   701  N N   . THR A 1 97  ? 11.834  -1.616  -5.659  1.00 18.39 ? 98  THR A N   1 
ATOM   702  C CA  . THR A 1 97  ? 11.565  -0.244  -6.113  1.00 18.01 ? 98  THR A CA  1 
ATOM   703  C C   . THR A 1 97  ? 11.481  -0.101  -7.631  1.00 16.06 ? 98  THR A C   1 
ATOM   704  O O   . THR A 1 97  ? 10.574  0.538   -8.172  1.00 18.20 ? 98  THR A O   1 
ATOM   705  C CB  . THR A 1 97  ? 12.639  0.708   -5.554  1.00 14.66 ? 98  THR A CB  1 
ATOM   706  O OG1 . THR A 1 97  ? 12.609  0.618   -4.129  1.00 19.91 ? 98  THR A OG1 1 
ATOM   707  C CG2 . THR A 1 97  ? 12.371  2.118   -5.957  1.00 16.14 ? 98  THR A CG2 1 
ATOM   708  N N   . ASN A 1 98  ? 12.464  -0.646  -8.315  1.00 15.50 ? 99  ASN A N   1 
ATOM   709  C CA  . ASN A 1 98  ? 12.473  -0.622  -9.756  1.00 17.28 ? 99  ASN A CA  1 
ATOM   710  C C   . ASN A 1 98  ? 11.621  -1.781  -10.347 1.00 16.92 ? 99  ASN A C   1 
ATOM   711  O O   . ASN A 1 98  ? 11.997  -2.950  -10.231 1.00 13.85 ? 99  ASN A O   1 
ATOM   712  C CB  . ASN A 1 98  ? 13.920  -0.715  -10.208 1.00 20.34 ? 99  ASN A CB  1 
ATOM   713  C CG  . ASN A 1 98  ? 14.079  -0.631  -11.708 1.00 24.48 ? 99  ASN A CG  1 
ATOM   714  O OD1 . ASN A 1 98  ? 15.191  -0.743  -12.207 1.00 29.34 ? 99  ASN A OD1 1 
ATOM   715  N ND2 . ASN A 1 98  ? 12.990  -0.403  -12.434 1.00 20.56 ? 99  ASN A ND2 1 
ATOM   716  N N   . PRO A 1 99  ? 10.493  -1.459  -11.035 1.00 16.22 ? 100 PRO A N   1 
ATOM   717  C CA  . PRO A 1 99  ? 9.597   -2.485  -11.585 1.00 14.67 ? 100 PRO A CA  1 
ATOM   718  C C   . PRO A 1 99  ? 10.296  -3.400  -12.567 1.00 13.63 ? 100 PRO A C   1 
ATOM   719  O O   . PRO A 1 99  ? 9.998   -4.573  -12.650 1.00 14.33 ? 100 PRO A O   1 
ATOM   720  C CB  . PRO A 1 99  ? 8.496   -1.669  -12.279 1.00 13.16 ? 100 PRO A CB  1 
ATOM   721  C CG  . PRO A 1 99  ? 8.445   -0.436  -11.516 1.00 17.03 ? 100 PRO A CG  1 
ATOM   722  C CD  . PRO A 1 99  ? 9.904   -0.119  -11.209 1.00 16.60 ? 100 PRO A CD  1 
ATOM   723  N N   . LEU A 1 100 ? 11.293  -2.874  -13.260 1.00 14.61 ? 101 LEU A N   1 
ATOM   724  C CA  . LEU A 1 100 ? 12.022  -3.649  -14.268 1.00 15.29 ? 101 LEU A CA  1 
ATOM   725  C C   . LEU A 1 100 ? 12.828  -4.780  -13.659 1.00 14.43 ? 101 LEU A C   1 
ATOM   726  O O   . LEU A 1 100 ? 13.103  -5.791  -14.300 1.00 15.67 ? 101 LEU A O   1 
ATOM   727  C CB  . LEU A 1 100 ? 12.954  -2.727  -15.074 1.00 14.31 ? 101 LEU A CB  1 
ATOM   728  C CG  . LEU A 1 100 ? 12.229  -1.742  -15.967 1.00 15.45 ? 101 LEU A CG  1 
ATOM   729  C CD1 . LEU A 1 100 ? 13.246  -0.992  -16.753 1.00 18.42 ? 101 LEU A CD1 1 
ATOM   730  C CD2 . LEU A 1 100 ? 11.279  -2.498  -16.868 1.00 15.59 ? 101 LEU A CD2 1 
ATOM   731  N N   . ALA A 1 101 ? 13.179  -4.601  -12.393 1.00 16.88 ? 102 ALA A N   1 
ATOM   732  C CA  . ALA A 1 101 ? 13.982  -5.565  -11.658 1.00 18.92 ? 102 ALA A CA  1 
ATOM   733  C C   . ALA A 1 101 ? 13.117  -6.477  -10.779 1.00 17.98 ? 102 ALA A C   1 
ATOM   734  O O   . ALA A 1 101 ? 13.620  -7.381  -10.137 1.00 18.68 ? 102 ALA A O   1 
ATOM   735  C CB  . ALA A 1 101 ? 15.010  -4.814  -10.807 1.00 17.61 ? 102 ALA A CB  1 
ATOM   736  N N   . SER A 1 102 ? 11.825  -6.184  -10.696 1.00 17.83 ? 103 SER A N   1 
ATOM   737  C CA  . SER A 1 102 ? 10.919  -6.971  -9.873  1.00 16.97 ? 103 SER A CA  1 
ATOM   738  C C   . SER A 1 102 ? 10.574  -8.259  -10.576 1.00 16.11 ? 103 SER A C   1 
ATOM   739  O O   . SER A 1 102 ? 10.332  -8.254  -11.781 1.00 19.68 ? 103 SER A O   1 
ATOM   740  C CB  . SER A 1 102 ? 9.630   -6.206  -9.602  1.00 15.39 ? 103 SER A CB  1 
ATOM   741  O OG  . SER A 1 102 ? 9.886   -5.092  -8.782  1.00 16.93 ? 103 SER A OG  1 
ATOM   742  N N   . ALA A 1 103 ? 10.583  -9.365  -9.838  1.00 15.91 ? 104 ALA A N   1 
ATOM   743  C CA  . ALA A 1 103 ? 10.362  -10.687 -10.421 1.00 15.83 ? 104 ALA A CA  1 
ATOM   744  C C   . ALA A 1 103 ? 8.959   -10.779 -11.044 1.00 13.75 ? 104 ALA A C   1 
ATOM   745  O O   . ALA A 1 103 ? 7.974   -10.319 -10.460 1.00 15.11 ? 104 ALA A O   1 
ATOM   746  C CB  . ALA A 1 103 ? 10.556  -11.782 -9.345  1.00 15.90 ? 104 ALA A CB  1 
ATOM   747  N N   . PRO A 1 104 ? 8.832   -11.423 -12.198 1.00 14.76 ? 105 PRO A N   1 
ATOM   748  C CA  . PRO A 1 104 ? 7.484   -11.852 -12.623 1.00 13.68 ? 105 PRO A CA  1 
ATOM   749  C C   . PRO A 1 104 ? 6.717   -12.534 -11.475 1.00 13.41 ? 105 PRO A C   1 
ATOM   750  O O   . PRO A 1 104 ? 7.260   -13.360 -10.779 1.00 14.82 ? 105 PRO A O   1 
ATOM   751  C CB  . PRO A 1 104 ? 7.748   -12.851 -13.745 1.00 13.83 ? 105 PRO A CB  1 
ATOM   752  C CG  . PRO A 1 104 ? 9.193   -12.673 -14.116 1.00 15.88 ? 105 PRO A CG  1 
ATOM   753  C CD  . PRO A 1 104 ? 9.900   -12.132 -12.929 1.00 13.83 ? 105 PRO A CD  1 
ATOM   754  N N   . GLY A 1 105 ? 5.422   -12.288 -11.372 1.00 12.94 ? 106 GLY A N   1 
ATOM   755  C CA  . GLY A 1 105 ? 4.685   -12.773 -10.217 1.00 11.75 ? 106 GLY A CA  1 
ATOM   756  C C   . GLY A 1 105 ? 4.346   -11.680 -9.232  1.00 12.14 ? 106 GLY A C   1 
ATOM   757  O O   . GLY A 1 105 ? 3.337   -11.764 -8.537  1.00 11.90 ? 106 GLY A O   1 
ATOM   758  N N   . SER A 1 106 ? 5.231   -10.687 -9.104  1.00 12.10 ? 107 SER A N   1 
ATOM   759  C CA  . SER A 1 106 ? 5.018   -9.589  -8.176  1.00 12.22 ? 107 SER A CA  1 
ATOM   760  C C   . SER A 1 106 ? 4.255   -8.495  -8.881  1.00 11.77 ? 107 SER A C   1 
ATOM   761  O O   . SER A 1 106 ? 4.173   -8.491  -10.089 1.00 13.19 ? 107 SER A O   1 
ATOM   762  C CB  . SER A 1 106 ? 6.344   -9.050  -7.650  1.00 11.96 ? 107 SER A CB  1 
ATOM   763  O OG  . SER A 1 106 ? 7.076   -8.377  -8.643  1.00 13.80 ? 107 SER A OG  1 
ATOM   764  N N   . ILE A 1 107 ? 3.647   -7.599  -8.131  1.00 11.89 ? 108 ILE A N   1 
ATOM   765  C CA  . ILE A 1 107 ? 2.806   -6.598  -8.737  1.00 10.26 ? 108 ILE A CA  1 
ATOM   766  C C   . ILE A 1 107 ? 3.631   -5.720  -9.662  1.00 11.92 ? 108 ILE A C   1 
ATOM   767  O O   . ILE A 1 107 ? 3.316   -5.585  -10.849 1.00 12.16 ? 108 ILE A O   1 
ATOM   768  C CB  . ILE A 1 107 ? 2.090   -5.785  -7.647  1.00 12.31 ? 108 ILE A CB  1 
ATOM   769  C CG1 . ILE A 1 107 ? 1.050   -6.671  -6.950  1.00 10.38 ? 108 ILE A CG1 1 
ATOM   770  C CG2 . ILE A 1 107 ? 1.457   -4.515  -8.254  1.00 12.54 ? 108 ILE A CG2 1 
ATOM   771  C CD1 . ILE A 1 107 ? 0.573   -6.198  -5.606  1.00 11.90 ? 108 ILE A CD1 1 
ATOM   772  N N   . ARG A 1 108 ? 4.751   -5.212  -9.175  1.00 12.84 ? 109 ARG A N   1 
ATOM   773  C CA  . ARG A 1 108 ? 5.595   -4.355  -10.005 1.00 12.33 ? 109 ARG A CA  1 
ATOM   774  C C   . ARG A 1 108 ? 6.333   -5.100  -11.089 1.00 12.27 ? 109 ARG A C   1 
ATOM   775  O O   . ARG A 1 108 ? 6.437   -4.604  -12.223 1.00 13.98 ? 109 ARG A O   1 
ATOM   776  C CB  . ARG A 1 108 ? 6.558   -3.560  -9.135  1.00 13.37 ? 109 ARG A CB  1 
ATOM   777  C CG  . ARG A 1 108 ? 5.786   -2.709  -8.180  1.00 14.37 ? 109 ARG A CG  1 
ATOM   778  C CD  . ARG A 1 108 ? 6.493   -1.467  -7.767  1.00 22.43 ? 109 ARG A CD  1 
ATOM   779  N NE  . ARG A 1 108 ? 7.231   -1.687  -6.551  1.00 27.33 ? 109 ARG A NE  1 
ATOM   780  C CZ  . ARG A 1 108 ? 7.443   -0.804  -5.576  1.00 20.85 ? 109 ARG A CZ  1 
ATOM   781  N NH1 . ARG A 1 108 ? 6.517   0.050   -5.171  1.00 20.13 ? 109 ARG A NH1 1 
ATOM   782  N NH2 . ARG A 1 108 ? 8.443   -1.055  -4.774  1.00 21.55 ? 109 ARG A NH2 1 
ATOM   783  N N   . GLY A 1 109 ? 6.602   -6.371  -10.828 1.00 11.21 ? 110 GLY A N   1 
ATOM   784  C CA  . GLY A 1 109 ? 7.199   -7.219  -11.834 1.00 12.07 ? 110 GLY A CA  1 
ATOM   785  C C   . GLY A 1 109 ? 6.279   -7.532  -12.999 1.00 14.14 ? 110 GLY A C   1 
ATOM   786  O O   . GLY A 1 109 ? 6.725   -7.635  -14.145 1.00 15.92 ? 110 GLY A O   1 
ATOM   787  N N   . ASP A 1 110 ? 4.984   -7.589  -12.712 1.00 13.20 ? 111 ASP A N   1 
ATOM   788  C CA  . ASP A 1 110 ? 4.003   -7.921  -13.719 1.00 11.88 ? 111 ASP A CA  1 
ATOM   789  C C   . ASP A 1 110 ? 3.503   -6.698  -14.488 1.00 13.19 ? 111 ASP A C   1 
ATOM   790  O O   . ASP A 1 110 ? 3.111   -6.815  -15.644 1.00 13.35 ? 111 ASP A O   1 
ATOM   791  C CB  . ASP A 1 110 ? 2.814   -8.629  -13.066 1.00 12.48 ? 111 ASP A CB  1 
ATOM   792  C CG  . ASP A 1 110 ? 3.124   -10.058 -12.644 1.00 11.49 ? 111 ASP A CG  1 
ATOM   793  O OD1 . ASP A 1 110 ? 4.145   -10.614 -13.028 1.00 12.33 ? 111 ASP A OD1 1 
ATOM   794  O OD2 . ASP A 1 110 ? 2.318   -10.639 -11.917 1.00 13.87 ? 111 ASP A OD2 1 
ATOM   795  N N   . PHE A 1 111 ? 3.496   -5.533  -13.847 1.00 12.12 ? 112 PHE A N   1 
ATOM   796  C CA  . PHE A 1 111 ? 2.723   -4.413  -14.380 1.00 12.68 ? 112 PHE A CA  1 
ATOM   797  C C   . PHE A 1 111 ? 3.523   -3.119  -14.597 1.00 11.01 ? 112 PHE A C   1 
ATOM   798  O O   . PHE A 1 111 ? 3.015   -2.148  -15.169 1.00 11.93 ? 112 PHE A O   1 
ATOM   799  C CB  . PHE A 1 111 ? 1.514   -4.125  -13.460 1.00 13.83 ? 112 PHE A CB  1 
ATOM   800  C CG  . PHE A 1 111 ? 0.497   -5.240  -13.386 1.00 18.04 ? 112 PHE A CG  1 
ATOM   801  C CD1 . PHE A 1 111 ? -0.126  -5.728  -14.550 1.00 17.89 ? 112 PHE A CD1 1 
ATOM   802  C CD2 . PHE A 1 111 ? 0.206   -5.858  -12.161 1.00 17.79 ? 112 PHE A CD2 1 
ATOM   803  C CE1 . PHE A 1 111 ? -1.011  -6.817  -14.497 1.00 17.01 ? 112 PHE A CE1 1 
ATOM   804  C CE2 . PHE A 1 111 ? -0.680  -6.952  -12.103 1.00 16.13 ? 112 PHE A CE2 1 
ATOM   805  C CZ  . PHE A 1 111 ? -1.284  -7.431  -13.282 1.00 17.05 ? 112 PHE A CZ  1 
ATOM   806  N N   . GLY A 1 112 ? 4.734   -3.041  -14.064 1.00 10.39 ? 113 GLY A N   1 
ATOM   807  C CA  . GLY A 1 112 ? 5.381   -1.750  -14.044 1.00 10.05 ? 113 GLY A CA  1 
ATOM   808  C C   . GLY A 1 112 ? 6.640   -1.713  -14.858 1.00 11.79 ? 113 GLY A C   1 
ATOM   809  O O   . GLY A 1 112 ? 7.295   -2.724  -15.035 1.00 12.61 ? 113 GLY A O   1 
ATOM   810  N N   . VAL A 1 113 ? 7.062   -0.517  -15.229 1.00 12.90 ? 114 VAL A N   1 
ATOM   811  C CA  . VAL A 1 113 ? 8.242   -0.368  -16.046 1.00 14.51 ? 114 VAL A CA  1 
ATOM   812  C C   . VAL A 1 113 ? 9.130   0.780   -15.535 1.00 18.37 ? 114 VAL A C   1 
ATOM   813  O O   . VAL A 1 113 ? 10.340  0.743   -15.688 1.00 22.05 ? 114 VAL A O   1 
ATOM   814  C CB  . VAL A 1 113 ? 7.812   -0.150  -17.499 1.00 16.83 ? 114 VAL A CB  1 
ATOM   815  C CG1 . VAL A 1 113 ? 8.775   0.670   -18.223 1.00 23.67 ? 114 VAL A CG1 1 
ATOM   816  C CG2 . VAL A 1 113 ? 7.660   -1.468  -18.179 1.00 10.79 ? 114 VAL A CG2 1 
ATOM   817  N N   . ASP A 1 114 ? 8.559   1.696   -14.760 1.00 20.05 ? 115 ASP A N   1 
ATOM   818  C CA  . ASP A 1 114 ? 9.277   2.922   -14.376 1.00 21.96 ? 115 ASP A CA  1 
ATOM   819  C C   . ASP A 1 114 ? 9.195   3.175   -12.867 1.00 20.34 ? 115 ASP A C   1 
ATOM   820  O O   . ASP A 1 114 ? 8.119   3.061   -12.292 1.00 19.18 ? 115 ASP A O   1 
ATOM   821  C CB  . ASP A 1 114 ? 8.690   4.116   -15.139 1.00 23.41 ? 115 ASP A CB  1 
ATOM   822  C CG  . ASP A 1 114 ? 9.630   5.308   -15.188 1.00 25.79 ? 115 ASP A CG  1 
ATOM   823  O OD1 . ASP A 1 114 ? 10.852  5.140   -15.000 1.00 29.25 ? 115 ASP A OD1 1 
ATOM   824  O OD2 . ASP A 1 114 ? 9.150   6.409   -15.489 1.00 24.70 ? 115 ASP A OD2 1 
ATOM   825  N N   . VAL A 1 115 ? 10.337  3.460   -12.226 1.00 20.48 ? 116 VAL A N   1 
ATOM   826  C CA  . VAL A 1 115 ? 10.410  3.745   -10.778 1.00 18.61 ? 116 VAL A CA  1 
ATOM   827  C C   . VAL A 1 115 ? 9.379   4.769   -10.309 1.00 16.76 ? 116 VAL A C   1 
ATOM   828  O O   . VAL A 1 115 ? 8.773   4.604   -9.246  1.00 17.67 ? 116 VAL A O   1 
ATOM   829  C CB  . VAL A 1 115 ? 11.830  4.270   -10.379 1.00 19.45 ? 116 VAL A CB  1 
ATOM   830  C CG1 . VAL A 1 115 ? 11.847  4.770   -8.935  1.00 16.95 ? 116 VAL A CG1 1 
ATOM   831  C CG2 . VAL A 1 115 ? 12.837  3.182   -10.578 1.00 18.01 ? 116 VAL A CG2 1 
ATOM   832  N N   . GLY A 1 116 ? 9.213   5.835   -11.096 1.00 18.41 ? 117 GLY A N   1 
ATOM   833  C CA  . GLY A 1 116 ? 8.317   6.922   -10.748 1.00 16.59 ? 117 GLY A CA  1 
ATOM   834  C C   . GLY A 1 116 ? 6.865   6.581   -10.987 1.00 18.45 ? 117 GLY A C   1 
ATOM   835  O O   . GLY A 1 116 ? 5.978   7.378   -10.685 1.00 20.26 ? 117 GLY A O   1 
ATOM   836  N N   . ARG A 1 117 ? 6.629   5.499   -11.722 1.00 17.04 ? 118 ARG A N   1 
ATOM   837  C CA  . ARG A 1 117 ? 5.282   5.012   -11.918 1.00 16.24 ? 118 ARG A CA  1 
ATOM   838  C C   . ARG A 1 117 ? 5.235   3.558   -11.502 1.00 16.69 ? 118 ARG A C   1 
ATOM   839  O O   . ARG A 1 117 ? 5.094   2.658   -12.333 1.00 18.81 ? 118 ARG A O   1 
ATOM   840  C CB  . ARG A 1 117 ? 4.878   5.176   -13.373 1.00 15.73 ? 118 ARG A CB  1 
ATOM   841  C CG  . ARG A 1 117 ? 4.923   6.586   -13.830 1.00 15.23 ? 118 ARG A CG  1 
ATOM   842  C CD  . ARG A 1 117 ? 3.745   7.315   -13.299 1.00 17.67 ? 118 ARG A CD  1 
ATOM   843  N NE  . ARG A 1 117 ? 3.714   8.687   -13.799 1.00 21.32 ? 118 ARG A NE  1 
ATOM   844  C CZ  . ARG A 1 117 ? 4.387   9.702   -13.262 1.00 24.86 ? 118 ARG A CZ  1 
ATOM   845  N NH1 . ARG A 1 117 ? 5.145   9.515   -12.184 1.00 20.16 ? 118 ARG A NH1 1 
ATOM   846  N NH2 . ARG A 1 117 ? 4.256   10.924  -13.772 1.00 25.85 ? 118 ARG A NH2 1 
ATOM   847  N N   . ASN A 1 118 ? 5.424   3.318   -10.212 1.00 16.01 ? 119 ASN A N   1 
ATOM   848  C CA  . ASN A 1 118 ? 5.487   1.951   -9.745  1.00 15.27 ? 119 ASN A CA  1 
ATOM   849  C C   . ASN A 1 118 ? 4.275   1.525   -8.956  1.00 13.89 ? 119 ASN A C   1 
ATOM   850  O O   . ASN A 1 118 ? 4.364   0.589   -8.163  1.00 12.50 ? 119 ASN A O   1 
ATOM   851  C CB  . ASN A 1 118 ? 6.792   1.649   -8.988  1.00 15.13 ? 119 ASN A CB  1 
ATOM   852  C CG  . ASN A 1 118 ? 6.959   2.450   -7.728  1.00 15.06 ? 119 ASN A CG  1 
ATOM   853  O OD1 . ASN A 1 118 ? 6.115   3.236   -7.362  1.00 16.57 ? 119 ASN A OD1 1 
ATOM   854  N ND2 . ASN A 1 118 ? 8.101   2.270   -7.074  1.00 17.57 ? 119 ASN A ND2 1 
ATOM   855  N N   . ILE A 1 119 ? 3.132   2.144   -9.270  1.00 13.59 ? 120 ILE A N   1 
ATOM   856  C CA  . ILE A 1 119 ? 1.808   1.538   -9.097  1.00 12.63 ? 120 ILE A CA  1 
ATOM   857  C C   . ILE A 1 119 ? 1.265   1.601   -7.679  1.00 13.19 ? 120 ILE A C   1 
ATOM   858  O O   . ILE A 1 119 ? 0.161   2.085   -7.460  1.00 14.78 ? 120 ILE A O   1 
ATOM   859  C CB  . ILE A 1 119 ? 1.828   0.065   -9.577  1.00 12.47 ? 120 ILE A CB  1 
ATOM   860  C CG1 . ILE A 1 119 ? 2.249   0.018   -11.054 1.00 12.58 ? 120 ILE A CG1 1 
ATOM   861  C CG2 . ILE A 1 119 ? 0.457   -0.629  -9.303  1.00 12.32 ? 120 ILE A CG2 1 
ATOM   862  C CD1 . ILE A 1 119 ? 2.683   -1.333  -11.483 1.00 13.28 ? 120 ILE A CD1 1 
ATOM   863  N N   . ILE A 1 120 ? 2.066   1.154   -6.710  1.00 14.32 ? 121 ILE A N   1 
ATOM   864  C CA  . ILE A 1 120 ? 1.587   0.856   -5.368  1.00 14.51 ? 121 ILE A CA  1 
ATOM   865  C C   . ILE A 1 120 ? 2.631   1.198   -4.314  1.00 16.02 ? 121 ILE A C   1 
ATOM   866  O O   . ILE A 1 120 ? 3.837   1.163   -4.588  1.00 15.86 ? 121 ILE A O   1 
ATOM   867  C CB  . ILE A 1 120 ? 1.236   -0.624  -5.242  1.00 14.59 ? 121 ILE A CB  1 
ATOM   868  C CG1 . ILE A 1 120 ? 0.659   -0.925  -3.851  1.00 15.41 ? 121 ILE A CG1 1 
ATOM   869  C CG2 . ILE A 1 120 ? 2.460   -1.484  -5.580  1.00 14.45 ? 121 ILE A CG2 1 
ATOM   870  C CD1 . ILE A 1 120 ? -0.088  -2.218  -3.793  1.00 13.67 ? 121 ILE A CD1 1 
ATOM   871  N N   . HIS A 1 121 ? 2.150   1.642   -3.155  1.00 16.04 ? 122 HIS A N   1 
ATOM   872  C CA  . HIS A 1 121 ? 2.987   1.850   -1.962  1.00 17.73 ? 122 HIS A CA  1 
ATOM   873  C C   . HIS A 1 121 ? 2.630   0.798   -0.926  1.00 14.39 ? 122 HIS A C   1 
ATOM   874  O O   . HIS A 1 121 ? 1.463   0.562   -0.699  1.00 16.43 ? 122 HIS A O   1 
ATOM   875  C CB  . HIS A 1 121 ? 2.741   3.244   -1.365  1.00 16.57 ? 122 HIS A CB  1 
ATOM   876  C CG  . HIS A 1 121 ? 3.188   3.369   0.063   1.00 18.29 ? 122 HIS A CG  1 
ATOM   877  N ND1 . HIS A 1 121 ? 4.477   3.730   0.406   1.00 20.21 ? 122 HIS A ND1 1 
ATOM   878  C CD2 . HIS A 1 121 ? 2.562   3.057   1.222   1.00 16.53 ? 122 HIS A CD2 1 
ATOM   879  C CE1 . HIS A 1 121 ? 4.622   3.635   1.717   1.00 18.98 ? 122 HIS A CE1 1 
ATOM   880  N NE2 . HIS A 1 121 ? 3.480   3.217   2.231   1.00 18.23 ? 122 HIS A NE2 1 
ATOM   881  N N   . GLY A 1 122 ? 3.636   0.215   -0.272  1.00 15.04 ? 123 GLY A N   1 
ATOM   882  C CA  . GLY A 1 122 ? 3.399   -0.624  0.897   1.00 13.75 ? 123 GLY A CA  1 
ATOM   883  C C   . GLY A 1 122 ? 4.349   -0.227  2.021   1.00 16.11 ? 123 GLY A C   1 
ATOM   884  O O   . GLY A 1 122 ? 5.449   0.261   1.744   1.00 17.42 ? 123 GLY A O   1 
ATOM   885  N N   . SER A 1 123 ? 3.870   -0.215  3.259   1.00 16.54 ? 124 SER A N   1 
ATOM   886  C CA  . SER A 1 123 ? 4.731   0.160   4.395   1.00 16.53 ? 124 SER A CA  1 
ATOM   887  C C   . SER A 1 123 ? 6.000   -0.657  4.427   1.00 17.77 ? 124 SER A C   1 
ATOM   888  O O   . SER A 1 123 ? 5.971   -1.853  4.188   1.00 17.36 ? 124 SER A O   1 
ATOM   889  C CB  . SER A 1 123 ? 4.006   -0.078  5.680   1.00 15.76 ? 124 SER A CB  1 
ATOM   890  O OG  . SER A 1 123 ? 2.814   0.667   5.707   1.00 18.57 ? 124 SER A OG  1 
ATOM   891  N N   . ASP A 1 124 ? 7.123   -0.046  4.769   1.00 19.54 ? 125 ASP A N   1 
ATOM   892  C CA  . ASP A 1 124 ? 8.338   -0.841  4.751   1.00 21.81 ? 125 ASP A CA  1 
ATOM   893  C C   . ASP A 1 124 ? 8.691   -1.510  6.064   1.00 23.61 ? 125 ASP A C   1 
ATOM   894  O O   . ASP A 1 124 ? 9.602   -2.336  6.107   1.00 29.43 ? 125 ASP A O   1 
ATOM   895  C CB  . ASP A 1 124 ? 9.538   -0.062  4.191   1.00 26.38 ? 125 ASP A CB  1 
ATOM   896  C CG  . ASP A 1 124 ? 9.875   1.167   4.988   1.00 32.63 ? 125 ASP A CG  1 
ATOM   897  O OD1 . ASP A 1 124 ? 9.534   1.247   6.186   1.00 35.33 ? 125 ASP A OD1 1 
ATOM   898  O OD2 . ASP A 1 124 ? 10.509  2.072   4.405   1.00 40.32 ? 125 ASP A OD2 1 
ATOM   899  N N   . SER A 1 125 ? 7.881   -1.272  7.088   1.00 21.71 ? 126 SER A N   1 
ATOM   900  C CA  . SER A 1 125 ? 8.149   -1.792  8.433   1.00 21.48 ? 126 SER A CA  1 
ATOM   901  C C   . SER A 1 125 ? 6.874   -1.643  9.236   1.00 20.28 ? 126 SER A C   1 
ATOM   902  O O   . SER A 1 125 ? 6.033   -0.796  8.925   1.00 22.13 ? 126 SER A O   1 
ATOM   903  C CB  . SER A 1 125 ? 9.280   -0.993  9.119   1.00 18.97 ? 126 SER A CB  1 
ATOM   904  O OG  . SER A 1 125 ? 8.806   0.286   9.537   1.00 23.21 ? 126 SER A OG  1 
ATOM   905  N N   . VAL A 1 126 ? 6.756   -2.420  10.299  1.00 20.88 ? 127 VAL A N   1 
ATOM   906  C CA  . VAL A 1 126 ? 5.609   -2.337  11.189  1.00 23.84 ? 127 VAL A CA  1 
ATOM   907  C C   . VAL A 1 126 ? 5.426   -0.902  11.752  1.00 24.44 ? 127 VAL A C   1 
ATOM   908  O O   . VAL A 1 126 ? 4.325   -0.366  11.795  1.00 23.80 ? 127 VAL A O   1 
ATOM   909  C CB  . VAL A 1 126 ? 5.751   -3.404  12.335  1.00 20.75 ? 127 VAL A CB  1 
ATOM   910  C CG1 . VAL A 1 126 ? 4.825   -3.107  13.461  1.00 19.17 ? 127 VAL A CG1 1 
ATOM   911  C CG2 . VAL A 1 126 ? 5.442   -4.764  11.788  1.00 23.01 ? 127 VAL A CG2 1 
ATOM   912  N N   . GLU A 1 127 ? 6.533   -0.211  11.966  1.00 27.67 ? 128 GLU A N   1 
ATOM   913  C CA  . GLU A 1 127 ? 6.487   1.095   12.601  1.00 29.97 ? 128 GLU A CA  1 
ATOM   914  C C   . GLU A 1 127 ? 6.071   2.151   11.598  1.00 25.87 ? 128 GLU A C   1 
ATOM   915  O O   . GLU A 1 127 ? 5.233   2.997   11.887  1.00 24.78 ? 128 GLU A O   1 
ATOM   916  C CB  . GLU A 1 127 ? 7.859   1.433   13.218  1.00 38.46 ? 128 GLU A CB  1 
ATOM   917  C CG  . GLU A 1 127 ? 8.195   0.622   14.516  1.00 52.00 ? 128 GLU A CG  1 
ATOM   918  C CD  . GLU A 1 127 ? 8.443   -0.922  14.298  1.00 59.52 ? 128 GLU A CD  1 
ATOM   919  O OE1 . GLU A 1 127 ? 8.933   -1.344  13.197  1.00 61.05 ? 128 GLU A OE1 1 
ATOM   920  O OE2 . GLU A 1 127 ? 8.193   -1.705  15.268  1.00 62.74 ? 128 GLU A OE2 1 
ATOM   921  N N   . SER A 1 128 ? 6.576   2.040   10.379  1.00 25.50 ? 129 SER A N   1 
ATOM   922  C CA  . SER A 1 128 ? 6.083   2.891   9.309   1.00 23.59 ? 129 SER A CA  1 
ATOM   923  C C   . SER A 1 128 ? 4.647   2.534   8.909   1.00 22.44 ? 129 SER A C   1 
ATOM   924  O O   . SER A 1 128 ? 3.852   3.426   8.659   1.00 22.46 ? 129 SER A O   1 
ATOM   925  C CB  . SER A 1 128 ? 7.003   2.800   8.121   1.00 23.30 ? 129 SER A CB  1 
ATOM   926  O OG  . SER A 1 128 ? 7.069   1.454   7.717   1.00 33.39 ? 129 SER A OG  1 
ATOM   927  N N   . ALA A 1 129 ? 4.264   1.264   9.055   1.00 21.50 ? 130 ALA A N   1 
ATOM   928  C CA  . ALA A 1 129 ? 2.872   0.853   8.853   1.00 19.94 ? 130 ALA A CA  1 
ATOM   929  C C   . ALA A 1 129 ? 1.920   1.503   9.839   1.00 20.76 ? 130 ALA A C   1 
ATOM   930  O O   . ALA A 1 129 ? 0.858   2.019   9.475   1.00 19.74 ? 130 ALA A O   1 
ATOM   931  C CB  . ALA A 1 129 ? 2.755   -0.641  8.974   1.00 18.83 ? 130 ALA A CB  1 
ATOM   932  N N   . ASN A 1 130 ? 2.297   1.460   11.111  1.00 23.21 ? 131 ASN A N   1 
ATOM   933  C CA  . ASN A 1 130 ? 1.490   2.056   12.158  1.00 23.64 ? 131 ASN A CA  1 
ATOM   934  C C   . ASN A 1 130 ? 1.360   3.568   12.033  1.00 22.34 ? 131 ASN A C   1 
ATOM   935  O O   . ASN A 1 130 ? 0.264   4.112   12.157  1.00 25.02 ? 131 ASN A O   1 
ATOM   936  C CB  . ASN A 1 130 ? 2.066   1.691   13.517  1.00 29.49 ? 131 ASN A CB  1 
ATOM   937  C CG  . ASN A 1 130 ? 1.782   0.260   13.887  1.00 33.73 ? 131 ASN A CG  1 
ATOM   938  O OD1 . ASN A 1 130 ? 0.746   -0.304  13.510  1.00 37.39 ? 131 ASN A OD1 1 
ATOM   939  N ND2 . ASN A 1 130 ? 2.679   -0.334  14.647  1.00 35.40 ? 131 ASN A ND2 1 
ATOM   940  N N   . ARG A 1 131 ? 2.442   4.227   11.655  1.00 20.54 ? 132 ARG A N   1 
ATOM   941  C CA  . ARG A 1 131 ? 2.391   5.654   11.365  1.00 21.00 ? 132 ARG A CA  1 
ATOM   942  C C   . ARG A 1 131 ? 1.531   5.974   10.145  1.00 19.87 ? 132 ARG A C   1 
ATOM   943  O O   . ARG A 1 131 ? 0.778   6.938   10.128  1.00 19.70 ? 132 ARG A O   1 
ATOM   944  C CB  . ARG A 1 131 ? 3.802   6.183   11.133  1.00 21.95 ? 132 ARG A CB  1 
ATOM   945  C CG  . ARG A 1 131 ? 3.900   7.675   10.998  1.00 23.27 ? 132 ARG A CG  1 
ATOM   946  C CD  . ARG A 1 131 ? 5.333   8.056   10.699  1.00 28.75 ? 132 ARG A CD  1 
ATOM   947  N NE  . ARG A 1 131 ? 5.582   8.059   9.262   1.00 36.02 ? 132 ARG A NE  1 
ATOM   948  C CZ  . ARG A 1 131 ? 5.126   9.001   8.424   1.00 38.75 ? 132 ARG A CZ  1 
ATOM   949  N NH1 . ARG A 1 131 ? 4.510   10.090  8.890   1.00 36.96 ? 132 ARG A NH1 1 
ATOM   950  N NH2 . ARG A 1 131 ? 5.322   8.875   7.106   1.00 36.14 ? 132 ARG A NH2 1 
ATOM   951  N N   . GLU A 1 132 ? 1.706   5.202   9.089   1.00 20.71 ? 133 GLU A N   1 
ATOM   952  C CA  . GLU A 1 132 ? 0.935   5.427   7.877   1.00 18.32 ? 133 GLU A CA  1 
ATOM   953  C C   . GLU A 1 132 ? -0.534  5.139   8.034   1.00 16.55 ? 133 GLU A C   1 
ATOM   954  O O   . GLU A 1 132 ? -1.349  5.942   7.614   1.00 18.33 ? 133 GLU A O   1 
ATOM   955  C CB  . GLU A 1 132 ? 1.531   4.628   6.731   1.00 16.64 ? 133 GLU A CB  1 
ATOM   956  C CG  . GLU A 1 132 ? 2.862   5.183   6.323   1.00 18.13 ? 133 GLU A CG  1 
ATOM   957  C CD  . GLU A 1 132 ? 3.644   4.242   5.478   1.00 19.80 ? 133 GLU A CD  1 
ATOM   958  O OE1 . GLU A 1 132 ? 3.071   3.245   5.030   1.00 17.92 ? 133 GLU A OE1 1 
ATOM   959  O OE2 . GLU A 1 132 ? 4.823   4.539   5.200   1.00 22.98 ? 133 GLU A OE2 1 
ATOM   960  N N   . ILE A 1 133 ? -0.874  4.082   8.763   1.00 17.89 ? 134 ILE A N   1 
ATOM   961  C CA  . ILE A 1 133 ? -2.277  3.763   9.018   1.00 18.65 ? 134 ILE A CA  1 
ATOM   962  C C   . ILE A 1 133 ? -2.961  4.889   9.786   1.00 22.85 ? 134 ILE A C   1 
ATOM   963  O O   . ILE A 1 133 ? -4.027  5.383   9.379   1.00 21.49 ? 134 ILE A O   1 
ATOM   964  C CB  . ILE A 1 133 ? -2.414  2.451   9.807   1.00 20.14 ? 134 ILE A CB  1 
ATOM   965  C CG1 . ILE A 1 133 ? -1.936  1.286   8.926   1.00 19.48 ? 134 ILE A CG1 1 
ATOM   966  C CG2 . ILE A 1 133 ? -3.877  2.242   10.289  1.00 18.75 ? 134 ILE A CG2 1 
ATOM   967  C CD1 . ILE A 1 133 ? -2.060  -0.078  9.572   1.00 19.35 ? 134 ILE A CD1 1 
ATOM   968  N N   . ALA A 1 134 ? -2.280  5.372   10.824  1.00 23.39 ? 135 ALA A N   1 
ATOM   969  C CA  . ALA A 1 134 ? -2.824  6.435   11.667  1.00 23.56 ? 135 ALA A CA  1 
ATOM   970  C C   . ALA A 1 134 ? -2.894  7.751   10.897  1.00 22.44 ? 135 ALA A C   1 
ATOM   971  O O   . ALA A 1 134 ? -3.738  8.588   11.180  1.00 25.18 ? 135 ALA A O   1 
ATOM   972  C CB  . ALA A 1 134 ? -1.973  6.599   12.925  1.00 24.01 ? 135 ALA A CB  1 
ATOM   973  N N   . LEU A 1 135 ? -2.053  7.902   9.880   1.00 23.80 ? 136 LEU A N   1 
ATOM   974  C CA  . LEU A 1 135 ? -2.097  9.070   8.994   1.00 23.74 ? 136 LEU A CA  1 
ATOM   975  C C   . LEU A 1 135 ? -3.322  9.048   8.084   1.00 24.08 ? 136 LEU A C   1 
ATOM   976  O O   . LEU A 1 135 ? -4.060  10.038  7.964   1.00 22.99 ? 136 LEU A O   1 
ATOM   977  C CB  . LEU A 1 135 ? -0.859  9.089   8.111   1.00 26.57 ? 136 LEU A CB  1 
ATOM   978  C CG  . LEU A 1 135 ? 0.068   10.282  8.116   1.00 28.64 ? 136 LEU A CG  1 
ATOM   979  C CD1 . LEU A 1 135 ? 1.067   10.069  7.010   1.00 28.04 ? 136 LEU A CD1 1 
ATOM   980  C CD2 . LEU A 1 135 ? -0.711  11.555  7.895   1.00 29.30 ? 136 LEU A CD2 1 
ATOM   981  N N   . TRP A 1 136 ? -3.472  7.949   7.354   1.00 22.62 ? 137 TRP A N   1 
ATOM   982  C CA  . TRP A 1 136 ? -4.423  7.907   6.243   1.00 19.99 ? 137 TRP A CA  1 
ATOM   983  C C   . TRP A 1 136 ? -5.826  7.545   6.695   1.00 19.72 ? 137 TRP A C   1 
ATOM   984  O O   . TRP A 1 136 ? -6.804  7.858   6.020   1.00 20.35 ? 137 TRP A O   1 
ATOM   985  C CB  . TRP A 1 136 ? -3.944  6.909   5.189   1.00 16.46 ? 137 TRP A CB  1 
ATOM   986  C CG  . TRP A 1 136 ? -2.787  7.386   4.387   1.00 16.50 ? 137 TRP A CG  1 
ATOM   987  C CD1 . TRP A 1 136 ? -1.474  7.400   4.767   1.00 18.36 ? 137 TRP A CD1 1 
ATOM   988  C CD2 . TRP A 1 136 ? -2.810  7.802   3.027   1.00 16.02 ? 137 TRP A CD2 1 
ATOM   989  N NE1 . TRP A 1 136 ? -0.684  7.816   3.736   1.00 17.80 ? 137 TRP A NE1 1 
ATOM   990  C CE2 . TRP A 1 136 ? -1.478  8.060   2.648   1.00 17.53 ? 137 TRP A CE2 1 
ATOM   991  C CE3 . TRP A 1 136 ? -3.821  7.946   2.073   1.00 17.46 ? 137 TRP A CE3 1 
ATOM   992  C CZ2 . TRP A 1 136 ? -1.131  8.457   1.353   1.00 19.28 ? 137 TRP A CZ2 1 
ATOM   993  C CZ3 . TRP A 1 136 ? -3.477  8.331   0.789   1.00 17.45 ? 137 TRP A CZ3 1 
ATOM   994  C CH2 . TRP A 1 136 ? -2.142  8.582   0.438   1.00 20.25 ? 137 TRP A CH2 1 
ATOM   995  N N   . PHE A 1 137 ? -5.935  6.869   7.828   1.00 18.49 ? 138 PHE A N   1 
ATOM   996  C CA  . PHE A 1 137 ? -7.236  6.428   8.278   1.00 21.66 ? 138 PHE A CA  1 
ATOM   997  C C   . PHE A 1 137 ? -7.608  6.976   9.631   1.00 24.97 ? 138 PHE A C   1 
ATOM   998  O O   . PHE A 1 137 ? -6.824  6.944   10.547  1.00 27.90 ? 138 PHE A O   1 
ATOM   999  C CB  . PHE A 1 137 ? -7.276  4.907   8.337   1.00 20.83 ? 138 PHE A CB  1 
ATOM   1000 C CG  . PHE A 1 137 ? -7.435  4.254   7.005   1.00 19.92 ? 138 PHE A CG  1 
ATOM   1001 C CD1 . PHE A 1 137 ? -6.315  3.923   6.240   1.00 19.36 ? 138 PHE A CD1 1 
ATOM   1002 C CD2 . PHE A 1 137 ? -8.703  3.993   6.497   1.00 21.18 ? 138 PHE A CD2 1 
ATOM   1003 C CE1 . PHE A 1 137 ? -6.457  3.339   5.000   1.00 15.33 ? 138 PHE A CE1 1 
ATOM   1004 C CE2 . PHE A 1 137 ? -8.851  3.420   5.264   1.00 18.08 ? 138 PHE A CE2 1 
ATOM   1005 C CZ  . PHE A 1 137 ? -7.726  3.094   4.511   1.00 16.73 ? 138 PHE A CZ  1 
ATOM   1006 N N   . LYS A 1 138 ? -8.863  7.338   9.800   1.00 27.87 ? 139 LYS A N   1 
ATOM   1007 C CA  . LYS A 1 138 ? -9.446  7.404   11.133  1.00 30.48 ? 139 LYS A CA  1 
ATOM   1008 C C   . LYS A 1 138 ? -9.661  6.011   11.751  1.00 30.80 ? 139 LYS A C   1 
ATOM   1009 O O   . LYS A 1 138 ? -10.070 5.076   11.060  1.00 30.18 ? 139 LYS A O   1 
ATOM   1010 C CB  . LYS A 1 138 ? -10.775 8.158   11.055  1.00 35.85 ? 139 LYS A CB  1 
ATOM   1011 C CG  . LYS A 1 138 ? -10.669 9.549   10.403  1.00 42.82 ? 139 LYS A CG  1 
ATOM   1012 C CD  . LYS A 1 138 ? -11.888 10.417  10.745  1.00 49.56 ? 139 LYS A CD  1 
ATOM   1013 C CE  . LYS A 1 138 ? -11.530 11.915  10.869  1.00 54.34 ? 139 LYS A CE  1 
ATOM   1014 N NZ  . LYS A 1 138 ? -12.576 12.758  11.578  1.00 57.21 ? 139 LYS A NZ  1 
ATOM   1015 N N   . PRO A 1 139 ? -9.546  5.897   13.091  1.00 30.86 ? 140 PRO A N   1 
ATOM   1016 C CA  . PRO A 1 139 ? -9.807  4.639   13.804  1.00 30.22 ? 140 PRO A CA  1 
ATOM   1017 C C   . PRO A 1 139 ? -11.154 4.023   13.501  1.00 27.92 ? 140 PRO A C   1 
ATOM   1018 O O   . PRO A 1 139 ? -11.310 2.813   13.571  1.00 28.37 ? 140 PRO A O   1 
ATOM   1019 C CB  . PRO A 1 139 ? -9.710  5.037   15.283  1.00 31.56 ? 140 PRO A CB  1 
ATOM   1020 C CG  . PRO A 1 139 ? -8.737  6.126   15.289  1.00 32.69 ? 140 PRO A CG  1 
ATOM   1021 C CD  . PRO A 1 139 ? -9.060  6.930   14.026  1.00 34.36 ? 140 PRO A CD  1 
ATOM   1022 N N   . GLU A 1 140 ? -12.140 4.871   13.262  1.00 26.72 ? 141 GLU A N   1 
ATOM   1023 C CA  . GLU A 1 140 ? -13.490 4.413   12.973  1.00 29.35 ? 141 GLU A CA  1 
ATOM   1024 C C   . GLU A 1 140 ? -13.592 3.755   11.596  1.00 27.12 ? 141 GLU A C   1 
ATOM   1025 O O   . GLU A 1 140 ? -14.529 3.017   11.339  1.00 27.96 ? 141 GLU A O   1 
ATOM   1026 C CB  . GLU A 1 140 ? -14.467 5.585   13.034  1.00 34.19 ? 141 GLU A CB  1 
ATOM   1027 C CG  . GLU A 1 140 ? -14.191 6.560   14.140  1.00 43.58 ? 141 GLU A CG  1 
ATOM   1028 C CD  . GLU A 1 140 ? -13.659 7.870   13.625  1.00 47.00 ? 141 GLU A CD  1 
ATOM   1029 O OE1 . GLU A 1 140 ? -14.316 8.464   12.736  1.00 48.11 ? 141 GLU A OE1 1 
ATOM   1030 O OE2 . GLU A 1 140 ? -12.610 8.319   14.146  1.00 51.44 ? 141 GLU A OE2 1 
ATOM   1031 N N   . GLU A 1 141 ? -12.643 4.062   10.714  1.00 24.23 ? 142 GLU A N   1 
ATOM   1032 C CA  . GLU A 1 141 ? -12.603 3.516   9.359   1.00 23.25 ? 142 GLU A CA  1 
ATOM   1033 C C   . GLU A 1 141 ? -11.963 2.119   9.298   1.00 21.88 ? 142 GLU A C   1 
ATOM   1034 O O   . GLU A 1 141 ? -11.816 1.528   8.231   1.00 22.96 ? 142 GLU A O   1 
ATOM   1035 C CB  . GLU A 1 141 ? -11.837 4.477   8.456   1.00 20.98 ? 142 GLU A CB  1 
ATOM   1036 C CG  . GLU A 1 141 ? -12.442 5.841   8.388   1.00 20.84 ? 142 GLU A CG  1 
ATOM   1037 C CD  . GLU A 1 141 ? -11.601 6.797   7.608   1.00 22.90 ? 142 GLU A CD  1 
ATOM   1038 O OE1 . GLU A 1 141 ? -10.384 6.827   7.794   1.00 28.56 ? 142 GLU A OE1 1 
ATOM   1039 O OE2 . GLU A 1 141 ? -12.142 7.549   6.803   1.00 30.23 ? 142 GLU A OE2 1 
ATOM   1040 N N   . LEU A 1 142 ? -11.543 1.604   10.442  1.00 21.30 ? 143 LEU A N   1 
ATOM   1041 C CA  . LEU A 1 142 ? -10.855 0.334   10.483  1.00 21.44 ? 143 LEU A CA  1 
ATOM   1042 C C   . LEU A 1 142 ? -11.666 -0.684  11.262  1.00 21.33 ? 143 LEU A C   1 
ATOM   1043 O O   . LEU A 1 142 ? -12.339 -0.339  12.219  1.00 23.31 ? 143 LEU A O   1 
ATOM   1044 C CB  . LEU A 1 142 ? -9.468  0.517   11.104  1.00 21.03 ? 143 LEU A CB  1 
ATOM   1045 C CG  . LEU A 1 142 ? -8.586  1.543   10.403  1.00 24.49 ? 143 LEU A CG  1 
ATOM   1046 C CD1 . LEU A 1 142 ? -7.463  2.058   11.303  1.00 25.50 ? 143 LEU A CD1 1 
ATOM   1047 C CD2 . LEU A 1 142 ? -8.021  0.887   9.178   1.00 23.94 ? 143 LEU A CD2 1 
ATOM   1048 N N   . LEU A 1 143 ? -11.753 -1.901  10.737  1.00 23.36 ? 144 LEU A N   1 
ATOM   1049 C CA  . LEU A 1 143 ? -12.455 -2.979  11.407  1.00 24.23 ? 144 LEU A CA  1 
ATOM   1050 C C   . LEU A 1 143 ? -11.746 -3.237  12.688  1.00 29.35 ? 144 LEU A C   1 
ATOM   1051 O O   . LEU A 1 143 ? -10.518 -3.178  12.763  1.00 27.42 ? 144 LEU A O   1 
ATOM   1052 C CB  . LEU A 1 143 ? -12.423 -4.255  10.593  1.00 22.41 ? 144 LEU A CB  1 
ATOM   1053 C CG  . LEU A 1 143 ? -13.180 -4.220  9.271   1.00 22.84 ? 144 LEU A CG  1 
ATOM   1054 C CD1 . LEU A 1 143 ? -13.097 -5.609  8.639   1.00 21.12 ? 144 LEU A CD1 1 
ATOM   1055 C CD2 . LEU A 1 143 ? -14.645 -3.775  9.475   1.00 23.73 ? 144 LEU A CD2 1 
ATOM   1056 N N   . THR A 1 144 ? -12.518 -3.448  13.733  1.00 35.19 ? 145 THR A N   1 
ATOM   1057 C CA  . THR A 1 144 ? -11.917 -3.657  15.033  1.00 43.74 ? 145 THR A CA  1 
ATOM   1058 C C   . THR A 1 144 ? -11.786 -5.151  15.262  1.00 47.78 ? 145 THR A C   1 
ATOM   1059 O O   . THR A 1 144 ? -10.696 -5.662  15.568  1.00 48.40 ? 145 THR A O   1 
ATOM   1060 C CB  . THR A 1 144 ? -12.769 -3.014  16.138  1.00 44.79 ? 145 THR A CB  1 
ATOM   1061 O OG1 . THR A 1 144 ? -13.054 -1.650  15.781  1.00 47.01 ? 145 THR A OG1 1 
ATOM   1062 C CG2 . THR A 1 144 ? -12.018 -3.032  17.462  1.00 48.47 ? 145 THR A CG2 1 
ATOM   1063 N N   . GLU A 1 145 ? -12.850 -5.863  14.925  1.00 52.13 ? 146 GLU A N   1 
ATOM   1064 C CA  . GLU A 1 145 ? -12.824 -7.309  15.019  1.00 58.26 ? 146 GLU A CA  1 
ATOM   1065 C C   . GLU A 1 145 ? -12.592 -7.880  13.624  1.00 56.78 ? 146 GLU A C   1 
ATOM   1066 O O   . GLU A 1 145 ? -13.297 -7.512  12.684  1.00 56.24 ? 146 GLU A O   1 
ATOM   1067 C CB  . GLU A 1 145 ? -14.137 -7.844  15.621  1.00 66.10 ? 146 GLU A CB  1 
ATOM   1068 C CG  . GLU A 1 145 ? -15.403 -7.103  15.171  1.00 77.98 ? 146 GLU A CG  1 
ATOM   1069 C CD  . GLU A 1 145 ? -16.035 -7.681  13.895  1.00 85.44 ? 146 GLU A CD  1 
ATOM   1070 O OE1 . GLU A 1 145 ? -16.308 -8.914  13.870  1.00 89.56 ? 146 GLU A OE1 1 
ATOM   1071 O OE2 . GLU A 1 145 ? -16.269 -6.896  12.928  1.00 88.86 ? 146 GLU A OE2 1 
ATOM   1072 N N   . VAL A 1 146 ? -11.484 -8.609  13.455  1.00 54.95 ? 147 VAL A N   1 
ATOM   1073 C CA  . VAL A 1 146 ? -11.271 -9.262  12.178  1.00 54.09 ? 147 VAL A CA  1 
ATOM   1074 C C   . VAL A 1 146 ? -11.329 -10.784 12.312  1.00 55.64 ? 147 VAL A C   1 
ATOM   1075 O O   . VAL A 1 146 ? -10.695 -11.379 13.212  1.00 56.25 ? 147 VAL A O   1 
ATOM   1076 C CB  . VAL A 1 146 ? -9.970  -8.806  11.483  1.00 51.82 ? 147 VAL A CB  1 
ATOM   1077 C CG1 . VAL A 1 146 ? -9.262  -9.992  10.832  1.00 50.00 ? 147 VAL A CG1 1 
ATOM   1078 C CG2 . VAL A 1 146 ? -10.334 -7.795  10.412  1.00 51.31 ? 147 VAL A CG2 1 
ATOM   1079 N N   . LYS A 1 147 ? -12.115 -11.392 11.425  1.00 57.35 ? 148 LYS A N   1 
ATOM   1080 C CA  . LYS A 1 147 ? -12.122 -12.836 11.285  1.00 58.11 ? 148 LYS A CA  1 
ATOM   1081 C C   . LYS A 1 147 ? -11.569 -13.251 9.926   1.00 57.47 ? 148 LYS A C   1 
ATOM   1082 O O   . LYS A 1 147 ? -12.095 -12.862 8.875   1.00 58.18 ? 148 LYS A O   1 
ATOM   1083 C CB  . LYS A 1 147 ? -13.545 -13.384 11.488  1.00 60.02 ? 148 LYS A CB  1 
ATOM   1084 C CG  . LYS A 1 147 ? -14.103 -13.152 12.894  1.00 62.44 ? 148 LYS A CG  1 
ATOM   1085 C CD  . LYS A 1 147 ? -13.699 -14.266 13.869  1.00 65.98 ? 148 LYS A CD  1 
ATOM   1086 C CE  . LYS A 1 147 ? -12.245 -14.711 13.724  1.00 67.64 ? 148 LYS A CE  1 
ATOM   1087 N NZ  . LYS A 1 147 ? -11.518 -14.395 14.963  1.00 72.48 ? 148 LYS A NZ  1 
ATOM   1088 N N   . PRO A 1 148 ? -10.393 -13.884 9.930   1.00 55.63 ? 149 PRO A N   1 
ATOM   1089 C CA  . PRO A 1 148 ? -9.942  -14.573 8.722   1.00 53.79 ? 149 PRO A CA  1 
ATOM   1090 C C   . PRO A 1 148 ? -10.607 -15.963 8.496   1.00 51.61 ? 149 PRO A C   1 
ATOM   1091 O O   . PRO A 1 148 ? -11.318 -16.498 9.376   1.00 50.97 ? 149 PRO A O   1 
ATOM   1092 C CB  . PRO A 1 148 ? -8.432  -14.649 8.915   1.00 54.00 ? 149 PRO A CB  1 
ATOM   1093 C CG  . PRO A 1 148 ? -8.265  -14.761 10.395  1.00 55.65 ? 149 PRO A CG  1 
ATOM   1094 C CD  . PRO A 1 148 ? -9.334  -13.844 10.964  1.00 56.21 ? 149 PRO A CD  1 
ATOM   1095 N N   . ASN A 1 149 ? -10.458 -16.475 7.272   1.00 47.84 ? 150 ASN A N   1 
ATOM   1096 C CA  . ASN A 1 149 ? -10.792 -17.861 6.947   1.00 43.41 ? 150 ASN A CA  1 
ATOM   1097 C C   . ASN A 1 149 ? -10.098 -18.770 7.951   1.00 39.85 ? 150 ASN A C   1 
ATOM   1098 O O   . ASN A 1 149 ? -9.025  -18.449 8.434   1.00 38.67 ? 150 ASN A O   1 
ATOM   1099 C CB  . ASN A 1 149 ? -10.342 -18.183 5.512   1.00 44.43 ? 150 ASN A CB  1 
ATOM   1100 C CG  . ASN A 1 149 ? -10.733 -19.579 5.065   1.00 44.26 ? 150 ASN A CG  1 
ATOM   1101 O OD1 . ASN A 1 149 ? -10.260 -20.556 5.626   1.00 46.97 ? 150 ASN A OD1 1 
ATOM   1102 N ND2 . ASN A 1 149 ? -11.521 -19.680 4.002   1.00 43.27 ? 150 ASN A ND2 1 
ATOM   1103 N N   . PRO A 1 150 ? -10.825 -19.771 8.468   1.00 39.39 ? 151 PRO A N   1 
ATOM   1104 C CA  . PRO A 1 150 ? -10.318 -20.600 9.578   1.00 37.14 ? 151 PRO A CA  1 
ATOM   1105 C C   . PRO A 1 150 ? -9.260  -21.592 9.095   1.00 34.04 ? 151 PRO A C   1 
ATOM   1106 O O   . PRO A 1 150 ? -8.609  -22.293 9.879   1.00 35.31 ? 151 PRO A O   1 
ATOM   1107 C CB  . PRO A 1 150 ? -11.566 -21.318 10.068  1.00 39.02 ? 151 PRO A CB  1 
ATOM   1108 C CG  . PRO A 1 150 ? -12.466 -21.374 8.809   1.00 39.59 ? 151 PRO A CG  1 
ATOM   1109 C CD  . PRO A 1 150 ? -12.259 -20.024 8.207   1.00 39.53 ? 151 PRO A CD  1 
ATOM   1110 N N   . ASN A 1 151 ? -9.110  -21.631 7.784   1.00 27.36 ? 152 ASN A N   1 
ATOM   1111 C CA  . ASN A 1 151 ? -8.273  -22.581 7.121   1.00 22.06 ? 152 ASN A CA  1 
ATOM   1112 C C   . ASN A 1 151 ? -6.944  -21.968 6.810   1.00 19.53 ? 152 ASN A C   1 
ATOM   1113 O O   . ASN A 1 151 ? -6.093  -22.597 6.186   1.00 20.99 ? 152 ASN A O   1 
ATOM   1114 C CB  . ASN A 1 151 ? -8.955  -22.999 5.837   1.00 23.44 ? 152 ASN A CB  1 
ATOM   1115 C CG  . ASN A 1 151 ? -10.322 -23.579 6.084   1.00 22.55 ? 152 ASN A CG  1 
ATOM   1116 O OD1 . ASN A 1 151 ? -10.452 -24.628 6.693   1.00 23.81 ? 152 ASN A OD1 1 
ATOM   1117 N ND2 . ASN A 1 151 ? -11.344 -22.896 5.635   1.00 23.97 ? 152 ASN A ND2 1 
ATOM   1118 N N   . LEU A 1 152 ? -6.790  -20.714 7.214   1.00 18.82 ? 153 LEU A N   1 
ATOM   1119 C CA  . LEU A 1 152 ? -5.541  -19.971 7.043   1.00 17.97 ? 153 LEU A CA  1 
ATOM   1120 C C   . LEU A 1 152 ? -4.555  -20.106 8.170   1.00 16.45 ? 153 LEU A C   1 
ATOM   1121 O O   . LEU A 1 152 ? -3.355  -19.979 7.959   1.00 16.60 ? 153 LEU A O   1 
ATOM   1122 C CB  . LEU A 1 152 ? -5.821  -18.503 6.894   1.00 21.29 ? 153 LEU A CB  1 
ATOM   1123 C CG  . LEU A 1 152 ? -6.326  -18.063 5.550   1.00 25.01 ? 153 LEU A CG  1 
ATOM   1124 C CD1 . LEU A 1 152 ? -6.637  -16.592 5.714   1.00 31.64 ? 153 LEU A CD1 1 
ATOM   1125 C CD2 . LEU A 1 152 ? -5.279  -18.286 4.477   1.00 26.90 ? 153 LEU A CD2 1 
ATOM   1126 N N   . TYR A 1 153 ? -5.066  -20.182 9.390   1.00 16.79 ? 154 TYR A N   1 
ATOM   1127 C CA  . TYR A 1 153 ? -4.200  -20.148 10.556  1.00 20.61 ? 154 TYR A CA  1 
ATOM   1128 C C   . TYR A 1 153 ? -4.343  -21.383 11.428  1.00 23.87 ? 154 TYR A C   1 
ATOM   1129 O O   . TYR A 1 153 ? -5.434  -21.927 11.613  1.00 23.58 ? 154 TYR A O   1 
ATOM   1130 C CB  . TYR A 1 153 ? -4.460  -18.889 11.394  1.00 19.69 ? 154 TYR A CB  1 
ATOM   1131 C CG  . TYR A 1 153 ? -4.005  -17.612 10.733  1.00 17.48 ? 154 TYR A CG  1 
ATOM   1132 C CD1 . TYR A 1 153 ? -2.651  -17.322 10.585  1.00 17.91 ? 154 TYR A CD1 1 
ATOM   1133 C CD2 . TYR A 1 153 ? -4.932  -16.710 10.214  1.00 19.71 ? 154 TYR A CD2 1 
ATOM   1134 C CE1 . TYR A 1 153 ? -2.235  -16.156 9.939   1.00 18.23 ? 154 TYR A CE1 1 
ATOM   1135 C CE2 . TYR A 1 153 ? -4.527  -15.550 9.568   1.00 18.65 ? 154 TYR A CE2 1 
ATOM   1136 C CZ  . TYR A 1 153 ? -3.188  -15.280 9.447   1.00 18.66 ? 154 TYR A CZ  1 
ATOM   1137 O OH  . TYR A 1 153 ? -2.827  -14.067 8.936   1.00 20.15 ? 154 TYR A OH  1 
ATOM   1138 N N   . GLU A 1 154 ? -3.199  -21.857 11.888  1.00 28.27 ? 155 GLU A N   1 
ATOM   1139 C CA  . GLU A 1 154 ? -3.137  -22.964 12.811  1.00 32.10 ? 155 GLU A CA  1 
ATOM   1140 C C   . GLU A 1 154 ? -3.251  -22.473 14.277  1.00 32.61 ? 155 GLU A C   1 
ATOM   1141 O O   . GLU A 1 154 ? -4.066  -23.054 15.017  1.00 34.38 ? 155 GLU A O   1 
ATOM   1142 C CB  . GLU A 1 154 ? -1.840  -23.720 12.554  1.00 33.05 ? 155 GLU A CB  1 
ATOM   1143 C CG  . GLU A 1 154 ? -1.138  -24.137 13.786  1.00 40.19 ? 155 GLU A CG  1 
ATOM   1144 C CD  . GLU A 1 154 ? -0.310  -25.337 13.548  1.00 41.42 ? 155 GLU A CD  1 
ATOM   1145 O OE1 . GLU A 1 154 ? -0.901  -26.447 13.535  1.00 44.79 ? 155 GLU A OE1 1 
ATOM   1146 O OE2 . GLU A 1 154 ? 0.906   -25.153 13.298  1.00 44.93 ? 155 GLU A OE2 1 
ATOM   1147 O OXT . GLU A 1 154 ? -2.651  -21.432 14.635  1.00 34.71 ? 155 GLU A OXT 1 
HETATM 1148 O O   . HOH B 2 .   ? 4.008   -3.673  3.555   1.00 14.67 ? 200 HOH A O   1 
HETATM 1149 O O   . HOH B 2 .   ? 2.078   2.570   -13.648 1.00 19.37 ? 201 HOH A O   1 
HETATM 1150 O O   . HOH B 2 .   ? -1.800  -13.816 -4.112  1.00 14.42 ? 202 HOH A O   1 
HETATM 1151 O O   . HOH B 2 .   ? 9.373   -8.828  -14.390 1.00 14.72 ? 203 HOH A O   1 
HETATM 1152 O O   . HOH B 2 .   ? -10.903 6.046   -9.906  1.00 18.38 ? 204 HOH A O   1 
HETATM 1153 O O   . HOH B 2 .   ? 10.855  -8.677  -7.005  1.00 16.96 ? 205 HOH A O   1 
HETATM 1154 O O   . HOH B 2 .   ? -12.351 1.799   5.504   1.00 17.81 ? 206 HOH A O   1 
HETATM 1155 O O   . HOH B 2 .   ? 1.684   -10.345 -6.020  1.00 14.70 ? 207 HOH A O   1 
HETATM 1156 O O   . HOH B 2 .   ? -5.066  -12.918 7.687   1.00 32.07 ? 208 HOH A O   1 
HETATM 1157 O O   . HOH B 2 .   ? 9.201   -9.926  -4.949  1.00 20.46 ? 209 HOH A O   1 
HETATM 1158 O O   . HOH B 2 .   ? 5.591   1.945   -14.991 1.00 13.45 ? 210 HOH A O   1 
HETATM 1159 O O   . HOH B 2 .   ? 7.932   -13.466 -7.911  1.00 19.21 ? 211 HOH A O   1 
HETATM 1160 O O   . HOH B 2 .   ? 1.360   -2.996  12.099  1.00 24.04 ? 212 HOH A O   1 
HETATM 1161 O O   . HOH B 2 .   ? 6.289   -8.256  8.648   1.00 19.59 ? 213 HOH A O   1 
HETATM 1162 O O   . HOH B 2 .   ? 0.727   9.266   11.979  1.00 29.95 ? 214 HOH A O   1 
HETATM 1163 O O   . HOH B 2 .   ? -4.239  -0.248  13.225  1.00 32.31 ? 215 HOH A O   1 
HETATM 1164 O O   . HOH B 2 .   ? -9.277  1.944   -11.523 1.00 17.96 ? 216 HOH A O   1 
HETATM 1165 O O   . HOH B 2 .   ? -9.339  -18.586 1.497   1.00 29.61 ? 217 HOH A O   1 
HETATM 1166 O O   . HOH B 2 .   ? -10.898 -11.053 -4.935  1.00 11.64 ? 218 HOH A O   1 
HETATM 1167 O O   . HOH B 2 .   ? 12.528  1.691   -14.105 1.00 24.99 ? 219 HOH A O   1 
HETATM 1168 O O   . HOH B 2 .   ? 0.829   -13.008 -5.080  1.00 20.20 ? 220 HOH A O   1 
HETATM 1169 O O   . HOH B 2 .   ? -9.096  -1.394  14.747  1.00 54.88 ? 221 HOH A O   1 
HETATM 1170 O O   . HOH B 2 .   ? 10.912  -6.730  -15.514 1.00 17.66 ? 222 HOH A O   1 
HETATM 1171 O O   . HOH B 2 .   ? -13.398 -0.911  7.362   1.00 22.86 ? 223 HOH A O   1 
HETATM 1172 O O   . HOH B 2 .   ? 7.766   9.008   5.413   1.00 31.22 ? 224 HOH A O   1 
HETATM 1173 O O   . HOH B 2 .   ? 8.884   -4.356  10.905  1.00 31.29 ? 225 HOH A O   1 
HETATM 1174 O O   . HOH B 2 .   ? 4.062   9.627   -5.253  1.00 30.73 ? 226 HOH A O   1 
HETATM 1175 O O   . HOH B 2 .   ? 9.600   -8.506  2.342   1.00 29.07 ? 227 HOH A O   1 
HETATM 1176 O O   . HOH B 2 .   ? -2.832  -14.345 -6.903  1.00 30.25 ? 228 HOH A O   1 
HETATM 1177 O O   . HOH B 2 .   ? -11.338 3.837   -11.791 1.00 24.50 ? 229 HOH A O   1 
HETATM 1178 O O   . HOH B 2 .   ? 5.760   6.500   3.282   1.00 26.80 ? 230 HOH A O   1 
HETATM 1179 O O   . HOH B 2 .   ? 6.788   3.051   4.754   1.00 21.11 ? 231 HOH A O   1 
HETATM 1180 O O   . HOH B 2 .   ? 6.235   -12.054 6.332   1.00 20.68 ? 232 HOH A O   1 
HETATM 1181 O O   . HOH B 2 .   ? -0.872  17.895  -8.285  1.00 49.84 ? 233 HOH A O   1 
HETATM 1182 O O   . HOH B 2 .   ? 0.486   -13.392 -8.222  1.00 35.72 ? 234 HOH A O   1 
HETATM 1183 O O   . HOH B 2 .   ? 7.531   -12.297 3.954   1.00 23.65 ? 235 HOH A O   1 
HETATM 1184 O O   . HOH B 2 .   ? -8.361  -26.137 7.706   1.00 40.92 ? 236 HOH A O   1 
HETATM 1185 O O   . HOH B 2 .   ? 1.113   -13.162 -12.531 1.00 34.16 ? 237 HOH A O   1 
HETATM 1186 O O   . HOH B 2 .   ? -4.946  17.167  -3.683  1.00 35.11 ? 238 HOH A O   1 
HETATM 1187 O O   . HOH B 2 .   ? 9.328   2.970   -3.981  1.00 59.24 ? 239 HOH A O   1 
HETATM 1188 O O   . HOH B 2 .   ? 12.995  13.448  7.324   1.00 39.69 ? 240 HOH A O   1 
HETATM 1189 O O   . HOH B 2 .   ? -13.140 4.337   5.016   1.00 31.22 ? 241 HOH A O   1 
HETATM 1190 O O   . HOH B 2 .   ? -11.034 12.458  -1.771  1.00 53.71 ? 242 HOH A O   1 
HETATM 1191 O O   . HOH B 2 .   ? -2.081  10.989  -12.296 1.00 36.64 ? 243 HOH A O   1 
HETATM 1192 O O   . HOH B 2 .   ? -16.260 -10.946 7.396   1.00 45.95 ? 244 HOH A O   1 
HETATM 1193 O O   . HOH B 2 .   ? -5.234  8.255   -10.636 1.00 33.76 ? 245 HOH A O   1 
HETATM 1194 O O   . HOH B 2 .   ? -5.819  4.813   12.800  1.00 36.85 ? 246 HOH A O   1 
HETATM 1195 O O   . HOH B 2 .   ? -7.635  -19.333 10.366  1.00 43.75 ? 247 HOH A O   1 
HETATM 1196 O O   . HOH B 2 .   ? 15.236  12.978  3.948   1.00 33.06 ? 248 HOH A O   1 
HETATM 1197 O O   . HOH B 2 .   ? 15.028  15.417  9.788   1.00 21.59 ? 249 HOH A O   1 
HETATM 1198 O O   . HOH B 2 .   ? -1.880  -3.011  -17.311 1.00 33.89 ? 250 HOH A O   1 
HETATM 1199 O O   . HOH B 2 .   ? -3.173  -10.273 -14.130 1.00 49.40 ? 251 HOH A O   1 
HETATM 1200 O O   . HOH B 2 .   ? 3.799   5.698   -8.713  1.00 19.73 ? 252 HOH A O   1 
HETATM 1201 O O   . HOH B 2 .   ? -6.360  -12.250 9.704   1.00 44.76 ? 253 HOH A O   1 
HETATM 1202 O O   . HOH B 2 .   ? 5.198   3.734   14.611  1.00 34.06 ? 254 HOH A O   1 
HETATM 1203 O O   . HOH B 2 .   ? 10.805  12.423  -7.956  1.00 42.02 ? 255 HOH A O   1 
HETATM 1204 O O   . HOH B 2 .   ? 10.283  -6.860  -2.171  1.00 35.98 ? 256 HOH A O   1 
HETATM 1205 O O   . HOH B 2 .   ? 6.253   6.212   7.071   1.00 30.94 ? 257 HOH A O   1 
HETATM 1206 O O   . HOH B 2 .   ? 9.862   -11.357 3.106   1.00 42.06 ? 258 HOH A O   1 
HETATM 1207 O O   . HOH B 2 .   ? 8.264   6.029   -7.136  1.00 32.36 ? 259 HOH A O   1 
HETATM 1208 O O   . HOH B 2 .   ? 10.971  2.438   7.965   1.00 58.34 ? 260 HOH A O   1 
HETATM 1209 O O   . HOH B 2 .   ? 14.013  -9.374  -7.216  1.00 60.64 ? 261 HOH A O   1 
HETATM 1210 O O   . HOH B 2 .   ? 10.349  -12.568 -5.578  1.00 52.23 ? 262 HOH A O   1 
HETATM 1211 O O   . HOH B 2 .   ? -0.502  -10.994 -13.894 1.00 44.55 ? 263 HOH A O   1 
HETATM 1212 O O   . HOH B 2 .   ? 5.906   5.524   -3.124  1.00 40.65 ? 264 HOH A O   1 
HETATM 1213 O O   . HOH B 2 .   ? 3.197   19.250  5.475   1.00 34.94 ? 265 HOH A O   1 
HETATM 1214 O O   . HOH B 2 .   ? 11.333  7.269   -13.027 1.00 33.79 ? 266 HOH A O   1 
HETATM 1215 O O   . HOH B 2 .   ? 5.997   19.069  -1.630  1.00 47.87 ? 267 HOH A O   1 
HETATM 1216 O O   . HOH B 2 .   ? -13.051 9.259   0.519   1.00 38.33 ? 268 HOH A O   1 
HETATM 1217 O O   . HOH B 2 .   ? -5.059  -6.868  -14.990 1.00 68.20 ? 269 HOH A O   1 
HETATM 1218 O O   . HOH B 2 .   ? -1.962  -12.757 -12.174 1.00 41.22 ? 270 HOH A O   1 
HETATM 1219 O O   . HOH B 2 .   ? 10.680  5.844   -2.676  1.00 58.91 ? 271 HOH A O   1 
HETATM 1220 O O   . HOH B 2 .   ? 17.098  -1.620  -14.119 1.00 64.52 ? 272 HOH A O   1 
HETATM 1221 O O   . HOH B 2 .   ? 15.481  0.392   -14.864 1.00 60.07 ? 273 HOH A O   1 
HETATM 1222 O O   . HOH B 2 .   ? 3.875   -7.430  14.380  1.00 50.43 ? 274 HOH A O   1 
HETATM 1223 O O   . HOH B 2 .   ? -9.734  10.598  4.048   1.00 63.00 ? 275 HOH A O   1 
HETATM 1224 O O   . HOH B 2 .   ? -7.916  -8.846  -12.286 1.00 47.77 ? 276 HOH A O   1 
HETATM 1225 O O   . HOH B 2 .   ? 9.147   -2.997  -2.316  1.00 76.40 ? 277 HOH A O   1 
HETATM 1226 O O   . HOH B 2 .   ? 3.349   -10.926 12.392  1.00 23.29 ? 278 HOH A O   1 
HETATM 1227 O O   . HOH B 2 .   ? 12.009  0.610   12.180  1.00 52.66 ? 279 HOH A O   1 
HETATM 1228 O O   . HOH B 2 .   ? 8.047   6.484   1.630   1.00 49.49 ? 280 HOH A O   1 
HETATM 1229 O O   . HOH B 2 .   ? -8.312  1.789   -17.377 1.00 46.52 ? 281 HOH A O   1 
HETATM 1230 O O   . HOH B 2 .   ? -10.306 -13.710 -5.964  1.00 54.24 ? 282 HOH A O   1 
HETATM 1231 O O   . HOH B 2 .   ? -2.260  2.461   13.714  1.00 48.77 ? 283 HOH A O   1 
HETATM 1232 O O   . HOH B 2 .   ? 11.079  -8.685  -3.691  1.00 52.34 ? 284 HOH A O   1 
HETATM 1233 O O   . HOH B 2 .   ? -6.110  19.745  -2.462  1.00 45.96 ? 285 HOH A O   1 
HETATM 1234 O O   . HOH B 2 .   ? -9.252  7.454   -11.940 1.00 40.31 ? 286 HOH A O   1 
HETATM 1235 O O   . HOH B 2 .   ? -9.136  -14.664 5.369   1.00 47.14 ? 287 HOH A O   1 
HETATM 1236 O O   . HOH B 2 .   ? -4.810  -12.162 -8.668  1.00 49.28 ? 288 HOH A O   1 
HETATM 1237 O O   . HOH B 2 .   ? 6.950   16.428  5.724   1.00 38.72 ? 289 HOH A O   1 
HETATM 1238 O O   . HOH B 2 .   ? -8.623  -12.825 2.511   1.00 29.60 ? 290 HOH A O   1 
HETATM 1239 O O   . HOH B 2 .   ? -0.747  -19.289 13.819  1.00 51.71 ? 291 HOH A O   1 
HETATM 1240 O O   . HOH B 2 .   ? -3.626  19.892  -1.341  1.00 40.54 ? 292 HOH A O   1 
HETATM 1241 O O   . HOH B 2 .   ? 7.028   1.413   -0.969  1.00 62.20 ? 293 HOH A O   1 
HETATM 1242 O O   . HOH B 2 .   ? -10.016 1.219   15.177  1.00 42.93 ? 294 HOH A O   1 
# 
